data_2DKZ
#
_entry.id   2DKZ
#
_cell.length_a   1.000
_cell.length_b   1.000
_cell.length_c   1.000
_cell.angle_alpha   90.00
_cell.angle_beta   90.00
_cell.angle_gamma   90.00
#
_symmetry.space_group_name_H-M   'P 1'
#
_entity_poly.entity_id   1
_entity_poly.type   'polypeptide(L)'
_entity_poly.pdbx_seq_one_letter_code
;GSSGSSGPWQPPADLSGLSIEEVSKSLRFIGLSEDVISFFVTEKIDGNLLVQLTEEILSEDFKLSKLQVKKIMQFINGSG
PSSG
;
_entity_poly.pdbx_strand_id   A
#
# COMPACT_ATOMS: atom_id res chain seq x y z
N GLY A 1 -25.14 -8.76 -12.13
CA GLY A 1 -24.59 -10.09 -12.27
C GLY A 1 -24.98 -11.01 -11.13
N SER A 2 -25.70 -12.08 -11.46
CA SER A 2 -26.14 -13.04 -10.45
C SER A 2 -25.16 -14.19 -10.32
N SER A 3 -24.64 -14.40 -9.11
CA SER A 3 -23.68 -15.46 -8.85
C SER A 3 -22.40 -15.24 -9.65
N GLY A 4 -21.45 -16.16 -9.51
CA GLY A 4 -20.19 -16.05 -10.22
C GLY A 4 -19.20 -15.17 -9.50
N SER A 5 -18.07 -14.88 -10.16
CA SER A 5 -17.04 -14.04 -9.57
C SER A 5 -17.14 -12.61 -10.08
N SER A 6 -17.58 -11.71 -9.21
CA SER A 6 -17.72 -10.30 -9.57
C SER A 6 -17.61 -9.41 -8.35
N GLY A 7 -17.58 -8.09 -8.58
CA GLY A 7 -17.46 -7.15 -7.48
C GLY A 7 -16.03 -6.91 -7.08
N PRO A 8 -15.29 -6.14 -7.90
CA PRO A 8 -13.89 -5.82 -7.63
C PRO A 8 -13.72 -4.88 -6.46
N TRP A 9 -12.90 -5.29 -5.48
CA TRP A 9 -12.65 -4.48 -4.30
C TRP A 9 -11.43 -3.60 -4.48
N GLN A 10 -11.46 -2.40 -3.90
CA GLN A 10 -10.36 -1.47 -4.00
C GLN A 10 -10.23 -0.63 -2.73
N PRO A 11 -9.04 -0.04 -2.53
CA PRO A 11 -8.77 0.80 -1.36
C PRO A 11 -9.53 2.12 -1.40
N PRO A 12 -9.84 2.65 -0.21
CA PRO A 12 -10.58 3.92 -0.07
C PRO A 12 -9.74 5.12 -0.51
N ALA A 13 -10.27 6.31 -0.28
CA ALA A 13 -9.57 7.54 -0.65
C ALA A 13 -8.42 7.82 0.31
N ASP A 14 -8.64 7.57 1.59
CA ASP A 14 -7.62 7.79 2.60
C ASP A 14 -7.10 6.46 3.15
N LEU A 15 -5.79 6.38 3.33
CA LEU A 15 -5.17 5.16 3.85
C LEU A 15 -4.91 5.27 5.35
N SER A 16 -5.70 6.11 6.01
CA SER A 16 -5.56 6.31 7.45
C SER A 16 -6.72 5.68 8.21
N GLY A 17 -6.70 4.36 8.30
CA GLY A 17 -7.77 3.65 8.99
C GLY A 17 -7.80 2.17 8.65
N LEU A 18 -7.30 1.83 7.46
CA LEU A 18 -7.29 0.44 7.01
C LEU A 18 -6.64 -0.47 8.06
N SER A 19 -7.01 -1.74 8.04
CA SER A 19 -6.47 -2.71 8.98
C SER A 19 -5.30 -3.47 8.37
N ILE A 20 -4.56 -4.18 9.22
CA ILE A 20 -3.41 -4.94 8.77
C ILE A 20 -3.78 -5.86 7.60
N GLU A 21 -5.03 -6.31 7.59
CA GLU A 21 -5.51 -7.19 6.54
C GLU A 21 -5.77 -6.41 5.25
N GLU A 22 -6.49 -5.30 5.37
CA GLU A 22 -6.81 -4.47 4.22
C GLU A 22 -5.54 -4.06 3.48
N VAL A 23 -4.47 -3.88 4.22
CA VAL A 23 -3.19 -3.49 3.64
C VAL A 23 -2.71 -4.53 2.62
N SER A 24 -2.83 -5.80 2.99
CA SER A 24 -2.40 -6.89 2.12
C SER A 24 -3.03 -6.75 0.73
N LYS A 25 -4.24 -6.21 0.69
CA LYS A 25 -4.95 -6.03 -0.56
C LYS A 25 -4.66 -4.65 -1.15
N SER A 26 -4.33 -3.69 -0.29
CA SER A 26 -4.03 -2.33 -0.72
C SER A 26 -2.92 -2.33 -1.76
N LEU A 27 -1.87 -3.10 -1.50
CA LEU A 27 -0.73 -3.18 -2.42
C LEU A 27 -1.12 -3.93 -3.69
N ARG A 28 -2.07 -4.85 -3.57
CA ARG A 28 -2.53 -5.63 -4.71
C ARG A 28 -2.93 -4.72 -5.87
N PHE A 29 -3.44 -3.54 -5.53
CA PHE A 29 -3.86 -2.57 -6.55
C PHE A 29 -2.75 -2.33 -7.56
N ILE A 30 -1.57 -1.98 -7.06
CA ILE A 30 -0.42 -1.72 -7.92
C ILE A 30 0.23 -3.01 -8.38
N GLY A 31 0.11 -4.06 -7.56
CA GLY A 31 0.69 -5.34 -7.89
C GLY A 31 2.15 -5.45 -7.48
N LEU A 32 2.37 -5.84 -6.23
CA LEU A 32 3.73 -5.98 -5.70
C LEU A 32 4.07 -7.45 -5.49
N SER A 33 5.30 -7.70 -5.03
CA SER A 33 5.76 -9.06 -4.78
C SER A 33 5.05 -9.67 -3.59
N GLU A 34 4.83 -10.98 -3.63
CA GLU A 34 4.16 -11.67 -2.54
C GLU A 34 4.93 -11.52 -1.24
N ASP A 35 6.23 -11.31 -1.35
CA ASP A 35 7.09 -11.14 -0.18
C ASP A 35 6.89 -9.77 0.45
N VAL A 36 6.74 -8.75 -0.39
CA VAL A 36 6.54 -7.39 0.08
C VAL A 36 5.26 -7.28 0.90
N ILE A 37 4.16 -7.77 0.34
CA ILE A 37 2.88 -7.72 1.03
C ILE A 37 2.98 -8.33 2.43
N SER A 38 3.39 -9.59 2.49
CA SER A 38 3.53 -10.29 3.76
C SER A 38 4.49 -9.55 4.69
N PHE A 39 5.45 -8.86 4.08
CA PHE A 39 6.45 -8.12 4.85
C PHE A 39 5.79 -7.04 5.70
N PHE A 40 4.62 -6.57 5.25
CA PHE A 40 3.89 -5.54 5.97
C PHE A 40 2.97 -6.15 7.02
N VAL A 41 2.27 -7.22 6.63
CA VAL A 41 1.35 -7.90 7.54
C VAL A 41 2.11 -8.53 8.71
N THR A 42 3.32 -8.99 8.45
CA THR A 42 4.14 -9.61 9.47
C THR A 42 4.73 -8.57 10.42
N GLU A 43 4.85 -7.34 9.94
CA GLU A 43 5.40 -6.25 10.74
C GLU A 43 4.28 -5.45 11.38
N LYS A 44 3.11 -6.07 11.52
CA LYS A 44 1.95 -5.40 12.12
C LYS A 44 1.67 -4.08 11.43
N ILE A 45 2.02 -4.00 10.15
CA ILE A 45 1.80 -2.79 9.38
C ILE A 45 0.33 -2.67 8.94
N ASP A 46 -0.30 -1.56 9.32
CA ASP A 46 -1.69 -1.33 8.97
C ASP A 46 -1.85 -0.04 8.17
N GLY A 47 -3.09 0.38 7.97
CA GLY A 47 -3.35 1.60 7.23
C GLY A 47 -2.73 2.83 7.88
N ASN A 48 -3.03 3.03 9.16
CA ASN A 48 -2.50 4.16 9.89
C ASN A 48 -0.98 4.13 9.92
N LEU A 49 -0.41 2.93 9.83
CA LEU A 49 1.04 2.77 9.84
C LEU A 49 1.64 3.09 8.49
N LEU A 50 1.00 2.60 7.43
CA LEU A 50 1.47 2.84 6.07
C LEU A 50 1.61 4.34 5.80
N VAL A 51 0.56 5.09 6.09
CA VAL A 51 0.56 6.53 5.89
C VAL A 51 1.69 7.19 6.68
N GLN A 52 2.07 6.57 7.80
CA GLN A 52 3.12 7.10 8.64
C GLN A 52 4.50 6.77 8.06
N LEU A 53 4.58 5.67 7.33
CA LEU A 53 5.83 5.23 6.74
C LEU A 53 6.29 6.22 5.66
N THR A 54 7.60 6.46 5.61
CA THR A 54 8.16 7.39 4.64
C THR A 54 9.25 6.72 3.81
N GLU A 55 9.63 7.36 2.71
CA GLU A 55 10.67 6.82 1.83
C GLU A 55 11.95 6.54 2.61
N GLU A 56 12.22 7.37 3.61
CA GLU A 56 13.42 7.22 4.44
C GLU A 56 13.32 5.97 5.31
N ILE A 57 12.16 5.77 5.92
CA ILE A 57 11.93 4.62 6.78
C ILE A 57 11.82 3.34 5.96
N LEU A 58 11.39 3.48 4.71
CA LEU A 58 11.24 2.34 3.82
C LEU A 58 12.59 1.89 3.27
N SER A 59 13.53 2.82 3.20
CA SER A 59 14.86 2.53 2.69
C SER A 59 15.83 2.23 3.82
N GLU A 60 15.55 2.80 4.99
CA GLU A 60 16.39 2.60 6.16
C GLU A 60 16.02 1.31 6.90
N ASP A 61 14.77 1.25 7.37
CA ASP A 61 14.29 0.07 8.08
C ASP A 61 13.99 -1.07 7.10
N PHE A 62 12.90 -0.93 6.36
CA PHE A 62 12.49 -1.94 5.40
C PHE A 62 13.64 -2.29 4.46
N LYS A 63 14.38 -1.27 4.02
CA LYS A 63 15.51 -1.46 3.13
C LYS A 63 15.06 -2.13 1.82
N LEU A 64 13.81 -1.90 1.45
CA LEU A 64 13.26 -2.49 0.23
C LEU A 64 14.00 -1.97 -1.00
N SER A 65 13.72 -2.58 -2.15
CA SER A 65 14.36 -2.19 -3.39
C SER A 65 14.02 -0.74 -3.75
N LYS A 66 14.75 -0.18 -4.71
CA LYS A 66 14.51 1.18 -5.15
C LYS A 66 13.14 1.33 -5.81
N LEU A 67 12.72 0.28 -6.51
CA LEU A 67 11.43 0.28 -7.19
C LEU A 67 10.29 0.17 -6.19
N GLN A 68 10.42 -0.76 -5.25
CA GLN A 68 9.40 -0.97 -4.24
C GLN A 68 9.12 0.32 -3.47
N VAL A 69 10.17 0.87 -2.86
CA VAL A 69 10.04 2.11 -2.09
C VAL A 69 9.38 3.21 -2.92
N LYS A 70 9.58 3.14 -4.23
CA LYS A 70 9.01 4.14 -5.14
C LYS A 70 7.54 3.82 -5.41
N LYS A 71 7.20 2.54 -5.42
CA LYS A 71 5.83 2.11 -5.67
C LYS A 71 4.96 2.32 -4.44
N ILE A 72 5.52 2.04 -3.26
CA ILE A 72 4.81 2.19 -2.01
C ILE A 72 4.52 3.66 -1.72
N MET A 73 5.52 4.51 -1.93
CA MET A 73 5.36 5.94 -1.70
C MET A 73 4.25 6.52 -2.56
N GLN A 74 4.24 6.15 -3.83
CA GLN A 74 3.22 6.63 -4.76
C GLN A 74 1.83 6.23 -4.30
N PHE A 75 1.74 5.14 -3.54
CA PHE A 75 0.46 4.66 -3.02
C PHE A 75 0.00 5.50 -1.84
N ILE A 76 0.94 5.87 -0.98
CA ILE A 76 0.63 6.67 0.20
C ILE A 76 0.17 8.07 -0.20
N ASN A 77 1.03 8.78 -0.93
CA ASN A 77 0.72 10.13 -1.38
C ASN A 77 -0.49 10.14 -2.31
N GLY A 78 -0.39 9.37 -3.39
CA GLY A 78 -1.49 9.30 -4.34
C GLY A 78 -1.24 10.16 -5.57
N SER A 79 -0.60 11.30 -5.37
CA SER A 79 -0.31 12.22 -6.47
C SER A 79 0.60 11.56 -7.50
N GLY A 80 0.35 11.83 -8.77
CA GLY A 80 1.16 11.26 -9.83
C GLY A 80 0.89 11.91 -11.18
N PRO A 81 1.40 13.13 -11.36
CA PRO A 81 1.23 13.88 -12.61
C PRO A 81 2.01 13.28 -13.77
N SER A 82 3.02 12.49 -13.44
CA SER A 82 3.85 11.85 -14.45
C SER A 82 3.01 11.00 -15.39
N SER A 83 2.12 10.19 -14.81
CA SER A 83 1.25 9.32 -15.59
C SER A 83 2.07 8.42 -16.50
N GLY A 84 2.70 7.40 -15.92
CA GLY A 84 3.50 6.48 -16.70
C GLY A 84 2.70 5.72 -17.73
N GLY A 1 -17.14 -14.94 -14.31
CA GLY A 1 -18.07 -15.93 -13.79
C GLY A 1 -19.47 -15.36 -13.61
N SER A 2 -19.58 -14.34 -12.76
CA SER A 2 -20.87 -13.71 -12.50
C SER A 2 -20.68 -12.36 -11.82
N SER A 3 -20.47 -11.33 -12.63
CA SER A 3 -20.26 -9.98 -12.10
C SER A 3 -21.20 -8.99 -12.78
N GLY A 4 -22.20 -8.51 -12.04
CA GLY A 4 -23.14 -7.56 -12.58
C GLY A 4 -22.58 -6.15 -12.66
N SER A 5 -22.62 -5.45 -11.52
CA SER A 5 -22.11 -4.08 -11.46
C SER A 5 -20.81 -4.02 -10.67
N SER A 6 -20.84 -4.54 -9.44
CA SER A 6 -19.66 -4.53 -8.58
C SER A 6 -18.79 -5.76 -8.85
N GLY A 7 -17.68 -5.86 -8.13
CA GLY A 7 -16.78 -6.97 -8.31
C GLY A 7 -15.38 -6.68 -7.83
N PRO A 8 -14.64 -5.85 -8.60
CA PRO A 8 -13.28 -5.46 -8.26
C PRO A 8 -13.20 -4.55 -7.05
N TRP A 9 -12.59 -5.04 -5.97
CA TRP A 9 -12.45 -4.27 -4.75
C TRP A 9 -11.23 -3.35 -4.82
N GLN A 10 -11.34 -2.19 -4.18
CA GLN A 10 -10.25 -1.22 -4.17
C GLN A 10 -10.22 -0.45 -2.85
N PRO A 11 -9.07 0.16 -2.55
CA PRO A 11 -8.88 0.93 -1.32
C PRO A 11 -9.68 2.24 -1.33
N PRO A 12 -10.07 2.70 -0.13
CA PRO A 12 -10.84 3.94 0.02
C PRO A 12 -10.02 5.18 -0.30
N ALA A 13 -10.66 6.34 -0.29
CA ALA A 13 -9.99 7.60 -0.58
C ALA A 13 -8.79 7.79 0.33
N ASP A 14 -9.00 7.61 1.64
CA ASP A 14 -7.94 7.76 2.62
C ASP A 14 -7.53 6.41 3.19
N LEU A 15 -6.22 6.23 3.40
CA LEU A 15 -5.71 4.99 3.95
C LEU A 15 -5.48 5.11 5.46
N SER A 16 -6.32 5.89 6.11
CA SER A 16 -6.21 6.10 7.56
C SER A 16 -7.33 5.36 8.29
N GLY A 17 -7.67 4.17 7.80
CA GLY A 17 -8.72 3.39 8.42
C GLY A 17 -8.75 1.96 7.92
N LEU A 18 -7.60 1.47 7.48
CA LEU A 18 -7.50 0.10 6.97
C LEU A 18 -6.75 -0.80 7.94
N SER A 19 -7.26 -2.01 8.15
CA SER A 19 -6.64 -2.95 9.06
C SER A 19 -5.38 -3.55 8.44
N ILE A 20 -4.64 -4.33 9.23
CA ILE A 20 -3.42 -4.97 8.77
C ILE A 20 -3.69 -5.86 7.55
N GLU A 21 -4.79 -6.60 7.61
CA GLU A 21 -5.16 -7.50 6.52
C GLU A 21 -5.55 -6.71 5.27
N GLU A 22 -6.33 -5.65 5.46
CA GLU A 22 -6.76 -4.81 4.35
C GLU A 22 -5.56 -4.26 3.59
N VAL A 23 -4.49 -3.95 4.32
CA VAL A 23 -3.29 -3.41 3.72
C VAL A 23 -2.71 -4.36 2.67
N SER A 24 -2.86 -5.66 2.92
CA SER A 24 -2.36 -6.68 2.01
C SER A 24 -2.91 -6.47 0.60
N LYS A 25 -4.15 -6.02 0.52
CA LYS A 25 -4.80 -5.77 -0.76
C LYS A 25 -4.47 -4.37 -1.27
N SER A 26 -4.25 -3.45 -0.35
CA SER A 26 -3.93 -2.07 -0.70
C SER A 26 -2.76 -2.02 -1.68
N LEU A 27 -1.81 -2.92 -1.50
CA LEU A 27 -0.63 -2.98 -2.36
C LEU A 27 -0.96 -3.70 -3.67
N ARG A 28 -1.92 -4.62 -3.62
CA ARG A 28 -2.33 -5.36 -4.80
C ARG A 28 -2.68 -4.42 -5.95
N PHE A 29 -3.21 -3.25 -5.60
CA PHE A 29 -3.59 -2.27 -6.60
C PHE A 29 -2.44 -1.97 -7.54
N ILE A 30 -1.30 -1.60 -6.98
CA ILE A 30 -0.11 -1.29 -7.78
C ILE A 30 0.56 -2.57 -8.27
N GLY A 31 0.36 -3.66 -7.54
CA GLY A 31 0.96 -4.92 -7.92
C GLY A 31 2.38 -5.07 -7.41
N LEU A 32 2.53 -5.55 -6.18
CA LEU A 32 3.85 -5.73 -5.59
C LEU A 32 4.18 -7.21 -5.44
N SER A 33 5.38 -7.50 -4.92
CA SER A 33 5.81 -8.88 -4.73
C SER A 33 5.10 -9.50 -3.54
N GLU A 34 4.83 -10.81 -3.64
CA GLU A 34 4.16 -11.53 -2.57
C GLU A 34 4.91 -11.38 -1.24
N ASP A 35 6.23 -11.15 -1.34
CA ASP A 35 7.06 -10.98 -0.15
C ASP A 35 6.81 -9.62 0.49
N VAL A 36 6.67 -8.59 -0.34
CA VAL A 36 6.43 -7.24 0.16
C VAL A 36 5.15 -7.18 0.99
N ILE A 37 4.07 -7.68 0.42
CA ILE A 37 2.78 -7.69 1.11
C ILE A 37 2.89 -8.32 2.49
N SER A 38 3.47 -9.51 2.54
CA SER A 38 3.63 -10.23 3.80
C SER A 38 4.62 -9.50 4.71
N PHE A 39 5.53 -8.74 4.11
CA PHE A 39 6.52 -7.99 4.87
C PHE A 39 5.85 -6.92 5.72
N PHE A 40 4.68 -6.46 5.29
CA PHE A 40 3.94 -5.44 6.01
C PHE A 40 3.02 -6.07 7.06
N VAL A 41 2.33 -7.13 6.66
CA VAL A 41 1.41 -7.83 7.55
C VAL A 41 2.16 -8.50 8.70
N THR A 42 3.43 -8.81 8.46
CA THR A 42 4.26 -9.46 9.47
C THR A 42 4.86 -8.44 10.42
N GLU A 43 5.00 -7.20 9.95
CA GLU A 43 5.56 -6.13 10.77
C GLU A 43 4.45 -5.32 11.43
N LYS A 44 3.29 -5.94 11.60
CA LYS A 44 2.15 -5.27 12.21
C LYS A 44 1.82 -3.96 11.50
N ILE A 45 2.17 -3.89 10.21
CA ILE A 45 1.92 -2.71 9.42
C ILE A 45 0.45 -2.62 9.02
N ASP A 46 -0.21 -1.54 9.44
CA ASP A 46 -1.62 -1.34 9.13
C ASP A 46 -1.82 -0.09 8.28
N GLY A 47 -3.07 0.25 8.01
CA GLY A 47 -3.37 1.43 7.22
C GLY A 47 -2.83 2.70 7.84
N ASN A 48 -3.04 2.85 9.15
CA ASN A 48 -2.57 4.04 9.86
C ASN A 48 -1.05 4.08 9.91
N LEU A 49 -0.42 2.91 9.83
CA LEU A 49 1.03 2.81 9.87
C LEU A 49 1.63 3.15 8.50
N LEU A 50 1.03 2.59 7.44
CA LEU A 50 1.50 2.83 6.09
C LEU A 50 1.59 4.33 5.80
N VAL A 51 0.49 5.04 6.05
CA VAL A 51 0.45 6.48 5.82
C VAL A 51 1.55 7.19 6.59
N GLN A 52 1.99 6.59 7.69
CA GLN A 52 3.03 7.18 8.52
C GLN A 52 4.41 6.84 7.97
N LEU A 53 4.51 5.71 7.27
CA LEU A 53 5.76 5.27 6.69
C LEU A 53 6.25 6.26 5.63
N THR A 54 7.55 6.52 5.62
CA THR A 54 8.14 7.46 4.66
C THR A 54 9.12 6.74 3.73
N GLU A 55 9.55 7.44 2.69
CA GLU A 55 10.49 6.87 1.73
C GLU A 55 11.82 6.55 2.39
N GLU A 56 12.14 7.29 3.46
CA GLU A 56 13.39 7.08 4.19
C GLU A 56 13.31 5.85 5.06
N ILE A 57 12.18 5.66 5.73
CA ILE A 57 11.97 4.51 6.60
C ILE A 57 11.82 3.23 5.80
N LEU A 58 11.36 3.37 4.56
CA LEU A 58 11.17 2.22 3.68
C LEU A 58 12.50 1.75 3.11
N SER A 59 13.46 2.67 3.00
CA SER A 59 14.78 2.34 2.47
C SER A 59 15.76 2.05 3.59
N GLU A 60 15.51 2.63 4.75
CA GLU A 60 16.38 2.43 5.91
C GLU A 60 15.99 1.17 6.67
N ASP A 61 14.76 1.12 7.17
CA ASP A 61 14.28 -0.03 7.91
C ASP A 61 13.94 -1.17 6.97
N PHE A 62 12.83 -1.05 6.25
CA PHE A 62 12.40 -2.07 5.31
C PHE A 62 13.52 -2.44 4.35
N LYS A 63 14.25 -1.44 3.88
CA LYS A 63 15.36 -1.65 2.96
C LYS A 63 14.88 -2.36 1.70
N LEU A 64 13.62 -2.15 1.35
CA LEU A 64 13.03 -2.76 0.16
C LEU A 64 13.77 -2.31 -1.11
N SER A 65 13.36 -2.85 -2.25
CA SER A 65 13.98 -2.51 -3.52
C SER A 65 13.69 -1.05 -3.88
N LYS A 66 14.61 -0.45 -4.64
CA LYS A 66 14.47 0.94 -5.06
C LYS A 66 13.09 1.17 -5.70
N LEU A 67 12.62 0.18 -6.44
CA LEU A 67 11.32 0.28 -7.10
C LEU A 67 10.18 0.17 -6.09
N GLN A 68 10.31 -0.76 -5.16
CA GLN A 68 9.29 -0.96 -4.14
C GLN A 68 9.11 0.29 -3.29
N VAL A 69 10.21 0.77 -2.71
CA VAL A 69 10.18 1.96 -1.87
C VAL A 69 9.54 3.13 -2.61
N LYS A 70 9.68 3.14 -3.94
CA LYS A 70 9.11 4.19 -4.75
C LYS A 70 7.64 3.93 -5.04
N LYS A 71 7.28 2.66 -5.14
CA LYS A 71 5.89 2.27 -5.41
C LYS A 71 5.02 2.48 -4.18
N ILE A 72 5.50 2.00 -3.02
CA ILE A 72 4.76 2.13 -1.77
C ILE A 72 4.40 3.59 -1.50
N MET A 73 5.41 4.45 -1.50
CA MET A 73 5.19 5.88 -1.24
C MET A 73 4.22 6.46 -2.26
N GLN A 74 4.43 6.13 -3.54
CA GLN A 74 3.56 6.62 -4.61
C GLN A 74 2.11 6.25 -4.34
N PHE A 75 1.90 5.16 -3.63
CA PHE A 75 0.56 4.69 -3.31
C PHE A 75 -0.03 5.49 -2.14
N ILE A 76 0.83 5.95 -1.25
CA ILE A 76 0.40 6.73 -0.10
C ILE A 76 -0.06 8.13 -0.52
N ASN A 77 0.85 8.90 -1.10
CA ASN A 77 0.54 10.25 -1.55
C ASN A 77 -0.40 10.22 -2.75
N GLY A 78 -0.03 9.43 -3.75
CA GLY A 78 -0.85 9.33 -4.95
C GLY A 78 -0.45 10.34 -6.01
N SER A 79 0.24 9.89 -7.05
CA SER A 79 0.67 10.76 -8.13
C SER A 79 -0.21 10.59 -9.36
N GLY A 80 -0.64 11.71 -9.93
CA GLY A 80 -1.48 11.66 -11.11
C GLY A 80 -1.22 12.80 -12.07
N PRO A 81 -1.81 12.73 -13.26
CA PRO A 81 -1.65 13.76 -14.28
C PRO A 81 -2.36 15.06 -13.91
N SER A 82 -1.70 15.87 -13.07
CA SER A 82 -2.26 17.14 -12.64
C SER A 82 -1.27 18.28 -12.88
N SER A 83 -1.27 18.81 -14.10
CA SER A 83 -0.39 19.90 -14.47
C SER A 83 -0.84 21.21 -13.82
N GLY A 84 -2.15 21.45 -13.84
CA GLY A 84 -2.68 22.67 -13.26
C GLY A 84 -2.39 22.78 -11.78
N GLY A 1 -18.39 -22.32 -9.63
CA GLY A 1 -18.35 -21.73 -8.29
C GLY A 1 -16.97 -21.72 -7.70
N SER A 2 -15.96 -21.53 -8.55
CA SER A 2 -14.57 -21.51 -8.09
C SER A 2 -14.34 -20.35 -7.13
N SER A 3 -13.48 -20.57 -6.15
CA SER A 3 -13.17 -19.55 -5.16
C SER A 3 -12.02 -18.66 -5.63
N GLY A 4 -12.37 -17.48 -6.14
CA GLY A 4 -11.36 -16.55 -6.63
C GLY A 4 -11.82 -15.12 -6.58
N SER A 5 -11.56 -14.37 -7.65
CA SER A 5 -11.95 -12.97 -7.72
C SER A 5 -13.43 -12.83 -8.06
N SER A 6 -14.15 -12.06 -7.26
CA SER A 6 -15.57 -11.84 -7.48
C SER A 6 -15.81 -10.59 -8.33
N GLY A 7 -15.42 -9.44 -7.80
CA GLY A 7 -15.59 -8.19 -8.51
C GLY A 7 -14.43 -7.24 -8.30
N PRO A 8 -14.46 -6.10 -9.03
CA PRO A 8 -13.42 -5.08 -8.94
C PRO A 8 -13.44 -4.34 -7.61
N TRP A 9 -12.25 -4.13 -7.04
CA TRP A 9 -12.13 -3.43 -5.76
C TRP A 9 -10.84 -2.64 -5.69
N GLN A 10 -10.88 -1.50 -4.99
CA GLN A 10 -9.70 -0.65 -4.85
C GLN A 10 -9.68 0.01 -3.48
N PRO A 11 -8.48 0.48 -3.08
CA PRO A 11 -8.29 1.13 -1.78
C PRO A 11 -8.96 2.50 -1.72
N PRO A 12 -9.37 2.90 -0.51
CA PRO A 12 -10.03 4.19 -0.29
C PRO A 12 -9.08 5.37 -0.46
N ALA A 13 -9.60 6.58 -0.24
CA ALA A 13 -8.79 7.78 -0.38
C ALA A 13 -7.99 8.05 0.90
N ASP A 14 -8.50 7.58 2.02
CA ASP A 14 -7.84 7.77 3.30
C ASP A 14 -7.09 6.51 3.72
N LEU A 15 -5.84 6.40 3.30
CA LEU A 15 -5.02 5.24 3.63
C LEU A 15 -4.90 5.07 5.14
N SER A 16 -5.02 6.18 5.87
CA SER A 16 -4.93 6.15 7.32
C SER A 16 -6.23 5.66 7.95
N GLY A 17 -6.58 4.40 7.66
CA GLY A 17 -7.80 3.83 8.20
C GLY A 17 -7.89 2.34 7.98
N LEU A 18 -7.39 1.87 6.83
CA LEU A 18 -7.42 0.46 6.50
C LEU A 18 -6.79 -0.37 7.61
N SER A 19 -7.16 -1.65 7.67
CA SER A 19 -6.62 -2.55 8.69
C SER A 19 -5.42 -3.31 8.16
N ILE A 20 -4.81 -4.12 9.03
CA ILE A 20 -3.64 -4.90 8.64
C ILE A 20 -3.97 -5.87 7.52
N GLU A 21 -5.19 -6.41 7.55
CA GLU A 21 -5.63 -7.36 6.53
C GLU A 21 -5.93 -6.64 5.21
N GLU A 22 -6.31 -5.37 5.31
CA GLU A 22 -6.63 -4.57 4.13
C GLU A 22 -5.36 -4.19 3.38
N VAL A 23 -4.32 -3.84 4.12
CA VAL A 23 -3.05 -3.45 3.53
C VAL A 23 -2.56 -4.50 2.54
N SER A 24 -2.80 -5.77 2.86
CA SER A 24 -2.38 -6.87 2.02
C SER A 24 -2.97 -6.72 0.61
N LYS A 25 -4.16 -6.14 0.54
CA LYS A 25 -4.83 -5.94 -0.74
C LYS A 25 -4.51 -4.56 -1.31
N SER A 26 -4.21 -3.61 -0.44
CA SER A 26 -3.89 -2.25 -0.86
C SER A 26 -2.75 -2.25 -1.87
N LEU A 27 -1.70 -3.00 -1.57
CA LEU A 27 -0.55 -3.10 -2.46
C LEU A 27 -0.88 -3.89 -3.71
N ARG A 28 -1.85 -4.81 -3.58
CA ARG A 28 -2.27 -5.63 -4.71
C ARG A 28 -2.69 -4.78 -5.90
N PHE A 29 -3.17 -3.57 -5.60
CA PHE A 29 -3.61 -2.65 -6.64
C PHE A 29 -2.51 -2.42 -7.67
N ILE A 30 -1.30 -2.14 -7.17
CA ILE A 30 -0.16 -1.90 -8.04
C ILE A 30 0.54 -3.20 -8.43
N GLY A 31 0.40 -4.21 -7.57
CA GLY A 31 1.01 -5.49 -7.83
C GLY A 31 2.45 -5.56 -7.38
N LEU A 32 2.66 -5.81 -6.09
CA LEU A 32 4.00 -5.88 -5.53
C LEU A 32 4.41 -7.34 -5.29
N SER A 33 5.60 -7.53 -4.75
CA SER A 33 6.11 -8.87 -4.47
C SER A 33 5.39 -9.49 -3.28
N GLU A 34 5.09 -10.78 -3.39
CA GLU A 34 4.40 -11.50 -2.32
C GLU A 34 5.15 -11.35 -1.00
N ASP A 35 6.46 -11.33 -1.07
CA ASP A 35 7.30 -11.20 0.13
C ASP A 35 7.12 -9.81 0.76
N VAL A 36 6.99 -8.80 -0.09
CA VAL A 36 6.82 -7.43 0.38
C VAL A 36 5.49 -7.27 1.12
N ILE A 37 4.41 -7.67 0.47
CA ILE A 37 3.08 -7.58 1.06
C ILE A 37 3.05 -8.22 2.45
N SER A 38 3.48 -9.47 2.53
CA SER A 38 3.50 -10.19 3.80
C SER A 38 4.44 -9.51 4.79
N PHE A 39 5.45 -8.83 4.27
CA PHE A 39 6.42 -8.13 5.10
C PHE A 39 5.75 -7.03 5.92
N PHE A 40 4.65 -6.50 5.39
CA PHE A 40 3.91 -5.44 6.06
C PHE A 40 3.01 -6.00 7.15
N VAL A 41 2.13 -6.93 6.77
CA VAL A 41 1.21 -7.55 7.71
C VAL A 41 1.97 -8.15 8.89
N THR A 42 3.05 -8.86 8.60
CA THR A 42 3.86 -9.49 9.63
C THR A 42 4.48 -8.45 10.56
N GLU A 43 4.65 -7.24 10.05
CA GLU A 43 5.23 -6.15 10.83
C GLU A 43 4.15 -5.29 11.47
N LYS A 44 2.96 -5.88 11.65
CA LYS A 44 1.84 -5.18 12.24
C LYS A 44 1.54 -3.89 11.48
N ILE A 45 1.90 -3.86 10.20
CA ILE A 45 1.66 -2.69 9.37
C ILE A 45 0.19 -2.57 9.00
N ASP A 46 -0.43 -1.48 9.42
CA ASP A 46 -1.85 -1.24 9.12
C ASP A 46 -2.02 0.04 8.31
N GLY A 47 -3.27 0.36 8.00
CA GLY A 47 -3.54 1.56 7.22
C GLY A 47 -3.00 2.82 7.88
N ASN A 48 -3.03 2.84 9.21
CA ASN A 48 -2.53 4.00 9.96
C ASN A 48 -1.01 4.01 9.98
N LEU A 49 -0.41 2.84 9.87
CA LEU A 49 1.04 2.72 9.88
C LEU A 49 1.63 3.02 8.51
N LEU A 50 0.96 2.57 7.46
CA LEU A 50 1.41 2.79 6.09
C LEU A 50 1.62 4.28 5.83
N VAL A 51 0.57 5.07 6.07
CA VAL A 51 0.63 6.51 5.85
C VAL A 51 1.77 7.13 6.65
N GLN A 52 2.15 6.48 7.75
CA GLN A 52 3.23 6.97 8.60
C GLN A 52 4.59 6.65 7.99
N LEU A 53 4.66 5.52 7.30
CA LEU A 53 5.91 5.09 6.67
C LEU A 53 6.40 6.14 5.67
N THR A 54 7.72 6.28 5.56
CA THR A 54 8.31 7.24 4.65
C THR A 54 9.35 6.58 3.76
N GLU A 55 9.74 7.27 2.69
CA GLU A 55 10.74 6.76 1.76
C GLU A 55 12.06 6.48 2.49
N GLU A 56 12.31 7.23 3.54
CA GLU A 56 13.54 7.06 4.32
C GLU A 56 13.48 5.80 5.17
N ILE A 57 12.36 5.60 5.86
CA ILE A 57 12.18 4.43 6.71
C ILE A 57 12.00 3.18 5.87
N LEU A 58 11.46 3.33 4.67
CA LEU A 58 11.24 2.20 3.78
C LEU A 58 12.56 1.66 3.24
N SER A 59 13.57 2.54 3.18
CA SER A 59 14.88 2.15 2.68
C SER A 59 15.84 1.87 3.84
N GLU A 60 15.58 2.50 4.99
CA GLU A 60 16.41 2.30 6.17
C GLU A 60 16.06 1.00 6.88
N ASP A 61 14.80 0.87 7.28
CA ASP A 61 14.33 -0.33 7.97
C ASP A 61 14.02 -1.44 6.97
N PHE A 62 12.91 -1.29 6.26
CA PHE A 62 12.49 -2.29 5.28
C PHE A 62 13.62 -2.58 4.29
N LYS A 63 14.30 -1.52 3.86
CA LYS A 63 15.40 -1.66 2.91
C LYS A 63 14.94 -2.36 1.63
N LEU A 64 13.71 -2.08 1.23
CA LEU A 64 13.15 -2.67 0.02
C LEU A 64 13.83 -2.13 -1.23
N SER A 65 13.47 -2.68 -2.39
CA SER A 65 14.05 -2.25 -3.65
C SER A 65 13.63 -0.83 -4.00
N LYS A 66 14.45 -0.14 -4.78
CA LYS A 66 14.15 1.23 -5.19
C LYS A 66 12.78 1.32 -5.85
N LEU A 67 12.50 0.36 -6.74
CA LEU A 67 11.23 0.33 -7.44
C LEU A 67 10.06 0.16 -6.47
N GLN A 68 10.29 -0.63 -5.42
CA GLN A 68 9.27 -0.88 -4.41
C GLN A 68 9.03 0.37 -3.56
N VAL A 69 10.10 0.91 -3.00
CA VAL A 69 10.00 2.11 -2.17
C VAL A 69 9.24 3.22 -2.88
N LYS A 70 9.38 3.25 -4.21
CA LYS A 70 8.70 4.27 -5.02
C LYS A 70 7.24 3.89 -5.24
N LYS A 71 6.99 2.61 -5.46
CA LYS A 71 5.64 2.12 -5.68
C LYS A 71 4.78 2.27 -4.43
N ILE A 72 5.43 2.25 -3.27
CA ILE A 72 4.72 2.38 -2.00
C ILE A 72 4.46 3.85 -1.67
N MET A 73 5.53 4.65 -1.65
CA MET A 73 5.42 6.07 -1.36
C MET A 73 4.38 6.73 -2.26
N GLN A 74 4.42 6.40 -3.55
CA GLN A 74 3.48 6.96 -4.50
C GLN A 74 2.07 6.47 -4.24
N PHE A 75 1.96 5.28 -3.65
CA PHE A 75 0.66 4.70 -3.34
C PHE A 75 0.00 5.41 -2.16
N ILE A 76 0.83 5.87 -1.24
CA ILE A 76 0.34 6.58 -0.05
C ILE A 76 -0.18 7.97 -0.41
N ASN A 77 0.72 8.81 -0.90
CA ASN A 77 0.36 10.18 -1.28
C ASN A 77 -0.61 10.16 -2.47
N GLY A 78 -0.51 9.12 -3.30
CA GLY A 78 -1.38 9.01 -4.46
C GLY A 78 -2.84 9.14 -4.10
N SER A 79 -3.19 8.72 -2.89
CA SER A 79 -4.57 8.78 -2.43
C SER A 79 -4.84 10.07 -1.65
N GLY A 80 -5.69 10.92 -2.20
CA GLY A 80 -6.01 12.17 -1.56
C GLY A 80 -6.71 13.15 -2.50
N PRO A 81 -7.15 14.29 -1.94
CA PRO A 81 -7.84 15.32 -2.72
C PRO A 81 -6.90 16.05 -3.68
N SER A 82 -7.34 16.21 -4.92
CA SER A 82 -6.54 16.88 -5.94
C SER A 82 -7.42 17.69 -6.89
N SER A 83 -7.06 18.94 -7.12
CA SER A 83 -7.82 19.81 -8.00
C SER A 83 -9.27 19.90 -7.56
N GLY A 84 -9.50 19.83 -6.25
CA GLY A 84 -10.85 19.89 -5.73
C GLY A 84 -11.41 18.52 -5.39
N GLY A 1 -22.81 8.22 -1.75
CA GLY A 1 -21.58 7.63 -1.26
C GLY A 1 -21.37 6.22 -1.78
N SER A 2 -20.83 5.35 -0.93
CA SER A 2 -20.58 3.97 -1.29
C SER A 2 -19.63 3.89 -2.49
N SER A 3 -19.41 2.68 -2.99
CA SER A 3 -18.52 2.47 -4.13
C SER A 3 -19.25 2.76 -5.44
N GLY A 4 -20.15 1.87 -5.83
CA GLY A 4 -20.89 2.05 -7.06
C GLY A 4 -22.05 1.08 -7.18
N SER A 5 -22.32 0.63 -8.41
CA SER A 5 -23.40 -0.30 -8.66
C SER A 5 -22.88 -1.72 -8.86
N SER A 6 -21.68 -1.83 -9.41
CA SER A 6 -21.06 -3.13 -9.66
C SER A 6 -19.61 -2.96 -10.12
N GLY A 7 -18.70 -2.95 -9.16
CA GLY A 7 -17.29 -2.80 -9.48
C GLY A 7 -16.39 -3.45 -8.45
N PRO A 8 -15.10 -3.60 -8.79
CA PRO A 8 -14.10 -4.21 -7.91
C PRO A 8 -13.78 -3.33 -6.71
N TRP A 9 -13.38 -3.96 -5.60
CA TRP A 9 -13.04 -3.22 -4.40
C TRP A 9 -11.68 -2.54 -4.54
N GLN A 10 -11.54 -1.37 -3.91
CA GLN A 10 -10.29 -0.63 -3.97
C GLN A 10 -10.06 0.13 -2.68
N PRO A 11 -8.79 0.53 -2.44
CA PRO A 11 -8.40 1.26 -1.23
C PRO A 11 -8.95 2.69 -1.23
N PRO A 12 -9.19 3.23 -0.02
CA PRO A 12 -9.72 4.59 0.15
C PRO A 12 -8.70 5.65 -0.23
N ALA A 13 -9.07 6.92 -0.05
CA ALA A 13 -8.18 8.03 -0.38
C ALA A 13 -7.57 8.62 0.88
N ASP A 14 -7.41 7.80 1.90
CA ASP A 14 -6.84 8.24 3.17
C ASP A 14 -5.87 7.20 3.73
N LEU A 15 -6.26 5.94 3.65
CA LEU A 15 -5.43 4.85 4.14
C LEU A 15 -5.08 5.05 5.62
N SER A 16 -5.95 5.76 6.33
CA SER A 16 -5.74 6.04 7.74
C SER A 16 -6.80 5.33 8.59
N GLY A 17 -6.66 4.03 8.76
CA GLY A 17 -7.61 3.26 9.55
C GLY A 17 -7.70 1.82 9.10
N LEU A 18 -7.26 1.55 7.88
CA LEU A 18 -7.30 0.19 7.33
C LEU A 18 -6.61 -0.79 8.27
N SER A 19 -7.17 -1.99 8.40
CA SER A 19 -6.62 -3.01 9.26
C SER A 19 -5.41 -3.68 8.61
N ILE A 20 -4.70 -4.49 9.39
CA ILE A 20 -3.52 -5.18 8.88
C ILE A 20 -3.88 -6.13 7.74
N GLU A 21 -5.10 -6.65 7.78
CA GLU A 21 -5.56 -7.57 6.75
C GLU A 21 -5.97 -6.82 5.49
N GLU A 22 -6.37 -5.56 5.66
CA GLU A 22 -6.79 -4.73 4.54
C GLU A 22 -5.58 -4.25 3.74
N VAL A 23 -4.51 -3.90 4.44
CA VAL A 23 -3.29 -3.44 3.80
C VAL A 23 -2.80 -4.44 2.76
N SER A 24 -2.95 -5.72 3.07
CA SER A 24 -2.52 -6.78 2.17
C SER A 24 -3.13 -6.61 0.79
N LYS A 25 -4.34 -6.04 0.75
CA LYS A 25 -5.04 -5.82 -0.51
C LYS A 25 -4.70 -4.45 -1.09
N SER A 26 -4.32 -3.52 -0.22
CA SER A 26 -3.97 -2.17 -0.64
C SER A 26 -2.83 -2.21 -1.66
N LEU A 27 -1.86 -3.09 -1.43
CA LEU A 27 -0.72 -3.21 -2.34
C LEU A 27 -1.13 -3.93 -3.63
N ARG A 28 -2.10 -4.83 -3.52
CA ARG A 28 -2.58 -5.57 -4.67
C ARG A 28 -3.03 -4.63 -5.79
N PHE A 29 -3.42 -3.42 -5.40
CA PHE A 29 -3.87 -2.42 -6.37
C PHE A 29 -2.82 -2.19 -7.44
N ILE A 30 -1.56 -2.05 -7.01
CA ILE A 30 -0.47 -1.82 -7.94
C ILE A 30 0.16 -3.14 -8.39
N GLY A 31 0.03 -4.17 -7.55
CA GLY A 31 0.58 -5.47 -7.88
C GLY A 31 2.03 -5.60 -7.47
N LEU A 32 2.25 -5.89 -6.19
CA LEU A 32 3.62 -6.04 -5.67
C LEU A 32 3.96 -7.52 -5.49
N SER A 33 5.17 -7.77 -5.02
CA SER A 33 5.64 -9.14 -4.81
C SER A 33 4.92 -9.77 -3.61
N GLU A 34 4.66 -11.07 -3.71
CA GLU A 34 3.98 -11.79 -2.63
C GLU A 34 4.74 -11.64 -1.31
N ASP A 35 6.05 -11.49 -1.41
CA ASP A 35 6.89 -11.34 -0.23
C ASP A 35 6.73 -9.94 0.38
N VAL A 36 6.51 -8.95 -0.48
CA VAL A 36 6.33 -7.57 -0.03
C VAL A 36 5.09 -7.43 0.83
N ILE A 37 3.96 -7.90 0.31
CA ILE A 37 2.70 -7.82 1.03
C ILE A 37 2.81 -8.44 2.42
N SER A 38 3.32 -9.67 2.47
CA SER A 38 3.50 -10.37 3.74
C SER A 38 4.50 -9.65 4.63
N PHE A 39 5.42 -8.92 4.01
CA PHE A 39 6.43 -8.18 4.75
C PHE A 39 5.80 -7.09 5.60
N PHE A 40 4.63 -6.61 5.18
CA PHE A 40 3.92 -5.56 5.90
C PHE A 40 2.99 -6.17 6.95
N VAL A 41 2.28 -7.22 6.57
CA VAL A 41 1.35 -7.89 7.48
C VAL A 41 2.11 -8.57 8.62
N THR A 42 3.35 -8.94 8.36
CA THR A 42 4.17 -9.61 9.37
C THR A 42 4.78 -8.60 10.33
N GLU A 43 4.92 -7.36 9.87
CA GLU A 43 5.50 -6.30 10.70
C GLU A 43 4.39 -5.49 11.37
N LYS A 44 3.22 -6.10 11.53
CA LYS A 44 2.09 -5.44 12.16
C LYS A 44 1.77 -4.12 11.47
N ILE A 45 2.13 -4.03 10.18
CA ILE A 45 1.88 -2.82 9.41
C ILE A 45 0.42 -2.72 9.00
N ASP A 46 -0.23 -1.63 9.40
CA ASP A 46 -1.64 -1.41 9.07
C ASP A 46 -1.80 -0.15 8.25
N GLY A 47 -3.06 0.26 8.06
CA GLY A 47 -3.34 1.46 7.29
C GLY A 47 -2.69 2.70 7.87
N ASN A 48 -3.03 3.01 9.12
CA ASN A 48 -2.46 4.18 9.80
C ASN A 48 -0.94 4.13 9.80
N LEU A 49 -0.39 2.92 9.76
CA LEU A 49 1.06 2.73 9.76
C LEU A 49 1.64 3.05 8.38
N LEU A 50 1.00 2.52 7.34
CA LEU A 50 1.45 2.75 5.98
C LEU A 50 1.55 4.23 5.66
N VAL A 51 0.46 4.96 5.96
CA VAL A 51 0.42 6.39 5.72
C VAL A 51 1.51 7.12 6.50
N GLN A 52 1.93 6.52 7.61
CA GLN A 52 2.97 7.11 8.44
C GLN A 52 4.36 6.80 7.89
N LEU A 53 4.49 5.65 7.24
CA LEU A 53 5.76 5.24 6.67
C LEU A 53 6.25 6.25 5.64
N THR A 54 7.56 6.47 5.62
CA THR A 54 8.16 7.43 4.70
C THR A 54 9.26 6.77 3.86
N GLU A 55 9.70 7.46 2.82
CA GLU A 55 10.75 6.94 1.95
C GLU A 55 12.05 6.73 2.71
N GLU A 56 12.31 7.60 3.69
CA GLU A 56 13.52 7.50 4.50
C GLU A 56 13.51 6.24 5.33
N ILE A 57 12.38 5.97 5.99
CA ILE A 57 12.26 4.79 6.83
C ILE A 57 12.12 3.52 5.98
N LEU A 58 11.50 3.66 4.81
CA LEU A 58 11.31 2.53 3.91
C LEU A 58 12.65 2.05 3.36
N SER A 59 13.62 2.95 3.29
CA SER A 59 14.94 2.61 2.78
C SER A 59 15.92 2.36 3.92
N GLU A 60 15.65 2.97 5.07
CA GLU A 60 16.50 2.81 6.24
C GLU A 60 16.17 1.53 6.99
N ASP A 61 14.94 1.44 7.49
CA ASP A 61 14.49 0.27 8.23
C ASP A 61 14.16 -0.88 7.28
N PHE A 62 13.08 -0.72 6.52
CA PHE A 62 12.65 -1.73 5.57
C PHE A 62 13.80 -2.12 4.63
N LYS A 63 14.52 -1.11 4.15
CA LYS A 63 15.64 -1.34 3.24
C LYS A 63 15.18 -2.03 1.96
N LEU A 64 13.91 -1.82 1.61
CA LEU A 64 13.35 -2.42 0.41
C LEU A 64 14.10 -1.97 -0.83
N SER A 65 13.69 -2.47 -1.99
CA SER A 65 14.33 -2.12 -3.25
C SER A 65 13.94 -0.71 -3.68
N LYS A 66 14.64 -0.19 -4.68
CA LYS A 66 14.37 1.15 -5.18
C LYS A 66 12.99 1.21 -5.84
N LEU A 67 12.60 0.14 -6.52
CA LEU A 67 11.32 0.08 -7.18
C LEU A 67 10.17 0.02 -6.17
N GLN A 68 10.38 -0.76 -5.12
CA GLN A 68 9.37 -0.90 -4.06
C GLN A 68 9.19 0.41 -3.31
N VAL A 69 10.28 0.95 -2.80
CA VAL A 69 10.24 2.20 -2.05
C VAL A 69 9.53 3.29 -2.84
N LYS A 70 9.64 3.22 -4.16
CA LYS A 70 9.01 4.20 -5.04
C LYS A 70 7.52 3.91 -5.19
N LYS A 71 7.19 2.69 -5.58
CA LYS A 71 5.81 2.29 -5.76
C LYS A 71 5.00 2.55 -4.49
N ILE A 72 5.53 2.11 -3.36
CA ILE A 72 4.86 2.30 -2.08
C ILE A 72 4.60 3.78 -1.80
N MET A 73 5.65 4.59 -1.89
CA MET A 73 5.54 6.02 -1.66
C MET A 73 4.43 6.63 -2.51
N GLN A 74 4.49 6.37 -3.81
CA GLN A 74 3.49 6.89 -4.74
C GLN A 74 2.09 6.45 -4.33
N PHE A 75 2.00 5.27 -3.74
CA PHE A 75 0.72 4.74 -3.30
C PHE A 75 0.19 5.51 -2.09
N ILE A 76 1.08 5.82 -1.17
CA ILE A 76 0.72 6.56 0.04
C ILE A 76 0.23 7.97 -0.31
N ASN A 77 0.96 8.64 -1.18
CA ASN A 77 0.61 9.99 -1.60
C ASN A 77 -0.66 9.98 -2.44
N GLY A 78 -0.69 9.11 -3.44
CA GLY A 78 -1.84 9.01 -4.31
C GLY A 78 -1.70 9.86 -5.56
N SER A 79 -1.66 9.19 -6.72
CA SER A 79 -1.51 9.90 -7.99
C SER A 79 -2.87 10.11 -8.65
N GLY A 80 -3.20 11.38 -8.91
CA GLY A 80 -4.47 11.70 -9.54
C GLY A 80 -4.37 11.79 -11.05
N PRO A 81 -5.51 12.03 -11.71
CA PRO A 81 -5.57 12.15 -13.16
C PRO A 81 -4.89 13.42 -13.67
N SER A 82 -3.60 13.33 -13.97
CA SER A 82 -2.84 14.47 -14.46
C SER A 82 -1.50 14.02 -15.04
N SER A 83 -1.56 13.21 -16.08
CA SER A 83 -0.36 12.70 -16.73
C SER A 83 0.06 13.61 -17.89
N GLY A 84 1.34 13.99 -17.92
CA GLY A 84 1.83 14.84 -18.98
C GLY A 84 2.51 14.06 -20.08
N GLY A 1 -18.73 11.49 -0.86
CA GLY A 1 -19.42 10.92 -1.99
C GLY A 1 -19.24 9.41 -2.07
N SER A 2 -20.32 8.68 -1.81
CA SER A 2 -20.27 7.22 -1.84
C SER A 2 -20.89 6.69 -3.14
N SER A 3 -20.03 6.24 -4.05
CA SER A 3 -20.49 5.71 -5.34
C SER A 3 -19.66 4.51 -5.75
N GLY A 4 -19.93 3.37 -5.14
CA GLY A 4 -19.20 2.16 -5.47
C GLY A 4 -19.72 0.95 -4.71
N SER A 5 -20.88 0.45 -5.13
CA SER A 5 -21.50 -0.71 -4.50
C SER A 5 -21.40 -1.94 -5.40
N SER A 6 -21.82 -1.77 -6.65
CA SER A 6 -21.79 -2.87 -7.61
C SER A 6 -20.50 -2.84 -8.43
N GLY A 7 -19.37 -2.64 -7.75
CA GLY A 7 -18.09 -2.59 -8.43
C GLY A 7 -16.98 -3.20 -7.60
N PRO A 8 -15.75 -3.19 -8.15
CA PRO A 8 -14.58 -3.74 -7.47
C PRO A 8 -14.15 -2.88 -6.28
N TRP A 9 -13.83 -3.55 -5.17
CA TRP A 9 -13.41 -2.86 -3.96
C TRP A 9 -12.05 -2.19 -4.16
N GLN A 10 -11.86 -1.05 -3.52
CA GLN A 10 -10.61 -0.31 -3.62
C GLN A 10 -10.29 0.42 -2.32
N PRO A 11 -9.02 0.79 -2.14
CA PRO A 11 -8.55 1.50 -0.95
C PRO A 11 -9.08 2.93 -0.88
N PRO A 12 -9.24 3.45 0.35
CA PRO A 12 -9.74 4.80 0.58
C PRO A 12 -8.73 5.86 0.17
N ALA A 13 -9.06 7.12 0.43
CA ALA A 13 -8.17 8.24 0.09
C ALA A 13 -7.20 8.52 1.22
N ASP A 14 -7.70 8.53 2.45
CA ASP A 14 -6.87 8.79 3.61
C ASP A 14 -5.92 7.63 3.87
N LEU A 15 -6.45 6.42 3.86
CA LEU A 15 -5.65 5.23 4.10
C LEU A 15 -5.06 5.24 5.50
N SER A 16 -5.73 5.93 6.41
CA SER A 16 -5.27 6.01 7.79
C SER A 16 -6.30 5.40 8.74
N GLY A 17 -6.98 4.36 8.28
CA GLY A 17 -7.97 3.70 9.10
C GLY A 17 -8.25 2.27 8.66
N LEU A 18 -7.27 1.67 7.98
CA LEU A 18 -7.41 0.31 7.49
C LEU A 18 -6.76 -0.69 8.46
N SER A 19 -7.20 -1.93 8.40
CA SER A 19 -6.66 -2.98 9.26
C SER A 19 -5.45 -3.65 8.62
N ILE A 20 -4.72 -4.42 9.42
CA ILE A 20 -3.53 -5.11 8.94
C ILE A 20 -3.88 -6.02 7.77
N GLU A 21 -5.09 -6.55 7.77
CA GLU A 21 -5.55 -7.44 6.72
C GLU A 21 -5.99 -6.65 5.48
N GLU A 22 -6.42 -5.42 5.70
CA GLU A 22 -6.86 -4.55 4.62
C GLU A 22 -5.68 -4.05 3.80
N VAL A 23 -4.53 -3.95 4.44
CA VAL A 23 -3.31 -3.48 3.77
C VAL A 23 -2.86 -4.48 2.72
N SER A 24 -3.03 -5.76 3.01
CA SER A 24 -2.61 -6.82 2.09
C SER A 24 -3.25 -6.61 0.71
N LYS A 25 -4.43 -6.00 0.71
CA LYS A 25 -5.14 -5.74 -0.53
C LYS A 25 -4.79 -4.36 -1.09
N SER A 26 -4.44 -3.45 -0.19
CA SER A 26 -4.08 -2.09 -0.59
C SER A 26 -2.96 -2.10 -1.62
N LEU A 27 -2.04 -3.05 -1.48
CA LEU A 27 -0.92 -3.17 -2.42
C LEU A 27 -1.35 -3.89 -3.69
N ARG A 28 -2.34 -4.76 -3.57
CA ARG A 28 -2.84 -5.52 -4.71
C ARG A 28 -3.21 -4.58 -5.86
N PHE A 29 -3.64 -3.37 -5.52
CA PHE A 29 -4.03 -2.38 -6.51
C PHE A 29 -2.92 -2.19 -7.54
N ILE A 30 -1.69 -2.02 -7.06
CA ILE A 30 -0.55 -1.83 -7.94
C ILE A 30 0.09 -3.16 -8.30
N GLY A 31 -0.09 -4.15 -7.44
CA GLY A 31 0.48 -5.46 -7.68
C GLY A 31 1.96 -5.53 -7.34
N LEU A 32 2.27 -5.92 -6.12
CA LEU A 32 3.65 -6.02 -5.67
C LEU A 32 4.04 -7.48 -5.44
N SER A 33 5.29 -7.69 -5.02
CA SER A 33 5.79 -9.03 -4.77
C SER A 33 5.12 -9.64 -3.54
N GLU A 34 4.78 -10.93 -3.62
CA GLU A 34 4.14 -11.62 -2.51
C GLU A 34 4.95 -11.47 -1.23
N ASP A 35 6.26 -11.34 -1.38
CA ASP A 35 7.15 -11.19 -0.23
C ASP A 35 7.00 -9.81 0.39
N VAL A 36 6.73 -8.82 -0.45
CA VAL A 36 6.56 -7.44 0.02
C VAL A 36 5.28 -7.30 0.84
N ILE A 37 4.18 -7.77 0.28
CA ILE A 37 2.88 -7.69 0.97
C ILE A 37 2.95 -8.35 2.34
N SER A 38 3.41 -9.60 2.38
CA SER A 38 3.52 -10.34 3.62
C SER A 38 4.49 -9.64 4.59
N PHE A 39 5.44 -8.91 4.02
CA PHE A 39 6.43 -8.19 4.83
C PHE A 39 5.76 -7.13 5.69
N PHE A 40 4.61 -6.64 5.22
CA PHE A 40 3.87 -5.61 5.95
C PHE A 40 2.92 -6.23 6.97
N VAL A 41 2.21 -7.28 6.55
CA VAL A 41 1.28 -7.97 7.42
C VAL A 41 2.00 -8.66 8.57
N THR A 42 3.24 -9.04 8.33
CA THR A 42 4.06 -9.71 9.34
C THR A 42 4.66 -8.70 10.32
N GLU A 43 4.83 -7.47 9.85
CA GLU A 43 5.40 -6.41 10.69
C GLU A 43 4.29 -5.59 11.35
N LYS A 44 3.12 -6.19 11.49
CA LYS A 44 1.98 -5.51 12.10
C LYS A 44 1.70 -4.18 11.41
N ILE A 45 2.06 -4.10 10.13
CA ILE A 45 1.84 -2.88 9.36
C ILE A 45 0.38 -2.74 8.94
N ASP A 46 -0.24 -1.64 9.32
CA ASP A 46 -1.63 -1.38 8.98
C ASP A 46 -1.77 -0.11 8.14
N GLY A 47 -3.01 0.28 7.88
CA GLY A 47 -3.25 1.48 7.10
C GLY A 47 -2.64 2.72 7.70
N ASN A 48 -2.97 2.98 8.97
CA ASN A 48 -2.45 4.15 9.67
C ASN A 48 -0.93 4.11 9.73
N LEU A 49 -0.37 2.90 9.69
CA LEU A 49 1.09 2.72 9.74
C LEU A 49 1.72 3.05 8.39
N LEU A 50 1.07 2.62 7.31
CA LEU A 50 1.56 2.87 5.97
C LEU A 50 1.64 4.36 5.68
N VAL A 51 0.54 5.06 5.95
CA VAL A 51 0.47 6.50 5.72
C VAL A 51 1.56 7.23 6.52
N GLN A 52 2.00 6.62 7.60
CA GLN A 52 3.04 7.20 8.44
C GLN A 52 4.43 6.88 7.91
N LEU A 53 4.55 5.72 7.25
CA LEU A 53 5.82 5.29 6.69
C LEU A 53 6.33 6.29 5.66
N THR A 54 7.63 6.55 5.68
CA THR A 54 8.24 7.49 4.75
C THR A 54 9.30 6.80 3.90
N GLU A 55 9.81 7.52 2.90
CA GLU A 55 10.84 6.98 2.01
C GLU A 55 12.12 6.72 2.76
N GLU A 56 12.38 7.53 3.78
CA GLU A 56 13.59 7.40 4.59
C GLU A 56 13.55 6.11 5.42
N ILE A 57 12.41 5.88 6.07
CA ILE A 57 12.24 4.69 6.90
C ILE A 57 12.07 3.44 6.05
N LEU A 58 11.54 3.61 4.85
CA LEU A 58 11.33 2.50 3.94
C LEU A 58 12.66 1.98 3.39
N SER A 59 13.66 2.86 3.36
CA SER A 59 14.98 2.49 2.87
C SER A 59 15.94 2.23 4.03
N GLU A 60 15.66 2.87 5.16
CA GLU A 60 16.50 2.71 6.35
C GLU A 60 16.15 1.44 7.11
N ASP A 61 14.87 1.29 7.45
CA ASP A 61 14.40 0.12 8.16
C ASP A 61 14.13 -1.04 7.20
N PHE A 62 13.04 -0.95 6.46
CA PHE A 62 12.67 -1.98 5.51
C PHE A 62 13.79 -2.23 4.50
N LYS A 63 14.41 -1.15 4.05
CA LYS A 63 15.51 -1.24 3.09
C LYS A 63 15.06 -1.96 1.81
N LEU A 64 13.86 -1.62 1.34
CA LEU A 64 13.32 -2.24 0.14
C LEU A 64 14.04 -1.73 -1.11
N SER A 65 13.72 -2.32 -2.25
CA SER A 65 14.35 -1.94 -3.51
C SER A 65 13.92 -0.53 -3.93
N LYS A 66 14.72 0.10 -4.77
CA LYS A 66 14.43 1.44 -5.25
C LYS A 66 13.06 1.50 -5.93
N LEU A 67 12.68 0.40 -6.57
CA LEU A 67 11.40 0.32 -7.27
C LEU A 67 10.25 0.15 -6.28
N GLN A 68 10.47 -0.69 -5.28
CA GLN A 68 9.45 -0.93 -4.26
C GLN A 68 9.16 0.33 -3.47
N VAL A 69 10.21 0.94 -2.92
CA VAL A 69 10.06 2.16 -2.14
C VAL A 69 9.31 3.23 -2.91
N LYS A 70 9.43 3.18 -4.24
CA LYS A 70 8.76 4.14 -5.11
C LYS A 70 7.34 3.68 -5.43
N LYS A 71 7.14 2.37 -5.45
CA LYS A 71 5.82 1.81 -5.75
C LYS A 71 4.90 1.91 -4.53
N ILE A 72 5.50 1.92 -3.34
CA ILE A 72 4.74 2.00 -2.10
C ILE A 72 4.43 3.45 -1.75
N MET A 73 5.46 4.29 -1.76
CA MET A 73 5.29 5.71 -1.43
C MET A 73 4.27 6.36 -2.36
N GLN A 74 4.40 6.08 -3.66
CA GLN A 74 3.50 6.63 -4.65
C GLN A 74 2.04 6.29 -4.33
N PHE A 75 1.85 5.15 -3.66
CA PHE A 75 0.51 4.71 -3.28
C PHE A 75 0.01 5.48 -2.07
N ILE A 76 0.92 5.87 -1.20
CA ILE A 76 0.57 6.61 0.00
C ILE A 76 0.08 8.01 -0.34
N ASN A 77 0.94 8.78 -1.01
CA ASN A 77 0.59 10.15 -1.40
C ASN A 77 -0.38 10.14 -2.57
N GLY A 78 -0.19 9.20 -3.49
CA GLY A 78 -1.06 9.10 -4.65
C GLY A 78 -1.00 10.34 -5.53
N SER A 79 0.21 10.88 -5.69
CA SER A 79 0.41 12.07 -6.49
C SER A 79 0.98 11.71 -7.87
N GLY A 80 0.64 12.51 -8.87
CA GLY A 80 1.12 12.25 -10.22
C GLY A 80 0.34 13.01 -11.27
N PRO A 81 0.85 13.00 -12.51
CA PRO A 81 0.21 13.70 -13.63
C PRO A 81 -1.09 13.03 -14.06
N SER A 82 -1.07 11.70 -14.13
CA SER A 82 -2.26 10.94 -14.53
C SER A 82 -2.76 11.40 -15.89
N SER A 83 -2.08 10.97 -16.94
CA SER A 83 -2.45 11.34 -18.30
C SER A 83 -2.54 12.85 -18.45
N GLY A 84 -1.39 13.52 -18.40
CA GLY A 84 -1.37 14.97 -18.53
C GLY A 84 0.02 15.53 -18.33
N GLY A 1 -20.19 -4.88 5.90
CA GLY A 1 -19.70 -3.98 4.86
C GLY A 1 -19.53 -4.67 3.53
N SER A 2 -18.29 -5.00 3.18
CA SER A 2 -18.00 -5.67 1.92
C SER A 2 -18.21 -7.17 2.04
N SER A 3 -19.33 -7.64 1.49
CA SER A 3 -19.65 -9.07 1.55
C SER A 3 -19.83 -9.63 0.13
N GLY A 4 -20.63 -8.96 -0.67
CA GLY A 4 -20.87 -9.40 -2.04
C GLY A 4 -19.97 -8.71 -3.03
N SER A 5 -19.43 -9.48 -3.97
CA SER A 5 -18.54 -8.94 -4.99
C SER A 5 -19.34 -8.31 -6.13
N SER A 6 -20.15 -7.31 -5.79
CA SER A 6 -20.97 -6.62 -6.79
C SER A 6 -20.09 -5.90 -7.80
N GLY A 7 -18.94 -5.41 -7.35
CA GLY A 7 -18.04 -4.70 -8.23
C GLY A 7 -16.61 -4.71 -7.73
N PRO A 8 -15.70 -4.06 -8.48
CA PRO A 8 -14.29 -3.99 -8.12
C PRO A 8 -14.05 -3.11 -6.89
N TRP A 9 -13.29 -3.65 -5.93
CA TRP A 9 -12.98 -2.92 -4.70
C TRP A 9 -11.59 -2.29 -4.78
N GLN A 10 -11.44 -1.12 -4.17
CA GLN A 10 -10.17 -0.43 -4.16
C GLN A 10 -9.97 0.34 -2.86
N PRO A 11 -8.71 0.69 -2.55
CA PRO A 11 -8.36 1.43 -1.34
C PRO A 11 -8.85 2.87 -1.38
N PRO A 12 -9.13 3.44 -0.20
CA PRO A 12 -9.61 4.82 -0.07
C PRO A 12 -8.53 5.83 -0.40
N ALA A 13 -8.86 7.12 -0.28
CA ALA A 13 -7.92 8.18 -0.57
C ALA A 13 -7.32 8.75 0.71
N ASP A 14 -7.26 7.91 1.74
CA ASP A 14 -6.71 8.32 3.02
C ASP A 14 -5.82 7.24 3.61
N LEU A 15 -6.27 6.00 3.51
CA LEU A 15 -5.51 4.86 4.03
C LEU A 15 -5.23 5.02 5.52
N SER A 16 -6.12 5.73 6.20
CA SER A 16 -5.97 5.97 7.64
C SER A 16 -7.07 5.27 8.42
N GLY A 17 -7.54 4.15 7.89
CA GLY A 17 -8.59 3.40 8.56
C GLY A 17 -8.64 1.95 8.12
N LEU A 18 -7.52 1.44 7.62
CA LEU A 18 -7.44 0.06 7.16
C LEU A 18 -6.69 -0.81 8.17
N SER A 19 -7.12 -2.06 8.29
CA SER A 19 -6.49 -3.00 9.22
C SER A 19 -5.29 -3.68 8.59
N ILE A 20 -4.53 -4.40 9.40
CA ILE A 20 -3.34 -5.10 8.92
C ILE A 20 -3.70 -6.05 7.79
N GLU A 21 -4.95 -6.53 7.78
CA GLU A 21 -5.40 -7.45 6.74
C GLU A 21 -5.77 -6.69 5.47
N GLU A 22 -6.48 -5.58 5.62
CA GLU A 22 -6.89 -4.77 4.48
C GLU A 22 -5.68 -4.28 3.70
N VAL A 23 -4.61 -3.96 4.42
CA VAL A 23 -3.38 -3.48 3.78
C VAL A 23 -2.87 -4.48 2.75
N SER A 24 -2.99 -5.76 3.07
CA SER A 24 -2.53 -6.82 2.17
C SER A 24 -3.13 -6.65 0.78
N LYS A 25 -4.35 -6.12 0.73
CA LYS A 25 -5.03 -5.89 -0.54
C LYS A 25 -4.70 -4.52 -1.10
N SER A 26 -4.36 -3.59 -0.22
CA SER A 26 -4.02 -2.23 -0.62
C SER A 26 -2.90 -2.23 -1.66
N LEU A 27 -1.96 -3.16 -1.50
CA LEU A 27 -0.83 -3.27 -2.42
C LEU A 27 -1.24 -4.00 -3.68
N ARG A 28 -2.25 -4.86 -3.58
CA ARG A 28 -2.75 -5.62 -4.71
C ARG A 28 -3.11 -4.69 -5.87
N PHE A 29 -3.54 -3.48 -5.54
CA PHE A 29 -3.91 -2.51 -6.56
C PHE A 29 -2.80 -2.31 -7.58
N ILE A 30 -1.61 -2.00 -7.08
CA ILE A 30 -0.45 -1.80 -7.95
C ILE A 30 0.15 -3.12 -8.39
N GLY A 31 -0.03 -4.15 -7.57
CA GLY A 31 0.50 -5.46 -7.89
C GLY A 31 1.95 -5.61 -7.50
N LEU A 32 2.20 -5.94 -6.23
CA LEU A 32 3.55 -6.11 -5.74
C LEU A 32 3.88 -7.59 -5.53
N SER A 33 5.09 -7.87 -5.08
CA SER A 33 5.53 -9.24 -4.84
C SER A 33 4.87 -9.81 -3.58
N GLU A 34 4.53 -11.10 -3.64
CA GLU A 34 3.90 -11.76 -2.51
C GLU A 34 4.74 -11.61 -1.24
N ASP A 35 6.05 -11.45 -1.43
CA ASP A 35 6.96 -11.30 -0.30
C ASP A 35 6.83 -9.91 0.32
N VAL A 36 6.48 -8.93 -0.50
CA VAL A 36 6.32 -7.56 -0.03
C VAL A 36 5.07 -7.42 0.83
N ILE A 37 3.95 -7.91 0.32
CA ILE A 37 2.69 -7.84 1.04
C ILE A 37 2.81 -8.46 2.43
N SER A 38 3.30 -9.70 2.48
CA SER A 38 3.47 -10.41 3.74
C SER A 38 4.46 -9.68 4.64
N PHE A 39 5.38 -8.93 4.03
CA PHE A 39 6.38 -8.20 4.77
C PHE A 39 5.73 -7.10 5.62
N PHE A 40 4.57 -6.63 5.19
CA PHE A 40 3.86 -5.58 5.90
C PHE A 40 2.92 -6.19 6.95
N VAL A 41 2.26 -7.28 6.59
CA VAL A 41 1.34 -7.95 7.51
C VAL A 41 2.09 -8.60 8.66
N THR A 42 3.34 -8.97 8.42
CA THR A 42 4.17 -9.62 9.42
C THR A 42 4.78 -8.57 10.36
N GLU A 43 4.93 -7.35 9.87
CA GLU A 43 5.50 -6.27 10.67
C GLU A 43 4.40 -5.44 11.33
N LYS A 44 3.23 -6.05 11.49
CA LYS A 44 2.10 -5.37 12.11
C LYS A 44 1.80 -4.05 11.40
N ILE A 45 2.14 -3.98 10.12
CA ILE A 45 1.90 -2.77 9.34
C ILE A 45 0.44 -2.64 8.95
N ASP A 46 -0.19 -1.56 9.40
CA ASP A 46 -1.60 -1.32 9.10
C ASP A 46 -1.77 -0.04 8.29
N GLY A 47 -3.01 0.30 7.98
CA GLY A 47 -3.28 1.51 7.22
C GLY A 47 -2.67 2.74 7.84
N ASN A 48 -2.93 2.95 9.13
CA ASN A 48 -2.40 4.11 9.84
C ASN A 48 -0.88 4.10 9.83
N LEU A 49 -0.30 2.91 9.74
CA LEU A 49 1.16 2.77 9.71
C LEU A 49 1.71 3.09 8.33
N LEU A 50 1.03 2.62 7.30
CA LEU A 50 1.45 2.87 5.92
C LEU A 50 1.49 4.37 5.62
N VAL A 51 0.41 5.07 5.95
CA VAL A 51 0.33 6.50 5.72
C VAL A 51 1.41 7.24 6.48
N GLN A 52 1.88 6.64 7.57
CA GLN A 52 2.93 7.25 8.39
C GLN A 52 4.30 6.91 7.84
N LEU A 53 4.43 5.75 7.22
CA LEU A 53 5.69 5.31 6.65
C LEU A 53 6.22 6.33 5.64
N THR A 54 7.53 6.58 5.68
CA THR A 54 8.15 7.52 4.77
C THR A 54 9.21 6.84 3.91
N GLU A 55 9.59 7.50 2.82
CA GLU A 55 10.60 6.96 1.92
C GLU A 55 11.92 6.72 2.65
N GLU A 56 12.13 7.48 3.72
CA GLU A 56 13.36 7.37 4.50
C GLU A 56 13.35 6.07 5.32
N ILE A 57 12.20 5.76 5.91
CA ILE A 57 12.06 4.55 6.71
C ILE A 57 12.02 3.30 5.83
N LEU A 58 11.50 3.46 4.62
CA LEU A 58 11.40 2.34 3.68
C LEU A 58 12.78 1.93 3.19
N SER A 59 13.72 2.87 3.20
CA SER A 59 15.08 2.60 2.76
C SER A 59 16.00 2.36 3.95
N GLU A 60 15.64 2.93 5.09
CA GLU A 60 16.44 2.78 6.30
C GLU A 60 16.10 1.49 7.03
N ASP A 61 14.85 1.38 7.47
CA ASP A 61 14.39 0.19 8.17
C ASP A 61 14.14 -0.96 7.20
N PHE A 62 13.04 -0.85 6.45
CA PHE A 62 12.68 -1.88 5.48
C PHE A 62 13.86 -2.18 4.55
N LYS A 63 14.58 -1.14 4.16
CA LYS A 63 15.72 -1.29 3.27
C LYS A 63 15.31 -1.95 1.96
N LEU A 64 14.05 -1.77 1.58
CA LEU A 64 13.53 -2.34 0.34
C LEU A 64 14.29 -1.81 -0.87
N SER A 65 13.89 -2.26 -2.05
CA SER A 65 14.53 -1.82 -3.29
C SER A 65 13.97 -0.48 -3.75
N LYS A 66 14.73 0.21 -4.60
CA LYS A 66 14.32 1.51 -5.12
C LYS A 66 12.93 1.43 -5.73
N LEU A 67 12.71 0.43 -6.58
CA LEU A 67 11.42 0.24 -7.23
C LEU A 67 10.30 0.14 -6.20
N GLN A 68 10.51 -0.72 -5.20
CA GLN A 68 9.52 -0.91 -4.14
C GLN A 68 9.28 0.38 -3.36
N VAL A 69 10.35 0.96 -2.85
CA VAL A 69 10.26 2.20 -2.09
C VAL A 69 9.54 3.28 -2.89
N LYS A 70 9.67 3.22 -4.20
CA LYS A 70 9.02 4.20 -5.07
C LYS A 70 7.57 3.82 -5.33
N LYS A 71 7.29 2.52 -5.32
CA LYS A 71 5.94 2.02 -5.55
C LYS A 71 5.07 2.21 -4.32
N ILE A 72 5.67 2.10 -3.15
CA ILE A 72 4.95 2.27 -1.89
C ILE A 72 4.65 3.73 -1.62
N MET A 73 5.64 4.59 -1.86
CA MET A 73 5.48 6.03 -1.64
C MET A 73 4.37 6.58 -2.54
N GLN A 74 4.43 6.28 -3.82
CA GLN A 74 3.43 6.75 -4.77
C GLN A 74 2.02 6.34 -4.33
N PHE A 75 1.95 5.24 -3.59
CA PHE A 75 0.67 4.73 -3.10
C PHE A 75 0.16 5.58 -1.95
N ILE A 76 1.04 5.93 -1.03
CA ILE A 76 0.68 6.73 0.13
C ILE A 76 0.21 8.12 -0.30
N ASN A 77 1.00 8.78 -1.13
CA ASN A 77 0.66 10.12 -1.62
C ASN A 77 -0.47 10.05 -2.64
N GLY A 78 -0.54 8.93 -3.36
CA GLY A 78 -1.58 8.77 -4.37
C GLY A 78 -1.21 9.41 -5.69
N SER A 79 0.08 9.37 -6.02
CA SER A 79 0.55 9.96 -7.27
C SER A 79 -0.13 9.31 -8.48
N GLY A 80 -1.11 10.01 -9.03
CA GLY A 80 -1.84 9.49 -10.18
C GLY A 80 -2.25 10.58 -11.15
N PRO A 81 -2.82 10.18 -12.29
CA PRO A 81 -3.27 11.12 -13.32
C PRO A 81 -4.51 11.90 -12.89
N SER A 82 -5.10 12.64 -13.82
CA SER A 82 -6.28 13.44 -13.53
C SER A 82 -7.40 12.57 -12.97
N SER A 83 -7.45 11.31 -13.41
CA SER A 83 -8.47 10.37 -12.95
C SER A 83 -7.89 8.97 -12.85
N GLY A 84 -7.45 8.44 -13.99
CA GLY A 84 -6.88 7.09 -14.01
C GLY A 84 -7.85 6.08 -14.58
N GLY A 1 -17.45 -13.39 -4.11
CA GLY A 1 -16.54 -12.53 -3.38
C GLY A 1 -15.55 -11.83 -4.28
N SER A 2 -15.94 -10.67 -4.80
CA SER A 2 -15.08 -9.89 -5.69
C SER A 2 -14.68 -10.72 -6.91
N SER A 3 -15.51 -10.66 -7.95
CA SER A 3 -15.24 -11.41 -9.17
C SER A 3 -15.44 -10.51 -10.40
N GLY A 4 -14.99 -11.00 -11.55
CA GLY A 4 -15.12 -10.24 -12.78
C GLY A 4 -13.98 -9.25 -12.97
N SER A 5 -13.96 -8.59 -14.12
CA SER A 5 -12.92 -7.62 -14.43
C SER A 5 -13.54 -6.29 -14.87
N SER A 6 -14.60 -5.88 -14.18
CA SER A 6 -15.27 -4.63 -14.51
C SER A 6 -15.06 -3.60 -13.39
N GLY A 7 -15.21 -4.04 -12.15
CA GLY A 7 -15.04 -3.14 -11.02
C GLY A 7 -14.53 -3.86 -9.79
N PRO A 8 -13.23 -4.21 -9.80
CA PRO A 8 -12.59 -4.91 -8.67
C PRO A 8 -12.45 -4.02 -7.45
N TRP A 9 -12.35 -4.64 -6.28
CA TRP A 9 -12.20 -3.91 -5.03
C TRP A 9 -10.95 -3.04 -5.06
N GLN A 10 -11.03 -1.88 -4.40
CA GLN A 10 -9.90 -0.96 -4.35
C GLN A 10 -9.87 -0.20 -3.03
N PRO A 11 -8.70 0.36 -2.69
CA PRO A 11 -8.52 1.12 -1.46
C PRO A 11 -9.27 2.45 -1.48
N PRO A 12 -9.68 2.93 -0.29
CA PRO A 12 -10.40 4.20 -0.16
C PRO A 12 -9.52 5.41 -0.44
N ALA A 13 -10.08 6.59 -0.24
CA ALA A 13 -9.33 7.83 -0.48
C ALA A 13 -8.18 7.98 0.51
N ASP A 14 -8.41 7.56 1.75
CA ASP A 14 -7.39 7.64 2.79
C ASP A 14 -7.01 6.25 3.29
N LEU A 15 -5.71 6.00 3.39
CA LEU A 15 -5.22 4.71 3.86
C LEU A 15 -4.96 4.73 5.36
N SER A 16 -5.88 5.33 6.10
CA SER A 16 -5.75 5.43 7.55
C SER A 16 -6.74 4.51 8.25
N GLY A 17 -7.88 4.26 7.60
CA GLY A 17 -8.90 3.41 8.17
C GLY A 17 -8.77 1.98 7.69
N LEU A 18 -7.59 1.60 7.24
CA LEU A 18 -7.34 0.25 6.75
C LEU A 18 -6.61 -0.59 7.80
N SER A 19 -7.05 -1.85 7.95
CA SER A 19 -6.43 -2.75 8.92
C SER A 19 -5.26 -3.50 8.30
N ILE A 20 -4.49 -4.17 9.15
CA ILE A 20 -3.33 -4.93 8.69
C ILE A 20 -3.72 -5.93 7.62
N GLU A 21 -4.97 -6.38 7.66
CA GLU A 21 -5.47 -7.35 6.68
C GLU A 21 -5.87 -6.65 5.38
N GLU A 22 -6.26 -5.39 5.49
CA GLU A 22 -6.68 -4.61 4.33
C GLU A 22 -5.45 -4.15 3.53
N VAL A 23 -4.34 -3.93 4.22
CA VAL A 23 -3.11 -3.48 3.58
C VAL A 23 -2.62 -4.52 2.57
N SER A 24 -2.80 -5.79 2.91
CA SER A 24 -2.36 -6.88 2.03
C SER A 24 -2.94 -6.71 0.63
N LYS A 25 -4.18 -6.22 0.56
CA LYS A 25 -4.85 -6.01 -0.72
C LYS A 25 -4.54 -4.61 -1.27
N SER A 26 -4.25 -3.68 -0.37
CA SER A 26 -3.94 -2.31 -0.76
C SER A 26 -2.79 -2.28 -1.77
N LEU A 27 -1.80 -3.14 -1.54
CA LEU A 27 -0.63 -3.21 -2.42
C LEU A 27 -0.97 -3.94 -3.71
N ARG A 28 -1.96 -4.83 -3.64
CA ARG A 28 -2.38 -5.60 -4.80
C ARG A 28 -2.80 -4.68 -5.94
N PHE A 29 -3.32 -3.51 -5.59
CA PHE A 29 -3.77 -2.54 -6.58
C PHE A 29 -2.65 -2.26 -7.60
N ILE A 30 -1.46 -1.95 -7.10
CA ILE A 30 -0.32 -1.67 -7.96
C ILE A 30 0.33 -2.95 -8.44
N GLY A 31 0.19 -4.01 -7.67
CA GLY A 31 0.77 -5.29 -8.04
C GLY A 31 2.19 -5.45 -7.54
N LEU A 32 2.34 -5.88 -6.30
CA LEU A 32 3.65 -6.08 -5.69
C LEU A 32 3.95 -7.56 -5.50
N SER A 33 5.14 -7.85 -4.98
CA SER A 33 5.55 -9.23 -4.74
C SER A 33 4.90 -9.77 -3.46
N GLU A 34 4.66 -11.08 -3.44
CA GLU A 34 4.05 -11.72 -2.27
C GLU A 34 4.90 -11.49 -1.03
N ASP A 35 6.20 -11.35 -1.22
CA ASP A 35 7.12 -11.13 -0.11
C ASP A 35 6.89 -9.76 0.52
N VAL A 36 6.75 -8.74 -0.31
CA VAL A 36 6.52 -7.38 0.17
C VAL A 36 5.23 -7.30 0.97
N ILE A 37 4.14 -7.79 0.37
CA ILE A 37 2.83 -7.77 1.03
C ILE A 37 2.91 -8.40 2.42
N SER A 38 3.42 -9.62 2.48
CA SER A 38 3.55 -10.33 3.74
C SER A 38 4.50 -9.61 4.69
N PHE A 39 5.47 -8.89 4.12
CA PHE A 39 6.44 -8.14 4.91
C PHE A 39 5.75 -7.08 5.75
N PHE A 40 4.59 -6.61 5.29
CA PHE A 40 3.84 -5.59 6.01
C PHE A 40 2.91 -6.23 7.03
N VAL A 41 2.22 -7.28 6.64
CA VAL A 41 1.31 -7.98 7.52
C VAL A 41 2.05 -8.65 8.68
N THR A 42 3.31 -9.01 8.43
CA THR A 42 4.13 -9.65 9.46
C THR A 42 4.74 -8.62 10.39
N GLU A 43 4.88 -7.40 9.91
CA GLU A 43 5.46 -6.32 10.71
C GLU A 43 4.36 -5.49 11.37
N LYS A 44 3.19 -6.09 11.54
CA LYS A 44 2.06 -5.42 12.16
C LYS A 44 1.78 -4.09 11.47
N ILE A 45 2.11 -4.02 10.18
CA ILE A 45 1.89 -2.80 9.40
C ILE A 45 0.43 -2.68 8.98
N ASP A 46 -0.21 -1.59 9.36
CA ASP A 46 -1.61 -1.35 9.01
C ASP A 46 -1.76 -0.05 8.22
N GLY A 47 -3.01 0.36 8.01
CA GLY A 47 -3.27 1.59 7.28
C GLY A 47 -2.63 2.80 7.92
N ASN A 48 -2.99 3.07 9.18
CA ASN A 48 -2.44 4.21 9.91
C ASN A 48 -0.92 4.17 9.92
N LEU A 49 -0.37 2.97 9.83
CA LEU A 49 1.08 2.78 9.83
C LEU A 49 1.67 3.13 8.46
N LEU A 50 1.04 2.64 7.41
CA LEU A 50 1.51 2.89 6.05
C LEU A 50 1.56 4.39 5.77
N VAL A 51 0.45 5.08 6.03
CA VAL A 51 0.38 6.52 5.80
C VAL A 51 1.47 7.25 6.57
N GLN A 52 1.92 6.65 7.67
CA GLN A 52 2.97 7.24 8.49
C GLN A 52 4.35 6.89 7.96
N LEU A 53 4.45 5.75 7.27
CA LEU A 53 5.71 5.30 6.71
C LEU A 53 6.19 6.25 5.62
N THR A 54 7.49 6.56 5.65
CA THR A 54 8.08 7.45 4.66
C THR A 54 9.12 6.73 3.82
N GLU A 55 9.50 7.35 2.70
CA GLU A 55 10.50 6.76 1.82
C GLU A 55 11.81 6.53 2.54
N GLU A 56 12.06 7.32 3.58
CA GLU A 56 13.28 7.20 4.36
C GLU A 56 13.27 5.92 5.19
N ILE A 57 12.18 5.70 5.92
CA ILE A 57 12.06 4.51 6.75
C ILE A 57 11.88 3.26 5.90
N LEU A 58 11.36 3.44 4.69
CA LEU A 58 11.15 2.32 3.77
C LEU A 58 12.48 1.81 3.22
N SER A 59 13.47 2.70 3.15
CA SER A 59 14.78 2.34 2.65
C SER A 59 15.76 2.09 3.78
N GLU A 60 15.51 2.73 4.93
CA GLU A 60 16.37 2.57 6.09
C GLU A 60 16.03 1.29 6.86
N ASP A 61 14.76 1.16 7.25
CA ASP A 61 14.31 -0.01 7.98
C ASP A 61 14.02 -1.17 7.03
N PHE A 62 12.91 -1.07 6.30
CA PHE A 62 12.51 -2.11 5.36
C PHE A 62 13.64 -2.41 4.37
N LYS A 63 14.24 -1.34 3.85
CA LYS A 63 15.34 -1.48 2.89
C LYS A 63 14.87 -2.20 1.63
N LEU A 64 13.62 -1.98 1.26
CA LEU A 64 13.06 -2.61 0.07
C LEU A 64 13.80 -2.16 -1.20
N SER A 65 13.40 -2.72 -2.33
CA SER A 65 14.02 -2.38 -3.61
C SER A 65 13.74 -0.93 -3.99
N LYS A 66 14.64 -0.35 -4.76
CA LYS A 66 14.50 1.04 -5.19
C LYS A 66 13.17 1.25 -5.89
N LEU A 67 12.63 0.18 -6.49
CA LEU A 67 11.36 0.25 -7.18
C LEU A 67 10.19 0.17 -6.20
N GLN A 68 10.29 -0.77 -5.26
CA GLN A 68 9.24 -0.94 -4.26
C GLN A 68 9.06 0.32 -3.43
N VAL A 69 10.16 0.79 -2.83
CA VAL A 69 10.11 2.00 -2.00
C VAL A 69 9.50 3.17 -2.78
N LYS A 70 9.70 3.18 -4.09
CA LYS A 70 9.16 4.23 -4.93
C LYS A 70 7.69 4.00 -5.24
N LYS A 71 7.32 2.74 -5.43
CA LYS A 71 5.94 2.38 -5.72
C LYS A 71 5.04 2.62 -4.51
N ILE A 72 5.50 2.16 -3.34
CA ILE A 72 4.74 2.33 -2.11
C ILE A 72 4.52 3.81 -1.80
N MET A 73 5.56 4.61 -1.97
CA MET A 73 5.49 6.04 -1.71
C MET A 73 4.36 6.67 -2.52
N GLN A 74 4.30 6.36 -3.80
CA GLN A 74 3.26 6.90 -4.68
C GLN A 74 1.88 6.46 -4.22
N PHE A 75 1.81 5.30 -3.57
CA PHE A 75 0.55 4.77 -3.10
C PHE A 75 0.07 5.55 -1.87
N ILE A 76 0.99 5.90 -0.99
CA ILE A 76 0.67 6.65 0.21
C ILE A 76 0.17 8.05 -0.13
N ASN A 77 0.93 8.76 -0.95
CA ASN A 77 0.56 10.12 -1.35
C ASN A 77 -0.68 10.10 -2.23
N GLY A 78 -0.72 9.17 -3.19
CA GLY A 78 -1.86 9.07 -4.08
C GLY A 78 -1.86 10.14 -5.15
N SER A 79 -0.68 10.73 -5.40
CA SER A 79 -0.55 11.77 -6.40
C SER A 79 -0.97 11.28 -7.78
N GLY A 80 -1.88 12.01 -8.42
CA GLY A 80 -2.36 11.62 -9.74
C GLY A 80 -2.91 12.79 -10.52
N PRO A 81 -3.29 12.54 -11.78
CA PRO A 81 -3.85 13.57 -12.66
C PRO A 81 -5.24 14.01 -12.23
N SER A 82 -5.65 15.19 -12.67
CA SER A 82 -6.95 15.73 -12.33
C SER A 82 -7.95 15.51 -13.46
N SER A 83 -9.09 14.92 -13.14
CA SER A 83 -10.13 14.65 -14.13
C SER A 83 -9.60 13.72 -15.22
N GLY A 84 -10.48 13.31 -16.13
CA GLY A 84 -10.08 12.44 -17.21
C GLY A 84 -10.83 12.73 -18.50
N GLY A 1 -30.41 -0.98 -13.70
CA GLY A 1 -30.94 -0.29 -14.86
C GLY A 1 -29.88 -0.02 -15.90
N SER A 2 -28.99 0.93 -15.61
CA SER A 2 -27.93 1.30 -16.52
C SER A 2 -26.55 1.02 -15.90
N SER A 3 -26.26 1.71 -14.80
CA SER A 3 -24.99 1.55 -14.11
C SER A 3 -25.00 2.27 -12.77
N GLY A 4 -24.08 1.89 -11.89
CA GLY A 4 -24.00 2.51 -10.58
C GLY A 4 -24.62 1.64 -9.49
N SER A 5 -24.13 0.42 -9.37
CA SER A 5 -24.65 -0.51 -8.36
C SER A 5 -23.51 -1.32 -7.74
N SER A 6 -22.90 -2.19 -8.55
CA SER A 6 -21.80 -3.03 -8.08
C SER A 6 -20.50 -2.63 -8.75
N GLY A 7 -19.39 -2.79 -8.03
CA GLY A 7 -18.09 -2.44 -8.56
C GLY A 7 -16.95 -3.07 -7.78
N PRO A 8 -15.74 -3.04 -8.37
CA PRO A 8 -14.54 -3.61 -7.74
C PRO A 8 -14.09 -2.80 -6.54
N TRP A 9 -13.86 -3.48 -5.42
CA TRP A 9 -13.41 -2.81 -4.19
C TRP A 9 -12.04 -2.18 -4.39
N GLN A 10 -11.82 -1.05 -3.72
CA GLN A 10 -10.55 -0.35 -3.82
C GLN A 10 -10.20 0.33 -2.50
N PRO A 11 -8.91 0.66 -2.32
CA PRO A 11 -8.41 1.31 -1.11
C PRO A 11 -8.89 2.75 -0.99
N PRO A 12 -9.03 3.23 0.27
CA PRO A 12 -9.48 4.59 0.54
C PRO A 12 -8.45 5.63 0.15
N ALA A 13 -8.85 6.91 0.21
CA ALA A 13 -7.95 8.00 -0.12
C ALA A 13 -7.09 8.40 1.07
N ASP A 14 -7.69 8.36 2.25
CA ASP A 14 -6.98 8.72 3.49
C ASP A 14 -6.03 7.62 3.90
N LEU A 15 -6.41 6.37 3.65
CA LEU A 15 -5.59 5.22 4.01
C LEU A 15 -5.22 5.25 5.48
N SER A 16 -6.07 5.87 6.29
CA SER A 16 -5.83 5.97 7.72
C SER A 16 -6.94 5.28 8.52
N GLY A 17 -6.84 3.96 8.63
CA GLY A 17 -7.84 3.20 9.35
C GLY A 17 -7.87 1.74 8.95
N LEU A 18 -7.36 1.45 7.76
CA LEU A 18 -7.33 0.09 7.24
C LEU A 18 -6.63 -0.84 8.23
N SER A 19 -7.15 -2.06 8.36
CA SER A 19 -6.57 -3.04 9.27
C SER A 19 -5.38 -3.74 8.62
N ILE A 20 -4.62 -4.46 9.43
CA ILE A 20 -3.45 -5.18 8.94
C ILE A 20 -3.82 -6.12 7.80
N GLU A 21 -5.07 -6.56 7.78
CA GLU A 21 -5.54 -7.45 6.74
C GLU A 21 -5.96 -6.67 5.49
N GLU A 22 -6.37 -5.43 5.70
CA GLU A 22 -6.80 -4.57 4.59
C GLU A 22 -5.60 -4.06 3.80
N VAL A 23 -4.46 -3.94 4.49
CA VAL A 23 -3.24 -3.45 3.85
C VAL A 23 -2.76 -4.44 2.78
N SER A 24 -2.91 -5.73 3.07
CA SER A 24 -2.48 -6.76 2.14
C SER A 24 -3.11 -6.56 0.77
N LYS A 25 -4.31 -6.00 0.75
CA LYS A 25 -5.02 -5.74 -0.49
C LYS A 25 -4.70 -4.36 -1.04
N SER A 26 -4.35 -3.43 -0.14
CA SER A 26 -4.02 -2.07 -0.53
C SER A 26 -2.91 -2.07 -1.57
N LEU A 27 -1.98 -3.02 -1.45
CA LEU A 27 -0.86 -3.12 -2.38
C LEU A 27 -1.28 -3.87 -3.65
N ARG A 28 -2.23 -4.79 -3.50
CA ARG A 28 -2.72 -5.56 -4.63
C ARG A 28 -3.13 -4.65 -5.78
N PHE A 29 -3.59 -3.45 -5.45
CA PHE A 29 -4.02 -2.48 -6.46
C PHE A 29 -2.93 -2.27 -7.50
N ILE A 30 -1.73 -1.98 -7.04
CA ILE A 30 -0.60 -1.74 -7.94
C ILE A 30 0.03 -3.07 -8.37
N GLY A 31 -0.10 -4.08 -7.52
CA GLY A 31 0.47 -5.39 -7.84
C GLY A 31 1.94 -5.48 -7.47
N LEU A 32 2.20 -5.74 -6.19
CA LEU A 32 3.57 -5.87 -5.71
C LEU A 32 3.96 -7.33 -5.51
N SER A 33 5.20 -7.57 -5.10
CA SER A 33 5.69 -8.92 -4.88
C SER A 33 5.05 -9.53 -3.63
N GLU A 34 4.77 -10.83 -3.69
CA GLU A 34 4.16 -11.54 -2.57
C GLU A 34 4.99 -11.35 -1.30
N ASP A 35 6.31 -11.22 -1.48
CA ASP A 35 7.21 -11.04 -0.35
C ASP A 35 7.05 -9.65 0.26
N VAL A 36 6.64 -8.68 -0.56
CA VAL A 36 6.44 -7.31 -0.10
C VAL A 36 5.18 -7.20 0.76
N ILE A 37 4.07 -7.72 0.24
CA ILE A 37 2.81 -7.68 0.97
C ILE A 37 2.95 -8.30 2.36
N SER A 38 3.48 -9.52 2.40
CA SER A 38 3.66 -10.22 3.66
C SER A 38 4.63 -9.47 4.57
N PHE A 39 5.53 -8.71 3.96
CA PHE A 39 6.51 -7.95 4.72
C PHE A 39 5.84 -6.89 5.58
N PHE A 40 4.64 -6.48 5.17
CA PHE A 40 3.88 -5.47 5.90
C PHE A 40 2.99 -6.13 6.95
N VAL A 41 2.34 -7.22 6.57
CA VAL A 41 1.46 -7.95 7.48
C VAL A 41 2.24 -8.60 8.61
N THR A 42 3.51 -8.90 8.35
CA THR A 42 4.36 -9.53 9.34
C THR A 42 4.94 -8.49 10.30
N GLU A 43 5.04 -7.26 9.84
CA GLU A 43 5.57 -6.17 10.66
C GLU A 43 4.45 -5.39 11.33
N LYS A 44 3.30 -6.04 11.49
CA LYS A 44 2.15 -5.41 12.12
C LYS A 44 1.80 -4.09 11.44
N ILE A 45 2.14 -3.99 10.15
CA ILE A 45 1.87 -2.78 9.38
C ILE A 45 0.40 -2.70 9.01
N ASP A 46 -0.24 -1.59 9.40
CA ASP A 46 -1.66 -1.37 9.11
C ASP A 46 -1.85 -0.13 8.25
N GLY A 47 -3.11 0.26 8.07
CA GLY A 47 -3.41 1.44 7.26
C GLY A 47 -2.80 2.70 7.84
N ASN A 48 -3.10 2.99 9.10
CA ASN A 48 -2.58 4.18 9.77
C ASN A 48 -1.05 4.17 9.76
N LEU A 49 -0.47 2.98 9.76
CA LEU A 49 0.98 2.84 9.77
C LEU A 49 1.56 3.16 8.40
N LEU A 50 0.93 2.61 7.36
CA LEU A 50 1.39 2.84 5.99
C LEU A 50 1.48 4.33 5.69
N VAL A 51 0.39 5.05 5.92
CA VAL A 51 0.35 6.49 5.68
C VAL A 51 1.43 7.20 6.48
N GLN A 52 1.84 6.60 7.59
CA GLN A 52 2.87 7.19 8.44
C GLN A 52 4.26 6.87 7.91
N LEU A 53 4.39 5.72 7.24
CA LEU A 53 5.66 5.30 6.69
C LEU A 53 6.16 6.29 5.65
N THR A 54 7.49 6.47 5.59
CA THR A 54 8.09 7.40 4.64
C THR A 54 9.05 6.67 3.71
N GLU A 55 9.60 7.40 2.75
CA GLU A 55 10.54 6.83 1.80
C GLU A 55 11.88 6.53 2.46
N GLU A 56 12.20 7.28 3.51
CA GLU A 56 13.45 7.09 4.23
C GLU A 56 13.39 5.85 5.11
N ILE A 57 12.24 5.64 5.75
CA ILE A 57 12.06 4.49 6.63
C ILE A 57 11.93 3.20 5.82
N LEU A 58 11.47 3.33 4.58
CA LEU A 58 11.31 2.17 3.71
C LEU A 58 12.65 1.71 3.15
N SER A 59 13.60 2.65 3.05
CA SER A 59 14.92 2.34 2.53
C SER A 59 15.92 2.10 3.66
N GLU A 60 15.64 2.70 4.81
CA GLU A 60 16.50 2.54 5.98
C GLU A 60 16.16 1.28 6.75
N ASP A 61 14.94 1.24 7.29
CA ASP A 61 14.48 0.09 8.06
C ASP A 61 14.18 -1.09 7.14
N PHE A 62 13.06 -1.00 6.42
CA PHE A 62 12.66 -2.06 5.50
C PHE A 62 13.79 -2.42 4.55
N LYS A 63 14.46 -1.40 4.03
CA LYS A 63 15.57 -1.61 3.10
C LYS A 63 15.10 -2.30 1.84
N LEU A 64 13.82 -2.12 1.50
CA LEU A 64 13.25 -2.73 0.31
C LEU A 64 13.98 -2.26 -0.95
N SER A 65 13.55 -2.77 -2.09
CA SER A 65 14.17 -2.41 -3.37
C SER A 65 13.83 -0.97 -3.74
N LYS A 66 14.75 -0.33 -4.46
CA LYS A 66 14.55 1.05 -4.88
C LYS A 66 13.21 1.23 -5.58
N LEU A 67 12.78 0.19 -6.30
CA LEU A 67 11.52 0.23 -7.01
C LEU A 67 10.34 0.15 -6.05
N GLN A 68 10.43 -0.77 -5.08
CA GLN A 68 9.38 -0.94 -4.09
C GLN A 68 9.18 0.33 -3.27
N VAL A 69 10.27 0.82 -2.68
CA VAL A 69 10.22 2.02 -1.85
C VAL A 69 9.63 3.19 -2.65
N LYS A 70 9.77 3.13 -3.97
CA LYS A 70 9.25 4.19 -4.83
C LYS A 70 7.79 3.94 -5.17
N LYS A 71 7.40 2.67 -5.17
CA LYS A 71 6.02 2.29 -5.47
C LYS A 71 5.11 2.50 -4.27
N ILE A 72 5.58 2.07 -3.11
CA ILE A 72 4.81 2.21 -1.88
C ILE A 72 4.41 3.67 -1.63
N MET A 73 5.41 4.54 -1.55
CA MET A 73 5.16 5.96 -1.33
C MET A 73 4.17 6.50 -2.34
N GLN A 74 4.38 6.17 -3.62
CA GLN A 74 3.50 6.62 -4.69
C GLN A 74 2.05 6.25 -4.39
N PHE A 75 1.85 5.15 -3.68
CA PHE A 75 0.52 4.68 -3.34
C PHE A 75 -0.04 5.46 -2.16
N ILE A 76 0.85 5.85 -1.24
CA ILE A 76 0.44 6.61 -0.06
C ILE A 76 -0.08 7.99 -0.45
N ASN A 77 0.77 8.76 -1.12
CA ASN A 77 0.40 10.10 -1.56
C ASN A 77 -0.58 10.05 -2.72
N GLY A 78 -0.35 9.11 -3.64
CA GLY A 78 -1.23 8.98 -4.79
C GLY A 78 -1.31 10.25 -5.61
N SER A 79 -0.16 10.71 -6.10
CA SER A 79 -0.11 11.92 -6.90
C SER A 79 0.24 11.61 -8.35
N GLY A 80 -0.39 12.34 -9.28
CA GLY A 80 -0.14 12.11 -10.69
C GLY A 80 -0.21 13.39 -11.50
N PRO A 81 0.76 14.29 -11.27
CA PRO A 81 0.82 15.58 -11.98
C PRO A 81 1.17 15.42 -13.45
N SER A 82 0.16 15.46 -14.31
CA SER A 82 0.36 15.31 -15.74
C SER A 82 -0.56 16.25 -16.52
N SER A 83 -0.05 16.76 -17.64
CA SER A 83 -0.82 17.67 -18.48
C SER A 83 -1.75 16.90 -19.42
N GLY A 84 -2.87 16.43 -18.88
CA GLY A 84 -3.83 15.69 -19.68
C GLY A 84 -3.20 14.49 -20.34
N GLY A 1 -20.31 -15.56 -20.51
CA GLY A 1 -19.06 -16.25 -20.27
C GLY A 1 -18.75 -16.40 -18.80
N SER A 2 -18.39 -17.61 -18.39
CA SER A 2 -18.07 -17.89 -16.99
C SER A 2 -16.63 -17.49 -16.67
N SER A 3 -16.43 -16.90 -15.50
CA SER A 3 -15.11 -16.47 -15.08
C SER A 3 -15.02 -16.38 -13.56
N GLY A 4 -15.88 -15.55 -12.97
CA GLY A 4 -15.88 -15.39 -11.53
C GLY A 4 -16.90 -14.37 -11.05
N SER A 5 -16.81 -13.99 -9.79
CA SER A 5 -17.74 -13.02 -9.22
C SER A 5 -17.34 -11.60 -9.60
N SER A 6 -18.29 -10.68 -9.50
CA SER A 6 -18.04 -9.28 -9.83
C SER A 6 -17.89 -8.44 -8.58
N GLY A 7 -17.77 -7.12 -8.75
CA GLY A 7 -17.62 -6.23 -7.62
C GLY A 7 -16.18 -5.81 -7.41
N PRO A 8 -15.69 -4.92 -8.29
CA PRO A 8 -14.31 -4.42 -8.21
C PRO A 8 -14.08 -3.51 -7.01
N TRP A 9 -13.24 -3.95 -6.09
CA TRP A 9 -12.93 -3.18 -4.89
C TRP A 9 -11.51 -2.63 -4.94
N GLN A 10 -11.33 -1.41 -4.43
CA GLN A 10 -10.02 -0.77 -4.42
C GLN A 10 -9.76 -0.09 -3.08
N PRO A 11 -8.48 0.17 -2.79
CA PRO A 11 -8.07 0.82 -1.54
C PRO A 11 -8.48 2.28 -1.49
N PRO A 12 -8.71 2.80 -0.27
CA PRO A 12 -9.11 4.19 -0.06
C PRO A 12 -7.98 5.18 -0.36
N ALA A 13 -8.29 6.46 -0.30
CA ALA A 13 -7.30 7.49 -0.56
C ALA A 13 -6.68 8.00 0.73
N ASP A 14 -7.43 7.90 1.83
CA ASP A 14 -6.95 8.34 3.13
C ASP A 14 -6.03 7.30 3.75
N LEU A 15 -6.41 6.04 3.63
CA LEU A 15 -5.62 4.94 4.18
C LEU A 15 -5.35 5.17 5.67
N SER A 16 -6.25 5.87 6.33
CA SER A 16 -6.11 6.16 7.75
C SER A 16 -7.15 5.39 8.57
N GLY A 17 -7.55 4.23 8.06
CA GLY A 17 -8.54 3.42 8.75
C GLY A 17 -8.57 1.99 8.24
N LEU A 18 -7.43 1.53 7.72
CA LEU A 18 -7.34 0.17 7.19
C LEU A 18 -6.60 -0.74 8.17
N SER A 19 -7.10 -1.94 8.35
CA SER A 19 -6.49 -2.91 9.26
C SER A 19 -5.33 -3.64 8.58
N ILE A 20 -4.62 -4.46 9.35
CA ILE A 20 -3.50 -5.21 8.81
C ILE A 20 -3.94 -6.13 7.69
N GLU A 21 -5.21 -6.52 7.71
CA GLU A 21 -5.76 -7.41 6.67
C GLU A 21 -6.06 -6.62 5.40
N GLU A 22 -6.47 -5.37 5.57
CA GLU A 22 -6.79 -4.52 4.43
C GLU A 22 -5.53 -4.12 3.67
N VAL A 23 -4.44 -3.92 4.40
CA VAL A 23 -3.17 -3.54 3.81
C VAL A 23 -2.73 -4.55 2.74
N SER A 24 -2.86 -5.83 3.07
CA SER A 24 -2.48 -6.90 2.15
C SER A 24 -3.14 -6.70 0.79
N LYS A 25 -4.33 -6.10 0.81
CA LYS A 25 -5.07 -5.86 -0.43
C LYS A 25 -4.73 -4.48 -1.01
N SER A 26 -4.34 -3.56 -0.13
CA SER A 26 -3.98 -2.21 -0.56
C SER A 26 -2.94 -2.25 -1.67
N LEU A 27 -1.89 -3.04 -1.45
CA LEU A 27 -0.81 -3.16 -2.42
C LEU A 27 -1.28 -3.91 -3.67
N ARG A 28 -2.26 -4.79 -3.49
CA ARG A 28 -2.81 -5.57 -4.59
C ARG A 28 -3.23 -4.65 -5.74
N PHE A 29 -3.64 -3.44 -5.40
CA PHE A 29 -4.07 -2.47 -6.40
C PHE A 29 -3.01 -2.31 -7.50
N ILE A 30 -1.78 -2.08 -7.08
CA ILE A 30 -0.68 -1.90 -8.02
C ILE A 30 -0.09 -3.25 -8.43
N GLY A 31 -0.23 -4.24 -7.56
CA GLY A 31 0.28 -5.57 -7.85
C GLY A 31 1.75 -5.70 -7.50
N LEU A 32 2.03 -6.01 -6.24
CA LEU A 32 3.41 -6.16 -5.77
C LEU A 32 3.73 -7.63 -5.51
N SER A 33 4.97 -7.89 -5.10
CA SER A 33 5.40 -9.25 -4.80
C SER A 33 4.80 -9.75 -3.49
N GLU A 34 4.45 -11.03 -3.46
CA GLU A 34 3.86 -11.63 -2.26
C GLU A 34 4.74 -11.38 -1.05
N ASP A 35 6.05 -11.41 -1.25
CA ASP A 35 7.00 -11.19 -0.17
C ASP A 35 6.81 -9.81 0.45
N VAL A 36 6.73 -8.78 -0.39
CA VAL A 36 6.54 -7.42 0.08
C VAL A 36 5.27 -7.29 0.90
N ILE A 37 4.16 -7.75 0.33
CA ILE A 37 2.87 -7.70 1.02
C ILE A 37 2.95 -8.34 2.40
N SER A 38 3.38 -9.59 2.44
CA SER A 38 3.50 -10.33 3.69
C SER A 38 4.48 -9.64 4.63
N PHE A 39 5.45 -8.92 4.05
CA PHE A 39 6.44 -8.21 4.83
C PHE A 39 5.80 -7.15 5.71
N PHE A 40 4.65 -6.65 5.27
CA PHE A 40 3.92 -5.62 6.01
C PHE A 40 2.98 -6.25 7.02
N VAL A 41 2.25 -7.28 6.59
CA VAL A 41 1.30 -7.96 7.46
C VAL A 41 2.02 -8.70 8.59
N THR A 42 3.28 -9.04 8.36
CA THR A 42 4.08 -9.74 9.36
C THR A 42 4.69 -8.77 10.36
N GLU A 43 4.87 -7.52 9.92
CA GLU A 43 5.45 -6.49 10.78
C GLU A 43 4.36 -5.67 11.46
N LYS A 44 3.17 -6.26 11.58
CA LYS A 44 2.05 -5.58 12.21
C LYS A 44 1.75 -4.25 11.51
N ILE A 45 2.13 -4.16 10.25
CA ILE A 45 1.90 -2.94 9.48
C ILE A 45 0.45 -2.82 9.06
N ASP A 46 -0.18 -1.70 9.42
CA ASP A 46 -1.57 -1.46 9.08
C ASP A 46 -1.71 -0.19 8.26
N GLY A 47 -2.96 0.24 8.06
CA GLY A 47 -3.21 1.44 7.27
C GLY A 47 -2.54 2.67 7.88
N ASN A 48 -2.86 2.95 9.14
CA ASN A 48 -2.30 4.11 9.84
C ASN A 48 -0.78 4.04 9.83
N LEU A 49 -0.23 2.83 9.79
CA LEU A 49 1.22 2.63 9.78
C LEU A 49 1.80 2.93 8.40
N LEU A 50 1.10 2.47 7.36
CA LEU A 50 1.55 2.69 5.99
C LEU A 50 1.59 4.18 5.66
N VAL A 51 0.51 4.89 5.97
CA VAL A 51 0.43 6.32 5.71
C VAL A 51 1.49 7.08 6.49
N GLN A 52 1.94 6.49 7.61
CA GLN A 52 2.96 7.12 8.43
C GLN A 52 4.35 6.86 7.88
N LEU A 53 4.52 5.69 7.26
CA LEU A 53 5.81 5.31 6.69
C LEU A 53 6.29 6.37 5.68
N THR A 54 7.60 6.53 5.59
CA THR A 54 8.19 7.50 4.67
C THR A 54 9.23 6.85 3.78
N GLU A 55 9.53 7.49 2.65
CA GLU A 55 10.51 6.97 1.71
C GLU A 55 11.84 6.69 2.41
N GLU A 56 12.13 7.47 3.46
CA GLU A 56 13.36 7.31 4.22
C GLU A 56 13.30 6.05 5.08
N ILE A 57 12.16 5.82 5.71
CA ILE A 57 11.97 4.67 6.58
C ILE A 57 11.83 3.39 5.75
N LEU A 58 11.34 3.54 4.53
CA LEU A 58 11.15 2.39 3.64
C LEU A 58 12.49 1.86 3.15
N SER A 59 13.50 2.73 3.12
CA SER A 59 14.83 2.35 2.67
C SER A 59 15.75 2.13 3.86
N GLU A 60 15.46 2.80 4.96
CA GLU A 60 16.27 2.67 6.17
C GLU A 60 15.94 1.39 6.93
N ASP A 61 14.70 1.27 7.36
CA ASP A 61 14.25 0.09 8.09
C ASP A 61 13.92 -1.06 7.13
N PHE A 62 12.86 -0.88 6.36
CA PHE A 62 12.43 -1.89 5.39
C PHE A 62 13.57 -2.25 4.44
N LYS A 63 14.26 -1.23 3.95
CA LYS A 63 15.38 -1.43 3.03
C LYS A 63 14.92 -2.17 1.77
N LEU A 64 13.66 -1.97 1.40
CA LEU A 64 13.10 -2.61 0.22
C LEU A 64 13.83 -2.17 -1.04
N SER A 65 13.44 -2.73 -2.18
CA SER A 65 14.06 -2.39 -3.45
C SER A 65 13.79 -0.95 -3.82
N LYS A 66 14.73 -0.34 -4.53
CA LYS A 66 14.59 1.05 -4.96
C LYS A 66 13.27 1.28 -5.68
N LEU A 67 12.82 0.25 -6.39
CA LEU A 67 11.56 0.33 -7.13
C LEU A 67 10.36 0.23 -6.18
N GLN A 68 10.48 -0.64 -5.19
CA GLN A 68 9.41 -0.82 -4.21
C GLN A 68 9.20 0.43 -3.37
N VAL A 69 10.29 0.95 -2.81
CA VAL A 69 10.23 2.14 -1.98
C VAL A 69 9.64 3.32 -2.76
N LYS A 70 9.84 3.30 -4.07
CA LYS A 70 9.32 4.37 -4.93
C LYS A 70 7.86 4.11 -5.29
N LYS A 71 7.47 2.85 -5.28
CA LYS A 71 6.10 2.46 -5.60
C LYS A 71 5.18 2.68 -4.42
N ILE A 72 5.57 2.14 -3.26
CA ILE A 72 4.78 2.27 -2.05
C ILE A 72 4.51 3.73 -1.72
N MET A 73 5.55 4.56 -1.79
CA MET A 73 5.42 5.99 -1.51
C MET A 73 4.36 6.62 -2.41
N GLN A 74 4.35 6.22 -3.68
CA GLN A 74 3.39 6.75 -4.64
C GLN A 74 1.97 6.31 -4.29
N PHE A 75 1.86 5.16 -3.64
CA PHE A 75 0.56 4.63 -3.25
C PHE A 75 -0.02 5.41 -2.08
N ILE A 76 0.86 5.96 -1.24
CA ILE A 76 0.43 6.74 -0.09
C ILE A 76 -0.02 8.13 -0.49
N ASN A 77 0.91 8.92 -1.02
CA ASN A 77 0.62 10.27 -1.46
C ASN A 77 -0.41 10.27 -2.60
N GLY A 78 -0.46 9.17 -3.34
CA GLY A 78 -1.39 9.06 -4.45
C GLY A 78 -1.10 10.05 -5.56
N SER A 79 -0.06 9.78 -6.33
CA SER A 79 0.32 10.66 -7.43
C SER A 79 -0.01 10.02 -8.77
N GLY A 80 -0.40 10.86 -9.74
CA GLY A 80 -0.74 10.36 -11.06
C GLY A 80 -2.08 9.66 -11.08
N PRO A 81 -2.56 9.32 -12.29
CA PRO A 81 -3.85 8.64 -12.47
C PRO A 81 -3.82 7.20 -11.97
N SER A 82 -5.00 6.64 -11.75
CA SER A 82 -5.11 5.27 -11.26
C SER A 82 -6.30 4.56 -11.90
N SER A 83 -6.03 3.45 -12.56
CA SER A 83 -7.07 2.67 -13.23
C SER A 83 -7.88 3.55 -14.17
N GLY A 84 -7.22 4.54 -14.77
CA GLY A 84 -7.90 5.44 -15.68
C GLY A 84 -7.18 6.77 -15.82
N GLY A 1 -18.44 -21.44 -2.41
CA GLY A 1 -17.76 -20.36 -1.72
C GLY A 1 -18.45 -19.02 -1.89
N SER A 2 -19.64 -18.89 -1.32
CA SER A 2 -20.40 -17.65 -1.43
C SER A 2 -20.80 -17.14 -0.05
N SER A 3 -21.39 -15.95 -0.02
CA SER A 3 -21.82 -15.34 1.23
C SER A 3 -23.18 -14.67 1.08
N GLY A 4 -23.36 -13.98 -0.03
CA GLY A 4 -24.62 -13.30 -0.29
C GLY A 4 -24.44 -12.04 -1.13
N SER A 5 -23.36 -11.32 -0.89
CA SER A 5 -23.08 -10.09 -1.63
C SER A 5 -21.59 -9.95 -1.91
N SER A 6 -21.25 -9.64 -3.15
CA SER A 6 -19.86 -9.48 -3.56
C SER A 6 -19.73 -8.45 -4.68
N GLY A 7 -18.51 -7.97 -4.90
CA GLY A 7 -18.27 -6.99 -5.94
C GLY A 7 -16.86 -6.48 -5.94
N PRO A 8 -16.56 -5.52 -6.84
CA PRO A 8 -15.23 -4.92 -6.96
C PRO A 8 -14.89 -4.04 -5.77
N TRP A 9 -13.82 -4.40 -5.06
CA TRP A 9 -13.38 -3.64 -3.90
C TRP A 9 -12.07 -2.91 -4.18
N GLN A 10 -11.92 -1.72 -3.62
CA GLN A 10 -10.72 -0.92 -3.82
C GLN A 10 -10.35 -0.18 -2.55
N PRO A 11 -9.08 0.25 -2.46
CA PRO A 11 -8.57 0.98 -1.29
C PRO A 11 -9.15 2.39 -1.18
N PRO A 12 -9.25 2.89 0.05
CA PRO A 12 -9.80 4.23 0.32
C PRO A 12 -8.87 5.33 -0.16
N ALA A 13 -9.25 6.58 0.09
CA ALA A 13 -8.46 7.73 -0.32
C ALA A 13 -7.63 8.26 0.86
N ASP A 14 -8.14 8.07 2.06
CA ASP A 14 -7.45 8.54 3.27
C ASP A 14 -6.47 7.48 3.77
N LEU A 15 -6.81 6.21 3.55
CA LEU A 15 -5.96 5.11 3.98
C LEU A 15 -5.63 5.22 5.48
N SER A 16 -6.54 5.84 6.22
CA SER A 16 -6.35 6.01 7.66
C SER A 16 -7.40 5.24 8.44
N GLY A 17 -7.86 4.13 7.87
CA GLY A 17 -8.86 3.30 8.53
C GLY A 17 -8.83 1.86 8.06
N LEU A 18 -7.68 1.45 7.51
CA LEU A 18 -7.52 0.08 7.02
C LEU A 18 -6.84 -0.79 8.08
N SER A 19 -7.23 -2.06 8.14
CA SER A 19 -6.65 -2.99 9.09
C SER A 19 -5.40 -3.65 8.52
N ILE A 20 -4.64 -4.32 9.38
CA ILE A 20 -3.42 -5.00 8.96
C ILE A 20 -3.71 -5.97 7.82
N GLU A 21 -4.94 -6.47 7.77
CA GLU A 21 -5.34 -7.42 6.73
C GLU A 21 -5.74 -6.68 5.45
N GLU A 22 -6.28 -5.48 5.61
CA GLU A 22 -6.70 -4.68 4.47
C GLU A 22 -5.50 -4.16 3.68
N VAL A 23 -4.48 -3.71 4.41
CA VAL A 23 -3.27 -3.19 3.79
C VAL A 23 -2.68 -4.20 2.81
N SER A 24 -2.80 -5.49 3.15
CA SER A 24 -2.27 -6.55 2.31
C SER A 24 -2.84 -6.45 0.90
N LYS A 25 -4.06 -5.94 0.78
CA LYS A 25 -4.71 -5.79 -0.51
C LYS A 25 -4.41 -4.43 -1.11
N SER A 26 -4.14 -3.45 -0.26
CA SER A 26 -3.85 -2.10 -0.71
C SER A 26 -2.72 -2.11 -1.73
N LEU A 27 -1.76 -3.01 -1.55
CA LEU A 27 -0.62 -3.12 -2.45
C LEU A 27 -1.00 -3.88 -3.71
N ARG A 28 -1.96 -4.80 -3.58
CA ARG A 28 -2.42 -5.60 -4.72
C ARG A 28 -2.90 -4.70 -5.85
N PHE A 29 -3.36 -3.50 -5.50
CA PHE A 29 -3.85 -2.54 -6.48
C PHE A 29 -2.80 -2.30 -7.56
N ILE A 30 -1.58 -2.00 -7.15
CA ILE A 30 -0.49 -1.74 -8.08
C ILE A 30 0.21 -3.04 -8.47
N GLY A 31 0.12 -4.04 -7.61
CA GLY A 31 0.75 -5.32 -7.88
C GLY A 31 2.21 -5.36 -7.45
N LEU A 32 2.45 -5.78 -6.23
CA LEU A 32 3.81 -5.86 -5.69
C LEU A 32 4.22 -7.32 -5.46
N SER A 33 5.42 -7.50 -4.92
CA SER A 33 5.93 -8.85 -4.64
C SER A 33 5.18 -9.47 -3.48
N GLU A 34 4.93 -10.78 -3.57
CA GLU A 34 4.23 -11.50 -2.53
C GLU A 34 4.97 -11.38 -1.20
N ASP A 35 6.28 -11.19 -1.27
CA ASP A 35 7.09 -11.06 -0.06
C ASP A 35 6.85 -9.71 0.61
N VAL A 36 6.75 -8.66 -0.21
CA VAL A 36 6.52 -7.32 0.31
C VAL A 36 5.20 -7.24 1.07
N ILE A 37 4.13 -7.69 0.43
CA ILE A 37 2.81 -7.67 1.05
C ILE A 37 2.83 -8.33 2.42
N SER A 38 3.45 -9.51 2.49
CA SER A 38 3.54 -10.25 3.74
C SER A 38 4.50 -9.57 4.71
N PHE A 39 5.46 -8.84 4.16
CA PHE A 39 6.45 -8.14 4.97
C PHE A 39 5.79 -7.04 5.80
N PHE A 40 4.66 -6.53 5.31
CA PHE A 40 3.93 -5.48 6.00
C PHE A 40 3.13 -6.05 7.17
N VAL A 41 2.22 -6.96 6.86
CA VAL A 41 1.38 -7.59 7.88
C VAL A 41 2.23 -8.15 9.01
N THR A 42 3.25 -8.92 8.64
CA THR A 42 4.15 -9.54 9.62
C THR A 42 4.80 -8.47 10.50
N GLU A 43 4.91 -7.27 9.97
CA GLU A 43 5.53 -6.17 10.70
C GLU A 43 4.47 -5.32 11.40
N LYS A 44 3.32 -5.91 11.65
CA LYS A 44 2.21 -5.22 12.30
C LYS A 44 1.84 -3.95 11.54
N ILE A 45 2.13 -3.93 10.24
CA ILE A 45 1.82 -2.78 9.41
C ILE A 45 0.34 -2.72 9.08
N ASP A 46 -0.32 -1.65 9.53
CA ASP A 46 -1.74 -1.47 9.28
C ASP A 46 -1.98 -0.25 8.40
N GLY A 47 -3.25 0.10 8.22
CA GLY A 47 -3.59 1.24 7.39
C GLY A 47 -2.97 2.52 7.88
N ASN A 48 -3.27 2.89 9.13
CA ASN A 48 -2.73 4.11 9.72
C ASN A 48 -1.20 4.10 9.68
N LEU A 49 -0.63 2.90 9.67
CA LEU A 49 0.83 2.75 9.64
C LEU A 49 1.37 3.01 8.23
N LEU A 50 0.65 2.49 7.23
CA LEU A 50 1.06 2.66 5.84
C LEU A 50 1.16 4.13 5.48
N VAL A 51 0.14 4.91 5.83
CA VAL A 51 0.11 6.34 5.55
C VAL A 51 1.18 7.07 6.35
N GLN A 52 1.57 6.49 7.48
CA GLN A 52 2.58 7.09 8.35
C GLN A 52 3.99 6.76 7.85
N LEU A 53 4.12 5.60 7.19
CA LEU A 53 5.41 5.17 6.66
C LEU A 53 5.99 6.22 5.72
N THR A 54 7.31 6.33 5.71
CA THR A 54 8.00 7.29 4.86
C THR A 54 8.88 6.59 3.83
N GLU A 55 9.66 7.37 3.09
CA GLU A 55 10.55 6.83 2.07
C GLU A 55 11.92 6.48 2.67
N GLU A 56 12.35 7.28 3.64
CA GLU A 56 13.63 7.06 4.28
C GLU A 56 13.60 5.81 5.15
N ILE A 57 12.42 5.49 5.67
CA ILE A 57 12.24 4.31 6.52
C ILE A 57 12.13 3.05 5.68
N LEU A 58 11.56 3.16 4.49
CA LEU A 58 11.41 2.03 3.59
C LEU A 58 12.76 1.52 3.12
N SER A 59 13.75 2.41 3.09
CA SER A 59 15.09 2.05 2.65
C SER A 59 16.00 1.77 3.84
N GLU A 60 15.67 2.38 4.98
CA GLU A 60 16.46 2.20 6.20
C GLU A 60 16.08 0.89 6.89
N ASP A 61 14.79 0.75 7.20
CA ASP A 61 14.30 -0.44 7.88
C ASP A 61 13.97 -1.54 6.87
N PHE A 62 12.88 -1.34 6.13
CA PHE A 62 12.45 -2.32 5.13
C PHE A 62 13.59 -2.66 4.18
N LYS A 63 14.44 -1.67 3.92
CA LYS A 63 15.58 -1.86 3.01
C LYS A 63 15.13 -2.44 1.68
N LEU A 64 13.91 -2.09 1.27
CA LEU A 64 13.35 -2.57 0.01
C LEU A 64 14.13 -2.00 -1.17
N SER A 65 13.71 -2.37 -2.38
CA SER A 65 14.37 -1.90 -3.60
C SER A 65 13.88 -0.50 -3.97
N LYS A 66 14.67 0.20 -4.77
CA LYS A 66 14.32 1.55 -5.21
C LYS A 66 12.95 1.57 -5.87
N LEU A 67 12.63 0.51 -6.61
CA LEU A 67 11.35 0.40 -7.29
C LEU A 67 10.21 0.28 -6.29
N GLN A 68 10.42 -0.54 -5.26
CA GLN A 68 9.40 -0.74 -4.23
C GLN A 68 9.21 0.52 -3.40
N VAL A 69 10.32 1.08 -2.92
CA VAL A 69 10.27 2.29 -2.10
C VAL A 69 9.55 3.42 -2.84
N LYS A 70 9.59 3.37 -4.16
CA LYS A 70 8.95 4.39 -4.99
C LYS A 70 7.48 4.05 -5.21
N LYS A 71 7.21 2.81 -5.63
CA LYS A 71 5.85 2.37 -5.89
C LYS A 71 4.99 2.52 -4.63
N ILE A 72 5.44 1.93 -3.54
CA ILE A 72 4.71 2.00 -2.28
C ILE A 72 4.40 3.44 -1.90
N MET A 73 5.45 4.25 -1.78
CA MET A 73 5.29 5.66 -1.43
C MET A 73 4.30 6.35 -2.37
N GLN A 74 4.43 6.07 -3.66
CA GLN A 74 3.55 6.66 -4.67
C GLN A 74 2.08 6.34 -4.36
N PHE A 75 1.86 5.22 -3.69
CA PHE A 75 0.51 4.80 -3.33
C PHE A 75 0.03 5.51 -2.07
N ILE A 76 0.97 5.88 -1.21
CA ILE A 76 0.65 6.58 0.03
C ILE A 76 0.19 8.00 -0.24
N ASN A 77 1.07 8.81 -0.83
CA ASN A 77 0.73 10.19 -1.16
C ASN A 77 -0.23 10.27 -2.33
N GLY A 78 -0.09 9.34 -3.26
CA GLY A 78 -0.97 9.31 -4.43
C GLY A 78 -0.69 10.45 -5.37
N SER A 79 0.52 10.49 -5.93
CA SER A 79 0.91 11.54 -6.86
C SER A 79 0.09 11.47 -8.14
N GLY A 80 -0.59 12.58 -8.45
CA GLY A 80 -1.41 12.62 -9.65
C GLY A 80 -0.58 12.54 -10.92
N PRO A 81 -1.27 12.42 -12.08
CA PRO A 81 -0.61 12.34 -13.38
C PRO A 81 0.05 13.66 -13.79
N SER A 82 1.23 13.90 -13.25
CA SER A 82 1.96 15.13 -13.56
C SER A 82 3.47 14.93 -13.35
N SER A 83 4.22 14.98 -14.44
CA SER A 83 5.67 14.80 -14.38
C SER A 83 6.02 13.42 -13.81
N GLY A 84 5.66 12.38 -14.54
CA GLY A 84 5.95 11.03 -14.10
C GLY A 84 5.03 10.57 -12.99
N GLY A 1 -11.99 9.25 -20.92
CA GLY A 1 -13.22 9.75 -20.33
C GLY A 1 -13.23 9.60 -18.83
N SER A 2 -14.39 9.86 -18.21
CA SER A 2 -14.53 9.75 -16.77
C SER A 2 -14.27 8.33 -16.30
N SER A 3 -14.61 7.37 -17.13
CA SER A 3 -14.41 5.96 -16.80
C SER A 3 -15.13 5.60 -15.51
N GLY A 4 -16.38 6.02 -15.39
CA GLY A 4 -17.16 5.74 -14.21
C GLY A 4 -17.54 4.27 -14.10
N SER A 5 -16.65 3.48 -13.52
CA SER A 5 -16.90 2.05 -13.35
C SER A 5 -17.09 1.69 -11.88
N SER A 6 -17.88 0.66 -11.63
CA SER A 6 -18.15 0.22 -10.26
C SER A 6 -18.34 -1.29 -10.21
N GLY A 7 -17.31 -2.00 -9.74
CA GLY A 7 -17.39 -3.45 -9.65
C GLY A 7 -16.39 -4.01 -8.64
N PRO A 8 -15.11 -4.03 -9.02
CA PRO A 8 -14.05 -4.54 -8.17
C PRO A 8 -13.78 -3.64 -6.96
N TRP A 9 -13.24 -4.22 -5.90
CA TRP A 9 -12.93 -3.47 -4.69
C TRP A 9 -11.59 -2.77 -4.80
N GLN A 10 -11.50 -1.58 -4.22
CA GLN A 10 -10.25 -0.80 -4.26
C GLN A 10 -10.04 -0.06 -2.95
N PRO A 11 -8.78 0.35 -2.70
CA PRO A 11 -8.41 1.09 -1.49
C PRO A 11 -8.99 2.49 -1.46
N PRO A 12 -9.25 3.01 -0.25
CA PRO A 12 -9.79 4.35 -0.06
C PRO A 12 -8.79 5.45 -0.43
N ALA A 13 -9.21 6.70 -0.28
CA ALA A 13 -8.34 7.84 -0.59
C ALA A 13 -7.69 8.39 0.67
N ASP A 14 -7.55 7.55 1.69
CA ASP A 14 -6.95 7.95 2.95
C ASP A 14 -5.94 6.91 3.42
N LEU A 15 -6.29 5.64 3.28
CA LEU A 15 -5.41 4.55 3.70
C LEU A 15 -5.07 4.67 5.17
N SER A 16 -5.97 5.27 5.95
CA SER A 16 -5.76 5.44 7.38
C SER A 16 -6.71 4.55 8.18
N GLY A 17 -7.90 4.32 7.63
CA GLY A 17 -8.86 3.49 8.31
C GLY A 17 -8.81 2.03 7.86
N LEU A 18 -7.65 1.62 7.36
CA LEU A 18 -7.47 0.25 6.89
C LEU A 18 -6.72 -0.58 7.93
N SER A 19 -7.09 -1.86 8.03
CA SER A 19 -6.46 -2.76 8.99
C SER A 19 -5.33 -3.55 8.32
N ILE A 20 -4.60 -4.32 9.13
CA ILE A 20 -3.49 -5.12 8.62
C ILE A 20 -3.94 -6.02 7.49
N GLU A 21 -5.12 -6.63 7.65
CA GLU A 21 -5.66 -7.53 6.64
C GLU A 21 -6.03 -6.77 5.38
N GLU A 22 -6.34 -5.49 5.53
CA GLU A 22 -6.72 -4.64 4.40
C GLU A 22 -5.49 -4.23 3.61
N VAL A 23 -4.41 -3.91 4.31
CA VAL A 23 -3.16 -3.50 3.66
C VAL A 23 -2.67 -4.56 2.68
N SER A 24 -2.89 -5.83 3.04
CA SER A 24 -2.47 -6.94 2.18
C SER A 24 -3.08 -6.81 0.79
N LYS A 25 -4.24 -6.16 0.71
CA LYS A 25 -4.91 -5.96 -0.56
C LYS A 25 -4.59 -4.59 -1.15
N SER A 26 -4.33 -3.63 -0.28
CA SER A 26 -4.00 -2.28 -0.72
C SER A 26 -2.86 -2.28 -1.73
N LEU A 27 -1.83 -3.09 -1.44
CA LEU A 27 -0.67 -3.19 -2.32
C LEU A 27 -1.04 -3.92 -3.61
N ARG A 28 -1.99 -4.85 -3.52
CA ARG A 28 -2.42 -5.61 -4.68
C ARG A 28 -2.84 -4.69 -5.81
N PHE A 29 -3.30 -3.49 -5.46
CA PHE A 29 -3.74 -2.51 -6.45
C PHE A 29 -2.63 -2.22 -7.45
N ILE A 30 -1.42 -2.00 -6.93
CA ILE A 30 -0.27 -1.70 -7.79
C ILE A 30 0.41 -2.99 -8.24
N GLY A 31 0.27 -4.05 -7.45
CA GLY A 31 0.87 -5.31 -7.79
C GLY A 31 2.32 -5.41 -7.36
N LEU A 32 2.53 -5.78 -6.09
CA LEU A 32 3.88 -5.91 -5.55
C LEU A 32 4.25 -7.37 -5.36
N SER A 33 5.47 -7.60 -4.86
CA SER A 33 5.95 -8.96 -4.63
C SER A 33 5.23 -9.60 -3.45
N GLU A 34 4.92 -10.88 -3.58
CA GLU A 34 4.23 -11.61 -2.52
C GLU A 34 4.96 -11.48 -1.19
N ASP A 35 6.28 -11.31 -1.27
CA ASP A 35 7.11 -11.17 -0.08
C ASP A 35 6.93 -9.80 0.56
N VAL A 36 6.79 -8.78 -0.29
CA VAL A 36 6.62 -7.41 0.18
C VAL A 36 5.33 -7.28 0.99
N ILE A 37 4.23 -7.79 0.44
CA ILE A 37 2.94 -7.72 1.10
C ILE A 37 3.01 -8.33 2.50
N SER A 38 3.47 -9.57 2.58
CA SER A 38 3.59 -10.27 3.86
C SER A 38 4.54 -9.54 4.79
N PHE A 39 5.51 -8.83 4.20
CA PHE A 39 6.48 -8.08 4.98
C PHE A 39 5.81 -7.01 5.83
N PHE A 40 4.65 -6.55 5.36
CA PHE A 40 3.89 -5.52 6.07
C PHE A 40 2.98 -6.14 7.12
N VAL A 41 2.30 -7.22 6.75
CA VAL A 41 1.39 -7.91 7.66
C VAL A 41 2.15 -8.53 8.83
N THR A 42 3.39 -8.93 8.57
CA THR A 42 4.23 -9.55 9.59
C THR A 42 4.81 -8.50 10.53
N GLU A 43 4.93 -7.27 10.04
CA GLU A 43 5.47 -6.18 10.84
C GLU A 43 4.34 -5.38 11.49
N LYS A 44 3.19 -6.01 11.64
CA LYS A 44 2.03 -5.36 12.25
C LYS A 44 1.72 -4.04 11.54
N ILE A 45 2.06 -3.97 10.26
CA ILE A 45 1.81 -2.77 9.47
C ILE A 45 0.34 -2.68 9.06
N ASP A 46 -0.29 -1.56 9.38
CA ASP A 46 -1.69 -1.36 9.04
C ASP A 46 -1.86 -0.08 8.21
N GLY A 47 -3.11 0.27 7.94
CA GLY A 47 -3.39 1.46 7.15
C GLY A 47 -2.79 2.71 7.76
N ASN A 48 -3.18 3.01 8.99
CA ASN A 48 -2.66 4.20 9.68
C ASN A 48 -1.14 4.19 9.72
N LEU A 49 -0.57 2.99 9.72
CA LEU A 49 0.88 2.85 9.75
C LEU A 49 1.50 3.13 8.39
N LEU A 50 0.84 2.64 7.34
CA LEU A 50 1.32 2.84 5.98
C LEU A 50 1.37 4.33 5.63
N VAL A 51 0.28 5.03 5.90
CA VAL A 51 0.19 6.46 5.63
C VAL A 51 1.23 7.23 6.43
N GLN A 52 1.65 6.66 7.55
CA GLN A 52 2.65 7.30 8.41
C GLN A 52 4.06 6.98 7.94
N LEU A 53 4.23 5.80 7.35
CA LEU A 53 5.53 5.37 6.85
C LEU A 53 6.10 6.39 5.88
N THR A 54 7.41 6.60 5.96
CA THR A 54 8.08 7.55 5.08
C THR A 54 8.89 6.84 4.01
N GLU A 55 9.64 7.60 3.22
CA GLU A 55 10.46 7.04 2.16
C GLU A 55 11.86 6.68 2.68
N GLU A 56 12.35 7.47 3.62
CA GLU A 56 13.67 7.23 4.20
C GLU A 56 13.66 5.98 5.06
N ILE A 57 12.52 5.70 5.69
CA ILE A 57 12.39 4.53 6.54
C ILE A 57 12.19 3.26 5.72
N LEU A 58 11.56 3.41 4.55
CA LEU A 58 11.31 2.28 3.67
C LEU A 58 12.62 1.71 3.13
N SER A 59 13.65 2.55 3.06
CA SER A 59 14.95 2.12 2.57
C SER A 59 15.91 1.87 3.73
N GLU A 60 15.67 2.56 4.84
CA GLU A 60 16.53 2.41 6.02
C GLU A 60 16.19 1.13 6.79
N ASP A 61 14.94 1.05 7.25
CA ASP A 61 14.49 -0.11 8.00
C ASP A 61 14.13 -1.27 7.05
N PHE A 62 12.99 -1.13 6.38
CA PHE A 62 12.54 -2.16 5.44
C PHE A 62 13.63 -2.50 4.44
N LYS A 63 14.26 -1.46 3.89
CA LYS A 63 15.33 -1.65 2.91
C LYS A 63 14.81 -2.36 1.67
N LEU A 64 13.57 -2.07 1.29
CA LEU A 64 12.95 -2.67 0.12
C LEU A 64 13.70 -2.28 -1.15
N SER A 65 13.25 -2.82 -2.29
CA SER A 65 13.87 -2.52 -3.56
C SER A 65 13.64 -1.06 -3.96
N LYS A 66 14.57 -0.50 -4.72
CA LYS A 66 14.47 0.88 -5.17
C LYS A 66 13.13 1.13 -5.86
N LEU A 67 12.60 0.10 -6.49
CA LEU A 67 11.31 0.21 -7.19
C LEU A 67 10.15 0.16 -6.21
N GLN A 68 10.25 -0.75 -5.24
CA GLN A 68 9.20 -0.91 -4.24
C GLN A 68 9.05 0.37 -3.42
N VAL A 69 10.16 0.88 -2.91
CA VAL A 69 10.15 2.09 -2.10
C VAL A 69 9.59 3.27 -2.89
N LYS A 70 9.72 3.20 -4.21
CA LYS A 70 9.21 4.25 -5.09
C LYS A 70 7.74 4.05 -5.39
N LYS A 71 7.32 2.80 -5.48
CA LYS A 71 5.92 2.47 -5.77
C LYS A 71 5.05 2.69 -4.54
N ILE A 72 5.45 2.09 -3.42
CA ILE A 72 4.70 2.22 -2.18
C ILE A 72 4.50 3.69 -1.81
N MET A 73 5.55 4.49 -1.96
CA MET A 73 5.49 5.91 -1.64
C MET A 73 4.32 6.57 -2.37
N GLN A 74 4.31 6.46 -3.69
CA GLN A 74 3.25 7.05 -4.49
C GLN A 74 1.88 6.60 -4.00
N PHE A 75 1.79 5.36 -3.53
CA PHE A 75 0.54 4.82 -3.03
C PHE A 75 0.07 5.58 -1.78
N ILE A 76 1.03 6.00 -0.97
CA ILE A 76 0.73 6.73 0.25
C ILE A 76 0.24 8.15 -0.06
N ASN A 77 1.05 8.90 -0.79
CA ASN A 77 0.69 10.27 -1.16
C ASN A 77 -0.57 10.28 -2.02
N GLY A 78 -0.72 9.29 -2.88
CA GLY A 78 -1.89 9.21 -3.73
C GLY A 78 -1.68 9.89 -5.07
N SER A 79 -0.42 9.94 -5.51
CA SER A 79 -0.08 10.57 -6.78
C SER A 79 -0.31 9.61 -7.95
N GLY A 80 -1.33 9.90 -8.76
CA GLY A 80 -1.64 9.06 -9.89
C GLY A 80 -2.50 9.77 -10.92
N PRO A 81 -1.90 10.67 -11.69
CA PRO A 81 -2.61 11.43 -12.73
C PRO A 81 -3.03 10.56 -13.90
N SER A 82 -4.16 9.90 -13.77
CA SER A 82 -4.67 9.02 -14.82
C SER A 82 -6.11 9.40 -15.19
N SER A 83 -6.33 9.67 -16.47
CA SER A 83 -7.65 10.05 -16.96
C SER A 83 -8.11 11.36 -16.32
N GLY A 84 -8.03 12.45 -17.08
CA GLY A 84 -8.44 13.75 -16.57
C GLY A 84 -8.35 14.83 -17.62
N GLY A 1 -10.49 -2.90 -19.17
CA GLY A 1 -9.26 -3.19 -18.45
C GLY A 1 -9.48 -3.32 -16.95
N SER A 2 -10.58 -2.74 -16.46
CA SER A 2 -10.90 -2.81 -15.04
C SER A 2 -11.47 -4.17 -14.67
N SER A 3 -11.19 -4.61 -13.45
CA SER A 3 -11.67 -5.90 -12.96
C SER A 3 -12.61 -5.72 -11.77
N GLY A 4 -13.05 -6.84 -11.21
CA GLY A 4 -13.95 -6.78 -10.06
C GLY A 4 -15.40 -6.93 -10.46
N SER A 5 -15.81 -8.16 -10.76
CA SER A 5 -17.19 -8.42 -11.16
C SER A 5 -17.95 -9.17 -10.06
N SER A 6 -17.22 -9.95 -9.27
CA SER A 6 -17.82 -10.72 -8.19
C SER A 6 -17.59 -10.02 -6.85
N GLY A 7 -16.41 -9.45 -6.68
CA GLY A 7 -16.08 -8.77 -5.44
C GLY A 7 -15.43 -7.42 -5.68
N PRO A 8 -16.23 -6.43 -6.10
CA PRO A 8 -15.74 -5.07 -6.38
C PRO A 8 -15.36 -4.33 -5.11
N TRP A 9 -14.06 -4.13 -4.92
CA TRP A 9 -13.56 -3.43 -3.74
C TRP A 9 -12.23 -2.72 -4.05
N GLN A 10 -12.03 -1.56 -3.42
CA GLN A 10 -10.81 -0.80 -3.63
C GLN A 10 -10.41 -0.06 -2.36
N PRO A 11 -9.13 0.34 -2.28
CA PRO A 11 -8.59 1.06 -1.12
C PRO A 11 -9.15 2.48 -1.01
N PRO A 12 -9.23 2.99 0.22
CA PRO A 12 -9.74 4.33 0.49
C PRO A 12 -8.79 5.42 0.01
N ALA A 13 -9.14 6.67 0.26
CA ALA A 13 -8.32 7.80 -0.15
C ALA A 13 -7.52 8.36 1.03
N ASP A 14 -8.02 8.16 2.24
CA ASP A 14 -7.36 8.62 3.44
C ASP A 14 -6.40 7.57 3.97
N LEU A 15 -6.75 6.31 3.80
CA LEU A 15 -5.92 5.20 4.27
C LEU A 15 -5.61 5.35 5.75
N SER A 16 -6.51 6.00 6.48
CA SER A 16 -6.34 6.21 7.91
C SER A 16 -7.35 5.40 8.71
N GLY A 17 -7.77 4.28 8.15
CA GLY A 17 -8.74 3.42 8.81
C GLY A 17 -8.73 2.01 8.28
N LEU A 18 -7.59 1.59 7.73
CA LEU A 18 -7.45 0.25 7.18
C LEU A 18 -6.73 -0.67 8.16
N SER A 19 -7.22 -1.90 8.27
CA SER A 19 -6.62 -2.88 9.19
C SER A 19 -5.51 -3.65 8.49
N ILE A 20 -4.75 -4.42 9.27
CA ILE A 20 -3.66 -5.22 8.72
C ILE A 20 -4.16 -6.13 7.61
N GLU A 21 -5.41 -6.55 7.71
CA GLU A 21 -6.00 -7.43 6.70
C GLU A 21 -6.27 -6.68 5.40
N GLU A 22 -6.69 -5.42 5.52
CA GLU A 22 -6.98 -4.60 4.36
C GLU A 22 -5.69 -4.19 3.65
N VAL A 23 -4.65 -3.92 4.43
CA VAL A 23 -3.36 -3.51 3.88
C VAL A 23 -2.86 -4.52 2.85
N SER A 24 -3.05 -5.80 3.16
CA SER A 24 -2.62 -6.87 2.27
C SER A 24 -3.21 -6.69 0.87
N LYS A 25 -4.40 -6.10 0.82
CA LYS A 25 -5.08 -5.87 -0.46
C LYS A 25 -4.75 -4.48 -1.00
N SER A 26 -4.42 -3.56 -0.11
CA SER A 26 -4.08 -2.20 -0.50
C SER A 26 -2.99 -2.19 -1.57
N LEU A 27 -2.00 -3.07 -1.40
CA LEU A 27 -0.90 -3.16 -2.35
C LEU A 27 -1.33 -3.91 -3.60
N ARG A 28 -2.31 -4.79 -3.46
CA ARG A 28 -2.82 -5.57 -4.58
C ARG A 28 -3.22 -4.66 -5.74
N PHE A 29 -3.65 -3.45 -5.41
CA PHE A 29 -4.06 -2.49 -6.42
C PHE A 29 -2.96 -2.28 -7.46
N ILE A 30 -1.75 -1.99 -6.98
CA ILE A 30 -0.62 -1.76 -7.86
C ILE A 30 0.01 -3.08 -8.29
N GLY A 31 -0.11 -4.10 -7.44
CA GLY A 31 0.44 -5.40 -7.75
C GLY A 31 1.91 -5.50 -7.40
N LEU A 32 2.21 -5.80 -6.15
CA LEU A 32 3.59 -5.92 -5.69
C LEU A 32 3.98 -7.38 -5.50
N SER A 33 5.21 -7.62 -5.08
CA SER A 33 5.71 -8.97 -4.86
C SER A 33 5.05 -9.60 -3.64
N GLU A 34 4.76 -10.89 -3.71
CA GLU A 34 4.13 -11.61 -2.62
C GLU A 34 4.91 -11.40 -1.32
N ASP A 35 6.22 -11.32 -1.43
CA ASP A 35 7.08 -11.12 -0.26
C ASP A 35 6.93 -9.70 0.28
N VAL A 36 6.69 -8.75 -0.61
CA VAL A 36 6.54 -7.35 -0.22
C VAL A 36 5.31 -7.17 0.67
N ILE A 37 4.17 -7.68 0.21
CA ILE A 37 2.93 -7.58 0.97
C ILE A 37 3.07 -8.20 2.34
N SER A 38 3.48 -9.47 2.37
CA SER A 38 3.65 -10.18 3.63
C SER A 38 4.63 -9.45 4.55
N PHE A 39 5.55 -8.70 3.95
CA PHE A 39 6.54 -7.95 4.70
C PHE A 39 5.87 -6.89 5.58
N PHE A 40 4.69 -6.45 5.16
CA PHE A 40 3.94 -5.44 5.90
C PHE A 40 3.04 -6.08 6.95
N VAL A 41 2.37 -7.17 6.56
CA VAL A 41 1.49 -7.87 7.47
C VAL A 41 2.26 -8.52 8.61
N THR A 42 3.51 -8.87 8.35
CA THR A 42 4.37 -9.49 9.35
C THR A 42 4.97 -8.45 10.29
N GLU A 43 5.06 -7.21 9.80
CA GLU A 43 5.62 -6.12 10.60
C GLU A 43 4.51 -5.33 11.28
N LYS A 44 3.36 -5.97 11.47
CA LYS A 44 2.22 -5.32 12.11
C LYS A 44 1.89 -4.00 11.43
N ILE A 45 2.20 -3.91 10.14
CA ILE A 45 1.93 -2.69 9.37
C ILE A 45 0.46 -2.61 8.97
N ASP A 46 -0.20 -1.53 9.38
CA ASP A 46 -1.61 -1.32 9.06
C ASP A 46 -1.80 -0.06 8.23
N GLY A 47 -3.05 0.34 8.05
CA GLY A 47 -3.35 1.53 7.28
C GLY A 47 -2.72 2.78 7.86
N ASN A 48 -3.07 3.08 9.11
CA ASN A 48 -2.52 4.25 9.78
C ASN A 48 -1.00 4.24 9.78
N LEU A 49 -0.43 3.04 9.73
CA LEU A 49 1.02 2.89 9.72
C LEU A 49 1.58 3.19 8.33
N LEU A 50 0.94 2.66 7.30
CA LEU A 50 1.37 2.88 5.93
C LEU A 50 1.41 4.37 5.59
N VAL A 51 0.33 5.07 5.91
CA VAL A 51 0.24 6.50 5.65
C VAL A 51 1.31 7.27 6.41
N GLN A 52 1.78 6.68 7.52
CA GLN A 52 2.82 7.32 8.34
C GLN A 52 4.21 6.97 7.81
N LEU A 53 4.33 5.79 7.22
CA LEU A 53 5.61 5.34 6.67
C LEU A 53 6.17 6.36 5.68
N THR A 54 7.49 6.51 5.67
CA THR A 54 8.14 7.44 4.78
C THR A 54 9.02 6.72 3.76
N GLU A 55 9.77 7.48 2.98
CA GLU A 55 10.64 6.90 1.97
C GLU A 55 12.03 6.61 2.54
N GLU A 56 12.47 7.46 3.47
CA GLU A 56 13.77 7.29 4.10
C GLU A 56 13.78 6.08 5.01
N ILE A 57 12.63 5.77 5.60
CA ILE A 57 12.50 4.62 6.50
C ILE A 57 12.39 3.32 5.72
N LEU A 58 11.73 3.39 4.56
CA LEU A 58 11.55 2.22 3.71
C LEU A 58 12.89 1.66 3.25
N SER A 59 13.89 2.54 3.17
CA SER A 59 15.23 2.15 2.74
C SER A 59 16.16 1.96 3.94
N GLU A 60 15.85 2.67 5.03
CA GLU A 60 16.65 2.58 6.24
C GLU A 60 16.35 1.30 7.01
N ASP A 61 15.07 1.10 7.33
CA ASP A 61 14.64 -0.09 8.06
C ASP A 61 14.30 -1.22 7.10
N PHE A 62 13.18 -1.07 6.40
CA PHE A 62 12.73 -2.09 5.45
C PHE A 62 13.85 -2.44 4.47
N LYS A 63 14.66 -1.46 4.12
CA LYS A 63 15.77 -1.66 3.20
C LYS A 63 15.29 -2.31 1.91
N LEU A 64 14.10 -1.92 1.46
CA LEU A 64 13.53 -2.46 0.23
C LEU A 64 14.22 -1.88 -1.00
N SER A 65 13.88 -2.42 -2.16
CA SER A 65 14.47 -1.95 -3.42
C SER A 65 13.97 -0.55 -3.77
N LYS A 66 14.75 0.16 -4.58
CA LYS A 66 14.39 1.51 -5.00
C LYS A 66 13.00 1.52 -5.64
N LEU A 67 12.69 0.48 -6.39
CA LEU A 67 11.40 0.37 -7.06
C LEU A 67 10.27 0.21 -6.04
N GLN A 68 10.50 -0.63 -5.04
CA GLN A 68 9.51 -0.87 -3.99
C GLN A 68 9.27 0.39 -3.17
N VAL A 69 10.35 0.95 -2.62
CA VAL A 69 10.27 2.16 -1.81
C VAL A 69 9.52 3.26 -2.55
N LYS A 70 9.62 3.24 -3.87
CA LYS A 70 8.95 4.24 -4.71
C LYS A 70 7.49 3.88 -4.93
N LYS A 71 7.26 2.66 -5.40
CA LYS A 71 5.90 2.19 -5.65
C LYS A 71 5.03 2.32 -4.40
N ILE A 72 5.54 1.81 -3.29
CA ILE A 72 4.80 1.87 -2.03
C ILE A 72 4.45 3.31 -1.67
N MET A 73 5.44 4.19 -1.73
CA MET A 73 5.25 5.60 -1.41
C MET A 73 4.21 6.21 -2.34
N GLN A 74 4.36 5.98 -3.64
CA GLN A 74 3.43 6.51 -4.63
C GLN A 74 1.99 6.17 -4.27
N PHE A 75 1.81 5.03 -3.60
CA PHE A 75 0.48 4.59 -3.20
C PHE A 75 -0.03 5.40 -2.00
N ILE A 76 0.88 5.77 -1.12
CA ILE A 76 0.53 6.55 0.06
C ILE A 76 0.00 7.92 -0.32
N ASN A 77 0.79 8.68 -1.06
CA ASN A 77 0.40 10.02 -1.50
C ASN A 77 -0.79 9.94 -2.44
N GLY A 78 -0.72 9.05 -3.42
CA GLY A 78 -1.81 8.90 -4.37
C GLY A 78 -1.77 9.95 -5.46
N SER A 79 -1.31 9.56 -6.65
CA SER A 79 -1.22 10.48 -7.78
C SER A 79 -2.57 11.11 -8.08
N GLY A 80 -2.55 12.29 -8.67
CA GLY A 80 -3.78 12.99 -9.00
C GLY A 80 -4.24 13.92 -7.89
N PRO A 81 -3.51 15.02 -7.71
CA PRO A 81 -3.82 16.02 -6.67
C PRO A 81 -5.09 16.79 -6.99
N SER A 82 -5.23 17.21 -8.25
CA SER A 82 -6.40 17.97 -8.68
C SER A 82 -7.44 17.05 -9.31
N SER A 83 -7.13 16.54 -10.50
CA SER A 83 -8.03 15.66 -11.22
C SER A 83 -7.50 14.22 -11.22
N GLY A 84 -8.42 13.27 -11.21
CA GLY A 84 -8.03 11.86 -11.21
C GLY A 84 -7.14 11.51 -12.39
N GLY A 1 -16.05 -9.23 -21.89
CA GLY A 1 -15.05 -8.71 -20.95
C GLY A 1 -14.23 -9.79 -20.31
N SER A 2 -14.10 -9.74 -18.99
CA SER A 2 -13.32 -10.73 -18.25
C SER A 2 -14.22 -11.85 -17.76
N SER A 3 -13.61 -12.84 -17.10
CA SER A 3 -14.36 -13.98 -16.58
C SER A 3 -14.57 -13.85 -15.07
N GLY A 4 -15.83 -13.66 -14.68
CA GLY A 4 -16.14 -13.52 -13.27
C GLY A 4 -16.38 -12.08 -12.87
N SER A 5 -15.47 -11.53 -12.08
CA SER A 5 -15.59 -10.15 -11.62
C SER A 5 -16.91 -9.93 -10.89
N SER A 6 -17.12 -10.68 -9.81
CA SER A 6 -18.34 -10.58 -9.02
C SER A 6 -18.04 -10.04 -7.63
N GLY A 7 -17.57 -8.79 -7.58
CA GLY A 7 -17.25 -8.16 -6.31
C GLY A 7 -16.12 -7.16 -6.43
N PRO A 8 -16.39 -6.02 -7.09
CA PRO A 8 -15.41 -4.96 -7.28
C PRO A 8 -15.08 -4.24 -5.98
N TRP A 9 -13.79 -3.95 -5.78
CA TRP A 9 -13.36 -3.25 -4.57
C TRP A 9 -11.98 -2.62 -4.78
N GLN A 10 -11.76 -1.48 -4.15
CA GLN A 10 -10.48 -0.78 -4.26
C GLN A 10 -10.12 -0.07 -2.96
N PRO A 11 -8.84 0.25 -2.80
CA PRO A 11 -8.33 0.93 -1.59
C PRO A 11 -8.81 2.38 -1.51
N PRO A 12 -8.94 2.88 -0.27
CA PRO A 12 -9.39 4.26 -0.02
C PRO A 12 -8.36 5.29 -0.44
N ALA A 13 -8.71 6.56 -0.30
CA ALA A 13 -7.81 7.65 -0.66
C ALA A 13 -7.05 8.16 0.56
N ASP A 14 -7.71 8.14 1.71
CA ASP A 14 -7.10 8.60 2.95
C ASP A 14 -6.24 7.50 3.58
N LEU A 15 -6.61 6.25 3.34
CA LEU A 15 -5.87 5.12 3.87
C LEU A 15 -5.70 5.25 5.38
N SER A 16 -6.66 5.88 6.04
CA SER A 16 -6.62 6.07 7.48
C SER A 16 -7.70 5.24 8.16
N GLY A 17 -8.02 4.09 7.59
CA GLY A 17 -9.03 3.23 8.16
C GLY A 17 -8.91 1.79 7.68
N LEU A 18 -7.70 1.39 7.32
CA LEU A 18 -7.45 0.03 6.84
C LEU A 18 -6.74 -0.80 7.89
N SER A 19 -7.18 -2.04 8.06
CA SER A 19 -6.57 -2.95 9.04
C SER A 19 -5.30 -3.57 8.49
N ILE A 20 -4.65 -4.39 9.31
CA ILE A 20 -3.42 -5.06 8.91
C ILE A 20 -3.66 -5.99 7.73
N GLU A 21 -4.88 -6.52 7.64
CA GLU A 21 -5.24 -7.44 6.56
C GLU A 21 -5.63 -6.67 5.30
N GLU A 22 -6.28 -5.52 5.50
CA GLU A 22 -6.72 -4.68 4.39
C GLU A 22 -5.53 -4.18 3.58
N VAL A 23 -4.40 -4.00 4.26
CA VAL A 23 -3.18 -3.52 3.60
C VAL A 23 -2.68 -4.52 2.58
N SER A 24 -2.82 -5.81 2.89
CA SER A 24 -2.38 -6.86 1.99
C SER A 24 -3.00 -6.69 0.60
N LYS A 25 -4.23 -6.20 0.56
CA LYS A 25 -4.94 -5.98 -0.69
C LYS A 25 -4.58 -4.62 -1.29
N SER A 26 -4.23 -3.68 -0.42
CA SER A 26 -3.86 -2.33 -0.85
C SER A 26 -2.80 -2.38 -1.94
N LEU A 27 -1.68 -3.02 -1.63
CA LEU A 27 -0.58 -3.15 -2.58
C LEU A 27 -1.04 -3.88 -3.84
N ARG A 28 -1.97 -4.80 -3.68
CA ARG A 28 -2.49 -5.57 -4.82
C ARG A 28 -2.94 -4.64 -5.94
N PHE A 29 -3.40 -3.46 -5.58
CA PHE A 29 -3.86 -2.49 -6.56
C PHE A 29 -2.80 -2.24 -7.62
N ILE A 30 -1.54 -2.12 -7.19
CA ILE A 30 -0.44 -1.88 -8.09
C ILE A 30 0.23 -3.19 -8.49
N GLY A 31 0.15 -4.19 -7.62
CA GLY A 31 0.74 -5.49 -7.90
C GLY A 31 2.22 -5.53 -7.54
N LEU A 32 2.51 -6.00 -6.34
CA LEU A 32 3.89 -6.09 -5.87
C LEU A 32 4.25 -7.54 -5.52
N SER A 33 5.48 -7.74 -5.08
CA SER A 33 5.95 -9.07 -4.72
C SER A 33 5.28 -9.55 -3.43
N GLU A 34 4.96 -10.85 -3.40
CA GLU A 34 4.31 -11.43 -2.23
C GLU A 34 5.13 -11.19 -0.97
N ASP A 35 6.44 -11.03 -1.15
CA ASP A 35 7.34 -10.80 -0.03
C ASP A 35 7.05 -9.44 0.63
N VAL A 36 6.90 -8.42 -0.19
CA VAL A 36 6.62 -7.07 0.30
C VAL A 36 5.30 -7.04 1.09
N ILE A 37 4.24 -7.55 0.47
CA ILE A 37 2.94 -7.57 1.12
C ILE A 37 3.02 -8.21 2.49
N SER A 38 3.64 -9.39 2.56
CA SER A 38 3.77 -10.10 3.82
C SER A 38 4.71 -9.35 4.77
N PHE A 39 5.65 -8.60 4.20
CA PHE A 39 6.60 -7.84 4.98
C PHE A 39 5.90 -6.79 5.83
N PHE A 40 4.71 -6.38 5.39
CA PHE A 40 3.93 -5.37 6.09
C PHE A 40 2.98 -6.03 7.10
N VAL A 41 2.35 -7.12 6.68
CA VAL A 41 1.42 -7.83 7.54
C VAL A 41 2.14 -8.49 8.72
N THR A 42 3.41 -8.82 8.50
CA THR A 42 4.22 -9.45 9.55
C THR A 42 4.78 -8.41 10.51
N GLU A 43 4.91 -7.18 10.04
CA GLU A 43 5.44 -6.09 10.86
C GLU A 43 4.30 -5.30 11.50
N LYS A 44 3.15 -5.94 11.64
CA LYS A 44 1.99 -5.30 12.24
C LYS A 44 1.67 -3.98 11.54
N ILE A 45 2.03 -3.89 10.27
CA ILE A 45 1.78 -2.69 9.48
C ILE A 45 0.32 -2.60 9.05
N ASP A 46 -0.35 -1.52 9.44
CA ASP A 46 -1.75 -1.31 9.09
C ASP A 46 -1.92 -0.05 8.25
N GLY A 47 -3.17 0.28 7.94
CA GLY A 47 -3.45 1.45 7.13
C GLY A 47 -2.86 2.72 7.73
N ASN A 48 -3.22 3.01 8.97
CA ASN A 48 -2.73 4.20 9.66
C ASN A 48 -1.20 4.21 9.70
N LEU A 49 -0.61 3.02 9.73
CA LEU A 49 0.84 2.88 9.76
C LEU A 49 1.45 3.16 8.39
N LEU A 50 0.79 2.67 7.35
CA LEU A 50 1.27 2.88 5.97
C LEU A 50 1.31 4.35 5.63
N VAL A 51 0.22 5.06 5.91
CA VAL A 51 0.14 6.49 5.62
C VAL A 51 1.19 7.26 6.41
N GLN A 52 1.61 6.70 7.53
CA GLN A 52 2.62 7.35 8.38
C GLN A 52 4.03 6.99 7.92
N LEU A 53 4.16 5.80 7.34
CA LEU A 53 5.45 5.33 6.85
C LEU A 53 6.06 6.34 5.86
N THR A 54 7.38 6.51 5.95
CA THR A 54 8.09 7.44 5.07
C THR A 54 8.90 6.70 4.02
N GLU A 55 9.69 7.44 3.26
CA GLU A 55 10.53 6.84 2.22
C GLU A 55 11.88 6.44 2.77
N GLU A 56 12.38 7.22 3.73
CA GLU A 56 13.67 6.94 4.34
C GLU A 56 13.61 5.68 5.19
N ILE A 57 12.49 5.46 5.85
CA ILE A 57 12.30 4.29 6.70
C ILE A 57 12.13 3.03 5.86
N LEU A 58 11.46 3.17 4.72
CA LEU A 58 11.22 2.05 3.82
C LEU A 58 12.54 1.54 3.24
N SER A 59 13.53 2.43 3.14
CA SER A 59 14.83 2.07 2.60
C SER A 59 15.82 1.77 3.71
N GLU A 60 15.59 2.38 4.87
CA GLU A 60 16.46 2.17 6.02
C GLU A 60 16.13 0.86 6.74
N ASP A 61 14.87 0.74 7.16
CA ASP A 61 14.42 -0.46 7.86
C ASP A 61 14.05 -1.55 6.88
N PHE A 62 12.91 -1.39 6.21
CA PHE A 62 12.44 -2.37 5.24
C PHE A 62 13.53 -2.68 4.21
N LYS A 63 14.27 -1.66 3.82
CA LYS A 63 15.34 -1.83 2.84
C LYS A 63 14.81 -2.43 1.54
N LEU A 64 13.54 -2.14 1.24
CA LEU A 64 12.92 -2.65 0.02
C LEU A 64 13.64 -2.13 -1.22
N SER A 65 13.42 -2.80 -2.35
CA SER A 65 14.05 -2.41 -3.60
C SER A 65 13.67 -0.98 -3.98
N LYS A 66 14.51 -0.35 -4.79
CA LYS A 66 14.27 1.02 -5.23
C LYS A 66 12.89 1.14 -5.89
N LEU A 67 12.58 0.20 -6.77
CA LEU A 67 11.30 0.20 -7.47
C LEU A 67 10.16 -0.07 -6.51
N GLN A 68 10.46 -0.77 -5.41
CA GLN A 68 9.45 -1.09 -4.42
C GLN A 68 9.07 0.14 -3.61
N VAL A 69 10.04 0.71 -2.91
CA VAL A 69 9.80 1.89 -2.09
C VAL A 69 9.13 3.00 -2.91
N LYS A 70 9.40 3.00 -4.22
CA LYS A 70 8.82 4.00 -5.10
C LYS A 70 7.32 3.79 -5.26
N LYS A 71 6.94 2.57 -5.62
CA LYS A 71 5.53 2.24 -5.81
C LYS A 71 4.75 2.42 -4.51
N ILE A 72 5.41 2.15 -3.39
CA ILE A 72 4.78 2.29 -2.08
C ILE A 72 4.56 3.76 -1.73
N MET A 73 5.61 4.56 -1.90
CA MET A 73 5.53 5.99 -1.60
C MET A 73 4.38 6.64 -2.37
N GLN A 74 4.38 6.49 -3.68
CA GLN A 74 3.34 7.06 -4.52
C GLN A 74 1.96 6.60 -4.06
N PHE A 75 1.89 5.39 -3.52
CA PHE A 75 0.63 4.83 -3.04
C PHE A 75 0.14 5.58 -1.81
N ILE A 76 1.07 6.00 -0.96
CA ILE A 76 0.73 6.73 0.25
C ILE A 76 0.23 8.14 -0.07
N ASN A 77 1.11 8.94 -0.67
CA ASN A 77 0.77 10.32 -1.03
C ASN A 77 -0.44 10.34 -1.97
N GLY A 78 -0.34 9.62 -3.08
CA GLY A 78 -1.43 9.58 -4.04
C GLY A 78 -1.61 10.89 -4.78
N SER A 79 -0.49 11.53 -5.12
CA SER A 79 -0.54 12.80 -5.83
C SER A 79 -0.15 12.62 -7.30
N GLY A 80 -0.95 13.19 -8.18
CA GLY A 80 -0.69 13.09 -9.60
C GLY A 80 -1.94 13.24 -10.45
N PRO A 81 -1.77 13.16 -11.77
CA PRO A 81 -2.89 13.29 -12.71
C PRO A 81 -3.83 12.10 -12.67
N SER A 82 -4.83 12.17 -11.78
CA SER A 82 -5.80 11.09 -11.63
C SER A 82 -7.20 11.65 -11.40
N SER A 83 -8.14 11.26 -12.25
CA SER A 83 -9.52 11.71 -12.12
C SER A 83 -10.15 11.21 -10.84
N GLY A 84 -11.05 12.01 -10.27
CA GLY A 84 -11.71 11.63 -9.04
C GLY A 84 -12.50 10.34 -9.18
N GLY A 1 -30.70 -8.96 -15.07
CA GLY A 1 -31.69 -8.40 -14.17
C GLY A 1 -31.17 -7.20 -13.41
N SER A 2 -31.44 -7.16 -12.11
CA SER A 2 -30.99 -6.06 -11.27
C SER A 2 -29.56 -6.26 -10.81
N SER A 3 -29.36 -7.24 -9.93
CA SER A 3 -28.03 -7.53 -9.40
C SER A 3 -27.08 -7.93 -10.54
N GLY A 4 -25.97 -7.22 -10.65
CA GLY A 4 -25.01 -7.51 -11.69
C GLY A 4 -23.71 -6.76 -11.50
N SER A 5 -23.03 -6.46 -12.60
CA SER A 5 -21.77 -5.73 -12.57
C SER A 5 -20.73 -6.49 -11.74
N SER A 6 -19.61 -5.84 -11.47
CA SER A 6 -18.53 -6.46 -10.69
C SER A 6 -18.31 -5.70 -9.38
N GLY A 7 -17.97 -4.43 -9.50
CA GLY A 7 -17.73 -3.61 -8.32
C GLY A 7 -16.47 -4.01 -7.59
N PRO A 8 -15.30 -3.77 -8.21
CA PRO A 8 -14.01 -4.11 -7.63
C PRO A 8 -13.67 -3.22 -6.42
N TRP A 9 -13.42 -3.84 -5.28
CA TRP A 9 -13.07 -3.11 -4.06
C TRP A 9 -11.78 -2.34 -4.24
N GLN A 10 -11.70 -1.18 -3.61
CA GLN A 10 -10.52 -0.34 -3.69
C GLN A 10 -10.24 0.37 -2.36
N PRO A 11 -8.99 0.79 -2.16
CA PRO A 11 -8.56 1.47 -0.94
C PRO A 11 -9.14 2.89 -0.84
N PRO A 12 -9.35 3.36 0.39
CA PRO A 12 -9.90 4.70 0.64
C PRO A 12 -8.91 5.81 0.28
N ALA A 13 -9.38 7.05 0.36
CA ALA A 13 -8.55 8.20 0.04
C ALA A 13 -7.92 8.79 1.29
N ASP A 14 -7.71 7.94 2.30
CA ASP A 14 -7.11 8.38 3.56
C ASP A 14 -6.14 7.34 4.09
N LEU A 15 -6.54 6.07 4.03
CA LEU A 15 -5.71 4.97 4.51
C LEU A 15 -5.32 5.19 5.97
N SER A 16 -6.25 5.73 6.74
CA SER A 16 -6.00 5.99 8.17
C SER A 16 -6.95 5.19 9.04
N GLY A 17 -7.38 4.03 8.53
CA GLY A 17 -8.30 3.19 9.28
C GLY A 17 -8.41 1.80 8.69
N LEU A 18 -7.34 1.33 8.07
CA LEU A 18 -7.32 0.00 7.46
C LEU A 18 -6.61 -1.00 8.36
N SER A 19 -7.20 -2.18 8.50
CA SER A 19 -6.63 -3.24 9.33
C SER A 19 -5.37 -3.82 8.69
N ILE A 20 -4.57 -4.51 9.47
CA ILE A 20 -3.35 -5.13 8.98
C ILE A 20 -3.63 -6.00 7.76
N GLU A 21 -4.82 -6.58 7.71
CA GLU A 21 -5.22 -7.45 6.61
C GLU A 21 -5.61 -6.61 5.39
N GLU A 22 -6.35 -5.53 5.63
CA GLU A 22 -6.79 -4.65 4.56
C GLU A 22 -5.60 -4.13 3.76
N VAL A 23 -4.51 -3.83 4.45
CA VAL A 23 -3.31 -3.33 3.80
C VAL A 23 -2.81 -4.30 2.73
N SER A 24 -2.92 -5.59 3.02
CA SER A 24 -2.49 -6.62 2.08
C SER A 24 -3.10 -6.40 0.70
N LYS A 25 -4.34 -5.92 0.69
CA LYS A 25 -5.05 -5.68 -0.56
C LYS A 25 -4.73 -4.29 -1.09
N SER A 26 -4.43 -3.35 -0.19
CA SER A 26 -4.12 -1.98 -0.57
C SER A 26 -3.00 -1.95 -1.61
N LEU A 27 -2.07 -2.89 -1.48
CA LEU A 27 -0.94 -2.96 -2.40
C LEU A 27 -1.35 -3.64 -3.71
N ARG A 28 -2.30 -4.57 -3.61
CA ARG A 28 -2.78 -5.29 -4.78
C ARG A 28 -3.28 -4.32 -5.85
N PHE A 29 -3.73 -3.14 -5.41
CA PHE A 29 -4.22 -2.13 -6.32
C PHE A 29 -3.18 -1.79 -7.39
N ILE A 30 -1.92 -1.70 -6.97
CA ILE A 30 -0.83 -1.39 -7.88
C ILE A 30 -0.14 -2.66 -8.38
N GLY A 31 -0.18 -3.70 -7.55
CA GLY A 31 0.45 -4.95 -7.93
C GLY A 31 1.89 -5.04 -7.50
N LEU A 32 2.13 -5.65 -6.33
CA LEU A 32 3.48 -5.79 -5.81
C LEU A 32 3.85 -7.26 -5.61
N SER A 33 5.06 -7.51 -5.12
CA SER A 33 5.52 -8.87 -4.89
C SER A 33 4.79 -9.50 -3.71
N GLU A 34 4.52 -10.80 -3.81
CA GLU A 34 3.82 -11.53 -2.75
C GLU A 34 4.57 -11.41 -1.43
N ASP A 35 5.90 -11.34 -1.51
CA ASP A 35 6.73 -11.23 -0.32
C ASP A 35 6.56 -9.87 0.35
N VAL A 36 6.39 -8.82 -0.47
CA VAL A 36 6.21 -7.47 0.04
C VAL A 36 4.95 -7.37 0.89
N ILE A 37 3.82 -7.79 0.32
CA ILE A 37 2.54 -7.75 1.02
C ILE A 37 2.65 -8.42 2.38
N SER A 38 3.27 -9.60 2.42
CA SER A 38 3.44 -10.35 3.66
C SER A 38 4.47 -9.68 4.56
N PHE A 39 5.40 -8.95 3.95
CA PHE A 39 6.45 -8.26 4.70
C PHE A 39 5.86 -7.16 5.57
N PHE A 40 4.71 -6.65 5.17
CA PHE A 40 4.03 -5.59 5.91
C PHE A 40 3.23 -6.17 7.08
N VAL A 41 2.33 -7.09 6.76
CA VAL A 41 1.50 -7.72 7.78
C VAL A 41 2.36 -8.33 8.88
N THR A 42 3.41 -9.05 8.48
CA THR A 42 4.30 -9.70 9.43
C THR A 42 4.97 -8.67 10.33
N GLU A 43 5.10 -7.44 9.83
CA GLU A 43 5.73 -6.37 10.60
C GLU A 43 4.67 -5.53 11.32
N LYS A 44 3.50 -6.12 11.55
CA LYS A 44 2.42 -5.43 12.22
C LYS A 44 2.06 -4.14 11.50
N ILE A 45 2.34 -4.09 10.21
CA ILE A 45 2.05 -2.92 9.40
C ILE A 45 0.57 -2.84 9.04
N ASP A 46 -0.07 -1.75 9.42
CA ASP A 46 -1.49 -1.55 9.14
C ASP A 46 -1.72 -0.30 8.30
N GLY A 47 -2.98 0.09 8.15
CA GLY A 47 -3.30 1.27 7.37
C GLY A 47 -2.64 2.52 7.90
N ASN A 48 -2.94 2.86 9.16
CA ASN A 48 -2.36 4.04 9.78
C ASN A 48 -0.84 4.02 9.71
N LEU A 49 -0.28 2.81 9.72
CA LEU A 49 1.17 2.65 9.65
C LEU A 49 1.70 2.93 8.24
N LEU A 50 0.98 2.43 7.24
CA LEU A 50 1.36 2.62 5.85
C LEU A 50 1.49 4.11 5.52
N VAL A 51 0.47 4.88 5.89
CA VAL A 51 0.46 6.32 5.65
C VAL A 51 1.56 7.01 6.44
N GLN A 52 1.94 6.41 7.57
CA GLN A 52 2.98 6.98 8.42
C GLN A 52 4.37 6.67 7.87
N LEU A 53 4.47 5.56 7.14
CA LEU A 53 5.74 5.16 6.55
C LEU A 53 6.23 6.18 5.52
N THR A 54 7.52 6.48 5.55
CA THR A 54 8.10 7.45 4.62
C THR A 54 9.19 6.81 3.78
N GLU A 55 9.60 7.50 2.72
CA GLU A 55 10.64 6.99 1.83
C GLU A 55 11.94 6.76 2.60
N GLU A 56 12.13 7.53 3.67
CA GLU A 56 13.34 7.42 4.48
C GLU A 56 13.29 6.16 5.35
N ILE A 57 12.14 5.93 5.98
CA ILE A 57 11.96 4.77 6.85
C ILE A 57 11.87 3.49 6.02
N LEU A 58 11.44 3.62 4.78
CA LEU A 58 11.30 2.48 3.88
C LEU A 58 12.66 2.08 3.31
N SER A 59 13.56 3.06 3.19
CA SER A 59 14.89 2.80 2.65
C SER A 59 15.89 2.52 3.77
N GLU A 60 15.60 3.06 4.96
CA GLU A 60 16.47 2.87 6.11
C GLU A 60 16.13 1.58 6.85
N ASP A 61 14.91 1.51 7.37
CA ASP A 61 14.46 0.33 8.09
C ASP A 61 14.18 -0.82 7.15
N PHE A 62 13.08 -0.72 6.40
CA PHE A 62 12.70 -1.76 5.45
C PHE A 62 13.85 -2.07 4.50
N LYS A 63 14.56 -1.03 4.07
CA LYS A 63 15.69 -1.20 3.17
C LYS A 63 15.25 -1.91 1.89
N LEU A 64 13.98 -1.76 1.53
CA LEU A 64 13.45 -2.39 0.33
C LEU A 64 14.16 -1.89 -0.91
N SER A 65 13.81 -2.45 -2.07
CA SER A 65 14.42 -2.05 -3.33
C SER A 65 13.94 -0.66 -3.75
N LYS A 66 14.73 -0.01 -4.60
CA LYS A 66 14.39 1.33 -5.09
C LYS A 66 13.00 1.32 -5.73
N LEU A 67 12.68 0.24 -6.43
CA LEU A 67 11.39 0.11 -7.10
C LEU A 67 10.26 0.04 -6.08
N GLN A 68 10.46 -0.75 -5.03
CA GLN A 68 9.45 -0.92 -3.99
C GLN A 68 9.28 0.38 -3.19
N VAL A 69 10.40 0.91 -2.69
CA VAL A 69 10.36 2.14 -1.92
C VAL A 69 9.66 3.26 -2.68
N LYS A 70 9.71 3.18 -4.01
CA LYS A 70 9.07 4.18 -4.86
C LYS A 70 7.60 3.85 -5.07
N LYS A 71 7.31 2.59 -5.34
CA LYS A 71 5.94 2.14 -5.57
C LYS A 71 5.09 2.36 -4.32
N ILE A 72 5.58 1.90 -3.18
CA ILE A 72 4.86 2.06 -1.92
C ILE A 72 4.52 3.51 -1.66
N MET A 73 5.53 4.37 -1.64
CA MET A 73 5.34 5.79 -1.40
C MET A 73 4.36 6.38 -2.41
N GLN A 74 4.54 6.03 -3.68
CA GLN A 74 3.68 6.53 -4.74
C GLN A 74 2.22 6.18 -4.46
N PHE A 75 2.01 5.08 -3.75
CA PHE A 75 0.66 4.64 -3.41
C PHE A 75 0.10 5.43 -2.24
N ILE A 76 0.97 5.78 -1.29
CA ILE A 76 0.57 6.55 -0.12
C ILE A 76 0.08 7.93 -0.52
N ASN A 77 0.95 8.71 -1.15
CA ASN A 77 0.60 10.06 -1.58
C ASN A 77 -0.33 10.02 -2.79
N GLY A 78 -0.09 9.08 -3.69
CA GLY A 78 -0.92 8.95 -4.87
C GLY A 78 -0.59 9.98 -5.92
N SER A 79 -0.84 11.25 -5.60
CA SER A 79 -0.57 12.34 -6.53
C SER A 79 0.90 12.35 -6.94
N GLY A 80 1.17 11.92 -8.17
CA GLY A 80 2.54 11.90 -8.66
C GLY A 80 3.13 13.28 -8.81
N PRO A 81 4.44 13.35 -9.07
CA PRO A 81 5.16 14.62 -9.25
C PRO A 81 4.76 15.33 -10.54
N SER A 82 4.65 14.56 -11.62
CA SER A 82 4.28 15.12 -12.91
C SER A 82 5.22 16.28 -13.29
N SER A 83 6.33 15.94 -13.93
CA SER A 83 7.30 16.95 -14.34
C SER A 83 8.33 16.35 -15.30
N GLY A 84 9.12 17.22 -15.91
CA GLY A 84 10.14 16.76 -16.85
C GLY A 84 9.57 15.90 -17.95
N GLY A 1 -32.49 8.35 -7.87
CA GLY A 1 -32.29 6.95 -7.57
C GLY A 1 -31.00 6.69 -6.83
N SER A 2 -31.11 6.36 -5.54
CA SER A 2 -29.94 6.11 -4.72
C SER A 2 -29.52 4.64 -4.80
N SER A 3 -28.37 4.39 -5.41
CA SER A 3 -27.86 3.03 -5.57
C SER A 3 -26.34 3.03 -5.71
N GLY A 4 -25.85 3.75 -6.71
CA GLY A 4 -24.42 3.82 -6.93
C GLY A 4 -23.97 2.99 -8.12
N SER A 5 -22.99 2.13 -7.90
CA SER A 5 -22.47 1.28 -8.97
C SER A 5 -21.78 0.04 -8.39
N SER A 6 -21.76 -1.04 -9.17
CA SER A 6 -21.14 -2.28 -8.74
C SER A 6 -19.82 -2.51 -9.46
N GLY A 7 -18.71 -2.21 -8.77
CA GLY A 7 -17.40 -2.38 -9.36
C GLY A 7 -16.41 -2.99 -8.38
N PRO A 8 -15.13 -3.02 -8.77
CA PRO A 8 -14.05 -3.56 -7.94
C PRO A 8 -13.74 -2.68 -6.74
N TRP A 9 -13.26 -3.29 -5.67
CA TRP A 9 -12.93 -2.56 -4.45
C TRP A 9 -11.55 -1.91 -4.56
N GLN A 10 -11.40 -0.76 -3.94
CA GLN A 10 -10.13 -0.04 -3.96
C GLN A 10 -9.89 0.70 -2.65
N PRO A 11 -8.61 1.00 -2.36
CA PRO A 11 -8.23 1.70 -1.13
C PRO A 11 -8.66 3.16 -1.15
N PRO A 12 -8.92 3.72 0.04
CA PRO A 12 -9.35 5.11 0.20
C PRO A 12 -8.23 6.11 -0.13
N ALA A 13 -8.50 7.39 0.08
CA ALA A 13 -7.52 8.43 -0.19
C ALA A 13 -6.64 8.70 1.03
N ASP A 14 -7.25 8.62 2.21
CA ASP A 14 -6.52 8.85 3.45
C ASP A 14 -5.69 7.63 3.84
N LEU A 15 -6.29 6.45 3.70
CA LEU A 15 -5.60 5.21 4.03
C LEU A 15 -5.13 5.21 5.49
N SER A 16 -5.86 5.93 6.33
CA SER A 16 -5.52 6.02 7.75
C SER A 16 -6.58 5.35 8.61
N GLY A 17 -7.26 4.37 8.03
CA GLY A 17 -8.30 3.66 8.76
C GLY A 17 -8.46 2.23 8.31
N LEU A 18 -7.40 1.67 7.73
CA LEU A 18 -7.42 0.30 7.25
C LEU A 18 -6.67 -0.63 8.20
N SER A 19 -7.22 -1.84 8.39
CA SER A 19 -6.60 -2.82 9.29
C SER A 19 -5.48 -3.57 8.58
N ILE A 20 -4.73 -4.35 9.36
CA ILE A 20 -3.63 -5.13 8.80
C ILE A 20 -4.11 -6.06 7.69
N GLU A 21 -5.36 -6.51 7.80
CA GLU A 21 -5.94 -7.40 6.81
C GLU A 21 -6.26 -6.64 5.52
N GLU A 22 -6.65 -5.38 5.67
CA GLU A 22 -6.99 -4.55 4.51
C GLU A 22 -5.74 -4.12 3.76
N VAL A 23 -4.61 -4.04 4.48
CA VAL A 23 -3.35 -3.63 3.88
C VAL A 23 -2.90 -4.64 2.84
N SER A 24 -3.13 -5.92 3.11
CA SER A 24 -2.73 -6.99 2.19
C SER A 24 -3.36 -6.77 0.82
N LYS A 25 -4.51 -6.10 0.80
CA LYS A 25 -5.21 -5.83 -0.46
C LYS A 25 -4.86 -4.45 -0.99
N SER A 26 -4.47 -3.55 -0.08
CA SER A 26 -4.10 -2.19 -0.46
C SER A 26 -3.02 -2.21 -1.54
N LEU A 27 -1.96 -2.98 -1.31
CA LEU A 27 -0.86 -3.08 -2.26
C LEU A 27 -1.31 -3.79 -3.53
N ARG A 28 -2.30 -4.66 -3.40
CA ARG A 28 -2.82 -5.41 -4.54
C ARG A 28 -3.22 -4.47 -5.67
N PHE A 29 -3.63 -3.26 -5.30
CA PHE A 29 -4.06 -2.26 -6.27
C PHE A 29 -3.00 -2.07 -7.35
N ILE A 30 -1.76 -1.85 -6.92
CA ILE A 30 -0.65 -1.65 -7.84
C ILE A 30 -0.04 -2.98 -8.28
N GLY A 31 -0.18 -3.99 -7.42
CA GLY A 31 0.35 -5.30 -7.73
C GLY A 31 1.82 -5.42 -7.40
N LEU A 32 2.14 -5.75 -6.16
CA LEU A 32 3.52 -5.89 -5.72
C LEU A 32 3.87 -7.36 -5.51
N SER A 33 5.11 -7.61 -5.08
CA SER A 33 5.57 -8.98 -4.83
C SER A 33 4.89 -9.57 -3.61
N GLU A 34 4.53 -10.85 -3.70
CA GLU A 34 3.87 -11.54 -2.59
C GLU A 34 4.67 -11.40 -1.31
N ASP A 35 5.99 -11.31 -1.45
CA ASP A 35 6.87 -11.17 -0.29
C ASP A 35 6.70 -9.80 0.36
N VAL A 36 6.58 -8.77 -0.47
CA VAL A 36 6.41 -7.40 0.03
C VAL A 36 5.15 -7.28 0.88
N ILE A 37 4.03 -7.75 0.34
CA ILE A 37 2.76 -7.69 1.04
C ILE A 37 2.87 -8.34 2.42
N SER A 38 3.32 -9.59 2.44
CA SER A 38 3.46 -10.33 3.69
C SER A 38 4.46 -9.64 4.61
N PHE A 39 5.41 -8.91 4.01
CA PHE A 39 6.43 -8.20 4.78
C PHE A 39 5.80 -7.13 5.66
N PHE A 40 4.65 -6.62 5.23
CA PHE A 40 3.94 -5.59 5.98
C PHE A 40 2.99 -6.20 6.99
N VAL A 41 2.26 -7.23 6.57
CA VAL A 41 1.32 -7.91 7.45
C VAL A 41 2.04 -8.62 8.60
N THR A 42 3.29 -9.00 8.36
CA THR A 42 4.09 -9.69 9.36
C THR A 42 4.70 -8.69 10.35
N GLU A 43 4.88 -7.46 9.91
CA GLU A 43 5.46 -6.42 10.75
C GLU A 43 4.37 -5.59 11.42
N LYS A 44 3.18 -6.18 11.55
CA LYS A 44 2.06 -5.50 12.18
C LYS A 44 1.77 -4.18 11.47
N ILE A 45 2.15 -4.09 10.20
CA ILE A 45 1.93 -2.88 9.42
C ILE A 45 0.46 -2.76 9.00
N ASP A 46 -0.18 -1.67 9.42
CA ASP A 46 -1.57 -1.44 9.09
C ASP A 46 -1.73 -0.18 8.24
N GLY A 47 -2.98 0.18 7.94
CA GLY A 47 -3.23 1.36 7.13
C GLY A 47 -2.66 2.62 7.76
N ASN A 48 -2.87 2.80 9.05
CA ASN A 48 -2.38 3.96 9.76
C ASN A 48 -0.85 3.96 9.82
N LEU A 49 -0.27 2.76 9.82
CA LEU A 49 1.18 2.61 9.87
C LEU A 49 1.81 2.95 8.53
N LEU A 50 1.18 2.51 7.45
CA LEU A 50 1.66 2.78 6.10
C LEU A 50 1.74 4.28 5.83
N VAL A 51 0.61 4.96 6.03
CA VAL A 51 0.55 6.40 5.81
C VAL A 51 1.63 7.13 6.60
N GLN A 52 2.04 6.53 7.72
CA GLN A 52 3.07 7.12 8.56
C GLN A 52 4.46 6.86 8.00
N LEU A 53 4.63 5.71 7.36
CA LEU A 53 5.90 5.34 6.77
C LEU A 53 6.34 6.35 5.72
N THR A 54 7.64 6.58 5.62
CA THR A 54 8.19 7.52 4.66
C THR A 54 9.28 6.87 3.81
N GLU A 55 9.66 7.54 2.72
CA GLU A 55 10.69 7.03 1.83
C GLU A 55 12.00 6.81 2.59
N GLU A 56 12.21 7.61 3.63
CA GLU A 56 13.43 7.50 4.43
C GLU A 56 13.40 6.24 5.28
N ILE A 57 12.27 5.99 5.93
CA ILE A 57 12.12 4.81 6.78
C ILE A 57 12.00 3.54 5.95
N LEU A 58 11.43 3.68 4.74
CA LEU A 58 11.26 2.55 3.85
C LEU A 58 12.59 2.07 3.30
N SER A 59 13.55 2.99 3.23
CA SER A 59 14.88 2.66 2.72
C SER A 59 15.86 2.42 3.86
N GLU A 60 15.61 3.05 5.00
CA GLU A 60 16.47 2.90 6.17
C GLU A 60 16.18 1.60 6.89
N ASP A 61 14.92 1.41 7.29
CA ASP A 61 14.52 0.19 7.99
C ASP A 61 14.21 -0.93 7.00
N PHE A 62 13.09 -0.82 6.33
CA PHE A 62 12.68 -1.84 5.35
C PHE A 62 13.80 -2.09 4.34
N LYS A 63 14.46 -1.03 3.92
CA LYS A 63 15.55 -1.14 2.95
C LYS A 63 15.11 -1.92 1.72
N LEU A 64 13.85 -1.75 1.34
CA LEU A 64 13.30 -2.44 0.17
C LEU A 64 14.04 -2.02 -1.09
N SER A 65 13.61 -2.58 -2.23
CA SER A 65 14.24 -2.27 -3.51
C SER A 65 13.97 -0.82 -3.91
N LYS A 66 14.83 -0.29 -4.77
CA LYS A 66 14.69 1.09 -5.24
C LYS A 66 13.33 1.29 -5.90
N LEU A 67 12.82 0.25 -6.53
CA LEU A 67 11.53 0.31 -7.21
C LEU A 67 10.39 0.19 -6.21
N GLN A 68 10.56 -0.66 -5.21
CA GLN A 68 9.55 -0.87 -4.19
C GLN A 68 9.32 0.40 -3.37
N VAL A 69 10.41 0.92 -2.80
CA VAL A 69 10.33 2.14 -1.99
C VAL A 69 9.68 3.28 -2.77
N LYS A 70 9.85 3.25 -4.09
CA LYS A 70 9.27 4.27 -4.95
C LYS A 70 7.80 3.99 -5.23
N LYS A 71 7.48 2.73 -5.50
CA LYS A 71 6.11 2.33 -5.79
C LYS A 71 5.21 2.55 -4.57
N ILE A 72 5.69 2.11 -3.40
CA ILE A 72 4.94 2.26 -2.17
C ILE A 72 4.65 3.73 -1.87
N MET A 73 5.70 4.55 -1.93
CA MET A 73 5.56 5.98 -1.66
C MET A 73 4.48 6.59 -2.54
N GLN A 74 4.47 6.20 -3.81
CA GLN A 74 3.48 6.72 -4.75
C GLN A 74 2.07 6.25 -4.38
N PHE A 75 1.99 5.11 -3.71
CA PHE A 75 0.70 4.57 -3.29
C PHE A 75 0.15 5.34 -2.10
N ILE A 76 1.01 5.65 -1.15
CA ILE A 76 0.60 6.38 0.05
C ILE A 76 0.02 7.74 -0.32
N ASN A 77 0.76 8.49 -1.14
CA ASN A 77 0.31 9.81 -1.57
C ASN A 77 -0.90 9.70 -2.49
N GLY A 78 -0.82 8.79 -3.45
CA GLY A 78 -1.91 8.60 -4.39
C GLY A 78 -2.33 9.89 -5.07
N SER A 79 -1.35 10.73 -5.39
CA SER A 79 -1.62 12.01 -6.04
C SER A 79 -1.05 12.03 -7.46
N GLY A 80 -1.94 12.02 -8.45
CA GLY A 80 -1.51 12.03 -9.84
C GLY A 80 -1.40 13.44 -10.39
N PRO A 81 -0.92 13.55 -11.63
CA PRO A 81 -0.76 14.83 -12.31
C PRO A 81 -2.09 15.47 -12.68
N SER A 82 -2.99 14.66 -13.23
CA SER A 82 -4.30 15.15 -13.63
C SER A 82 -5.40 14.53 -12.77
N SER A 83 -5.32 13.21 -12.57
CA SER A 83 -6.30 12.49 -11.77
C SER A 83 -6.45 13.13 -10.40
N GLY A 84 -7.64 13.01 -9.83
CA GLY A 84 -7.91 13.59 -8.52
C GLY A 84 -9.06 12.90 -7.80
N GLY A 1 -18.35 7.49 -3.62
CA GLY A 1 -17.81 6.38 -4.38
C GLY A 1 -18.76 5.92 -5.48
N SER A 2 -18.35 4.90 -6.23
CA SER A 2 -19.18 4.38 -7.31
C SER A 2 -20.50 3.86 -6.78
N SER A 3 -21.51 3.86 -7.65
CA SER A 3 -22.84 3.38 -7.27
C SER A 3 -23.19 2.10 -8.01
N GLY A 4 -22.18 1.34 -8.39
CA GLY A 4 -22.39 0.10 -9.10
C GLY A 4 -22.69 -1.06 -8.17
N SER A 5 -23.45 -2.04 -8.66
CA SER A 5 -23.81 -3.20 -7.86
C SER A 5 -22.68 -4.23 -7.87
N SER A 6 -21.92 -4.26 -8.95
CA SER A 6 -20.81 -5.21 -9.09
C SER A 6 -19.58 -4.51 -9.66
N GLY A 7 -18.46 -4.63 -8.95
CA GLY A 7 -17.23 -4.01 -9.41
C GLY A 7 -16.04 -4.36 -8.53
N PRO A 8 -14.83 -4.03 -9.01
CA PRO A 8 -13.60 -4.31 -8.28
C PRO A 8 -13.44 -3.44 -7.03
N TRP A 9 -12.72 -3.95 -6.04
CA TRP A 9 -12.51 -3.21 -4.80
C TRP A 9 -11.19 -2.45 -4.84
N GLN A 10 -11.16 -1.28 -4.21
CA GLN A 10 -9.97 -0.45 -4.18
C GLN A 10 -9.82 0.23 -2.83
N PRO A 11 -8.58 0.63 -2.50
CA PRO A 11 -8.27 1.30 -1.23
C PRO A 11 -8.85 2.72 -1.16
N PRO A 12 -9.16 3.17 0.06
CA PRO A 12 -9.72 4.50 0.28
C PRO A 12 -8.71 5.61 0.02
N ALA A 13 -9.12 6.86 0.21
CA ALA A 13 -8.25 8.00 0.00
C ALA A 13 -7.75 8.56 1.32
N ASP A 14 -7.69 7.71 2.33
CA ASP A 14 -7.23 8.12 3.65
C ASP A 14 -6.21 7.13 4.21
N LEU A 15 -6.49 5.85 4.06
CA LEU A 15 -5.61 4.79 4.53
C LEU A 15 -5.29 4.99 6.02
N SER A 16 -6.22 5.58 6.74
CA SER A 16 -6.04 5.84 8.16
C SER A 16 -7.04 5.03 9.00
N GLY A 17 -7.44 3.88 8.46
CA GLY A 17 -8.39 3.04 9.15
C GLY A 17 -8.50 1.65 8.54
N LEU A 18 -7.42 1.20 7.90
CA LEU A 18 -7.41 -0.11 7.26
C LEU A 18 -6.69 -1.13 8.15
N SER A 19 -7.40 -2.22 8.46
CA SER A 19 -6.84 -3.27 9.30
C SER A 19 -5.57 -3.84 8.68
N ILE A 20 -4.78 -4.53 9.49
CA ILE A 20 -3.53 -5.13 9.02
C ILE A 20 -3.79 -6.06 7.83
N GLU A 21 -4.98 -6.64 7.79
CA GLU A 21 -5.35 -7.54 6.71
C GLU A 21 -5.80 -6.76 5.48
N GLU A 22 -6.35 -5.58 5.71
CA GLU A 22 -6.83 -4.74 4.62
C GLU A 22 -5.67 -4.19 3.80
N VAL A 23 -4.53 -3.97 4.46
CA VAL A 23 -3.35 -3.45 3.79
C VAL A 23 -2.84 -4.43 2.74
N SER A 24 -3.02 -5.72 3.00
CA SER A 24 -2.59 -6.76 2.06
C SER A 24 -3.18 -6.53 0.68
N LYS A 25 -4.41 -6.01 0.64
CA LYS A 25 -5.09 -5.74 -0.62
C LYS A 25 -4.73 -4.36 -1.15
N SER A 26 -4.38 -3.46 -0.25
CA SER A 26 -4.01 -2.10 -0.63
C SER A 26 -2.90 -2.11 -1.68
N LEU A 27 -1.90 -2.96 -1.46
CA LEU A 27 -0.77 -3.07 -2.38
C LEU A 27 -1.19 -3.78 -3.67
N ARG A 28 -2.18 -4.66 -3.56
CA ARG A 28 -2.68 -5.40 -4.71
C ARG A 28 -3.08 -4.45 -5.84
N PHE A 29 -3.46 -3.24 -5.47
CA PHE A 29 -3.87 -2.25 -6.45
C PHE A 29 -2.78 -2.04 -7.51
N ILE A 30 -1.55 -1.85 -7.04
CA ILE A 30 -0.42 -1.65 -7.94
C ILE A 30 0.17 -2.98 -8.40
N GLY A 31 -0.01 -4.01 -7.57
CA GLY A 31 0.51 -5.32 -7.91
C GLY A 31 1.97 -5.49 -7.51
N LEU A 32 2.20 -5.84 -6.25
CA LEU A 32 3.56 -6.03 -5.75
C LEU A 32 3.85 -7.51 -5.52
N SER A 33 5.08 -7.80 -5.10
CA SER A 33 5.49 -9.18 -4.84
C SER A 33 4.82 -9.72 -3.58
N GLU A 34 4.44 -10.99 -3.61
CA GLU A 34 3.80 -11.62 -2.47
C GLU A 34 4.64 -11.46 -1.21
N ASP A 35 5.94 -11.35 -1.39
CA ASP A 35 6.87 -11.18 -0.27
C ASP A 35 6.69 -9.82 0.39
N VAL A 36 6.60 -8.79 -0.44
CA VAL A 36 6.42 -7.42 0.06
C VAL A 36 5.17 -7.31 0.91
N ILE A 37 4.05 -7.75 0.36
CA ILE A 37 2.77 -7.69 1.07
C ILE A 37 2.88 -8.34 2.45
N SER A 38 3.32 -9.60 2.47
CA SER A 38 3.46 -10.35 3.72
C SER A 38 4.46 -9.65 4.64
N PHE A 39 5.40 -8.93 4.04
CA PHE A 39 6.42 -8.21 4.82
C PHE A 39 5.78 -7.14 5.70
N PHE A 40 4.62 -6.65 5.28
CA PHE A 40 3.91 -5.61 6.02
C PHE A 40 2.96 -6.24 7.05
N VAL A 41 2.24 -7.28 6.62
CA VAL A 41 1.30 -7.97 7.51
C VAL A 41 2.03 -8.69 8.63
N THR A 42 3.29 -9.03 8.39
CA THR A 42 4.09 -9.72 9.39
C THR A 42 4.72 -8.73 10.38
N GLU A 43 4.88 -7.49 9.94
CA GLU A 43 5.47 -6.46 10.79
C GLU A 43 4.37 -5.63 11.46
N LYS A 44 3.19 -6.23 11.60
CA LYS A 44 2.06 -5.55 12.23
C LYS A 44 1.76 -4.23 11.53
N ILE A 45 2.14 -4.14 10.26
CA ILE A 45 1.90 -2.92 9.48
C ILE A 45 0.44 -2.81 9.07
N ASP A 46 -0.18 -1.69 9.44
CA ASP A 46 -1.58 -1.45 9.11
C ASP A 46 -1.74 -0.17 8.29
N GLY A 47 -2.98 0.18 7.98
CA GLY A 47 -3.24 1.37 7.20
C GLY A 47 -2.62 2.62 7.83
N ASN A 48 -2.97 2.88 9.08
CA ASN A 48 -2.45 4.05 9.78
C ASN A 48 -0.93 4.03 9.81
N LEU A 49 -0.36 2.83 9.80
CA LEU A 49 1.10 2.67 9.81
C LEU A 49 1.70 2.99 8.46
N LEU A 50 1.06 2.51 7.40
CA LEU A 50 1.52 2.75 6.04
C LEU A 50 1.60 4.25 5.74
N VAL A 51 0.50 4.94 5.99
CA VAL A 51 0.44 6.39 5.75
C VAL A 51 1.54 7.11 6.53
N GLN A 52 1.98 6.51 7.63
CA GLN A 52 3.01 7.10 8.46
C GLN A 52 4.40 6.81 7.88
N LEU A 53 4.54 5.65 7.24
CA LEU A 53 5.81 5.26 6.66
C LEU A 53 6.26 6.27 5.60
N THR A 54 7.57 6.53 5.57
CA THR A 54 8.12 7.48 4.60
C THR A 54 9.19 6.82 3.74
N GLU A 55 9.51 7.45 2.62
CA GLU A 55 10.52 6.92 1.70
C GLU A 55 11.85 6.70 2.44
N GLU A 56 12.08 7.48 3.48
CA GLU A 56 13.31 7.36 4.26
C GLU A 56 13.27 6.12 5.15
N ILE A 57 12.12 5.87 5.76
CA ILE A 57 11.96 4.72 6.64
C ILE A 57 11.88 3.43 5.84
N LEU A 58 11.39 3.54 4.61
CA LEU A 58 11.25 2.37 3.74
C LEU A 58 12.61 1.94 3.20
N SER A 59 13.54 2.88 3.13
CA SER A 59 14.88 2.59 2.64
C SER A 59 15.86 2.37 3.80
N GLU A 60 15.55 2.98 4.94
CA GLU A 60 16.39 2.85 6.11
C GLU A 60 16.06 1.57 6.89
N ASP A 61 14.80 1.45 7.31
CA ASP A 61 14.37 0.27 8.05
C ASP A 61 14.08 -0.89 7.11
N PHE A 62 12.97 -0.81 6.39
CA PHE A 62 12.59 -1.86 5.45
C PHE A 62 13.73 -2.19 4.50
N LYS A 63 14.47 -1.15 4.09
CA LYS A 63 15.59 -1.33 3.18
C LYS A 63 15.15 -2.00 1.87
N LEU A 64 13.88 -1.80 1.52
CA LEU A 64 13.32 -2.38 0.31
C LEU A 64 14.07 -1.88 -0.92
N SER A 65 13.76 -2.48 -2.07
CA SER A 65 14.40 -2.08 -3.32
C SER A 65 13.94 -0.70 -3.77
N LYS A 66 14.78 -0.02 -4.54
CA LYS A 66 14.45 1.31 -5.03
C LYS A 66 13.09 1.33 -5.72
N LEU A 67 12.78 0.24 -6.42
CA LEU A 67 11.51 0.13 -7.12
C LEU A 67 10.35 0.03 -6.13
N GLN A 68 10.55 -0.73 -5.07
CA GLN A 68 9.52 -0.91 -4.05
C GLN A 68 9.28 0.38 -3.28
N VAL A 69 10.34 0.91 -2.68
CA VAL A 69 10.25 2.15 -1.92
C VAL A 69 9.59 3.26 -2.74
N LYS A 70 9.79 3.20 -4.05
CA LYS A 70 9.21 4.21 -4.95
C LYS A 70 7.73 3.94 -5.17
N LYS A 71 7.39 2.68 -5.47
CA LYS A 71 6.01 2.30 -5.70
C LYS A 71 5.15 2.58 -4.47
N ILE A 72 5.62 2.12 -3.32
CA ILE A 72 4.89 2.32 -2.06
C ILE A 72 4.64 3.80 -1.80
N MET A 73 5.68 4.60 -1.94
CA MET A 73 5.56 6.04 -1.73
C MET A 73 4.46 6.63 -2.59
N GLN A 74 4.49 6.32 -3.88
CA GLN A 74 3.49 6.82 -4.82
C GLN A 74 2.08 6.40 -4.39
N PHE A 75 1.99 5.26 -3.71
CA PHE A 75 0.71 4.74 -3.24
C PHE A 75 0.21 5.54 -2.03
N ILE A 76 1.09 5.76 -1.07
CA ILE A 76 0.74 6.51 0.13
C ILE A 76 0.23 7.89 -0.22
N ASN A 77 0.96 8.60 -1.07
CA ASN A 77 0.58 9.95 -1.49
C ASN A 77 -0.62 9.90 -2.42
N GLY A 78 -0.60 8.95 -3.35
CA GLY A 78 -1.70 8.81 -4.29
C GLY A 78 -1.45 9.59 -5.58
N SER A 79 -1.52 8.88 -6.70
CA SER A 79 -1.30 9.50 -8.01
C SER A 79 -2.30 10.63 -8.25
N GLY A 80 -1.79 11.76 -8.75
CA GLY A 80 -2.64 12.91 -9.01
C GLY A 80 -2.39 13.52 -10.37
N PRO A 81 -2.93 14.73 -10.59
CA PRO A 81 -2.76 15.45 -11.86
C PRO A 81 -1.34 15.94 -12.06
N SER A 82 -0.80 15.70 -13.26
CA SER A 82 0.56 16.13 -13.58
C SER A 82 0.76 16.18 -15.09
N SER A 83 0.91 17.40 -15.62
CA SER A 83 1.11 17.60 -17.05
C SER A 83 2.27 18.56 -17.31
N GLY A 84 2.98 18.33 -18.41
CA GLY A 84 4.11 19.19 -18.75
C GLY A 84 5.32 18.39 -19.21
N GLY A 1 -27.12 -23.46 -8.41
CA GLY A 1 -26.15 -22.52 -8.94
C GLY A 1 -25.55 -21.63 -7.86
N SER A 2 -24.33 -21.95 -7.44
CA SER A 2 -23.66 -21.19 -6.41
C SER A 2 -22.89 -20.02 -7.02
N SER A 3 -23.08 -18.83 -6.45
CA SER A 3 -22.40 -17.63 -6.94
C SER A 3 -20.95 -17.59 -6.46
N GLY A 4 -20.04 -18.00 -7.34
CA GLY A 4 -18.63 -18.01 -7.00
C GLY A 4 -18.04 -16.61 -6.96
N SER A 5 -17.08 -16.40 -6.06
CA SER A 5 -16.43 -15.10 -5.93
C SER A 5 -17.46 -14.02 -5.58
N SER A 6 -16.99 -12.78 -5.49
CA SER A 6 -17.86 -11.65 -5.17
C SER A 6 -17.76 -10.55 -6.22
N GLY A 7 -16.59 -9.92 -6.28
CA GLY A 7 -16.38 -8.85 -7.25
C GLY A 7 -15.08 -8.11 -7.02
N PRO A 8 -14.82 -7.09 -7.85
CA PRO A 8 -13.61 -6.28 -7.75
C PRO A 8 -13.60 -5.38 -6.51
N TRP A 9 -12.43 -5.16 -5.95
CA TRP A 9 -12.29 -4.32 -4.77
C TRP A 9 -11.02 -3.48 -4.83
N GLN A 10 -11.08 -2.28 -4.26
CA GLN A 10 -9.92 -1.38 -4.25
C GLN A 10 -9.90 -0.55 -2.98
N PRO A 11 -8.70 -0.04 -2.63
CA PRO A 11 -8.52 0.79 -1.44
C PRO A 11 -9.17 2.16 -1.57
N PRO A 12 -9.59 2.73 -0.43
CA PRO A 12 -10.23 4.06 -0.40
C PRO A 12 -9.26 5.19 -0.73
N ALA A 13 -9.77 6.41 -0.75
CA ALA A 13 -8.94 7.57 -1.04
C ALA A 13 -7.89 7.80 0.04
N ASP A 14 -8.27 7.55 1.28
CA ASP A 14 -7.36 7.72 2.42
C ASP A 14 -7.02 6.37 3.04
N LEU A 15 -5.73 6.14 3.27
CA LEU A 15 -5.28 4.89 3.87
C LEU A 15 -5.01 5.07 5.36
N SER A 16 -5.86 5.85 6.02
CA SER A 16 -5.72 6.11 7.45
C SER A 16 -6.87 5.46 8.23
N GLY A 17 -6.81 4.15 8.38
CA GLY A 17 -7.85 3.43 9.11
C GLY A 17 -7.93 1.97 8.72
N LEU A 18 -7.40 1.64 7.55
CA LEU A 18 -7.43 0.27 7.06
C LEU A 18 -6.72 -0.67 8.04
N SER A 19 -7.25 -1.88 8.16
CA SER A 19 -6.68 -2.88 9.06
C SER A 19 -5.50 -3.59 8.41
N ILE A 20 -4.73 -4.31 9.22
CA ILE A 20 -3.57 -5.03 8.73
C ILE A 20 -3.96 -6.02 7.64
N GLU A 21 -5.22 -6.45 7.66
CA GLU A 21 -5.72 -7.39 6.67
C GLU A 21 -6.07 -6.67 5.37
N GLU A 22 -6.50 -5.41 5.48
CA GLU A 22 -6.87 -4.62 4.32
C GLU A 22 -5.63 -4.18 3.55
N VAL A 23 -4.53 -4.00 4.26
CA VAL A 23 -3.28 -3.58 3.64
C VAL A 23 -2.78 -4.63 2.65
N SER A 24 -2.95 -5.90 3.01
CA SER A 24 -2.51 -7.00 2.15
C SER A 24 -3.08 -6.85 0.75
N LYS A 25 -4.28 -6.29 0.66
CA LYS A 25 -4.94 -6.10 -0.63
C LYS A 25 -4.65 -4.70 -1.18
N SER A 26 -4.37 -3.76 -0.29
CA SER A 26 -4.07 -2.39 -0.69
C SER A 26 -2.92 -2.36 -1.69
N LEU A 27 -1.93 -3.22 -1.47
CA LEU A 27 -0.77 -3.29 -2.36
C LEU A 27 -1.12 -4.00 -3.66
N ARG A 28 -2.12 -4.89 -3.59
CA ARG A 28 -2.55 -5.63 -4.76
C ARG A 28 -2.97 -4.69 -5.89
N PHE A 29 -3.46 -3.51 -5.52
CA PHE A 29 -3.90 -2.52 -6.49
C PHE A 29 -2.78 -2.18 -7.47
N ILE A 30 -1.60 -1.90 -6.93
CA ILE A 30 -0.44 -1.57 -7.75
C ILE A 30 0.26 -2.82 -8.27
N GLY A 31 0.14 -3.91 -7.51
CA GLY A 31 0.76 -5.16 -7.90
C GLY A 31 2.21 -5.25 -7.45
N LEU A 32 2.41 -5.71 -6.22
CA LEU A 32 3.76 -5.84 -5.67
C LEU A 32 4.12 -7.31 -5.46
N SER A 33 5.33 -7.56 -4.98
CA SER A 33 5.79 -8.92 -4.73
C SER A 33 5.09 -9.52 -3.52
N GLU A 34 4.77 -10.81 -3.60
CA GLU A 34 4.10 -11.50 -2.51
C GLU A 34 4.86 -11.32 -1.20
N ASP A 35 6.19 -11.36 -1.28
CA ASP A 35 7.03 -11.20 -0.10
C ASP A 35 6.83 -9.83 0.53
N VAL A 36 6.79 -8.80 -0.32
CA VAL A 36 6.60 -7.43 0.16
C VAL A 36 5.31 -7.30 0.96
N ILE A 37 4.20 -7.73 0.37
CA ILE A 37 2.91 -7.66 1.03
C ILE A 37 2.96 -8.30 2.42
N SER A 38 3.42 -9.54 2.47
CA SER A 38 3.52 -10.27 3.73
C SER A 38 4.51 -9.58 4.67
N PHE A 39 5.47 -8.88 4.08
CA PHE A 39 6.49 -8.18 4.87
C PHE A 39 5.86 -7.08 5.72
N PHE A 40 4.71 -6.56 5.26
CA PHE A 40 4.01 -5.51 5.98
C PHE A 40 3.09 -6.09 7.04
N VAL A 41 2.26 -7.05 6.64
CA VAL A 41 1.33 -7.69 7.56
C VAL A 41 2.07 -8.35 8.73
N THR A 42 3.24 -8.92 8.44
CA THR A 42 4.04 -9.57 9.46
C THR A 42 4.64 -8.56 10.43
N GLU A 43 4.81 -7.32 9.95
CA GLU A 43 5.38 -6.27 10.77
C GLU A 43 4.27 -5.44 11.42
N LYS A 44 3.10 -6.04 11.56
CA LYS A 44 1.95 -5.35 12.17
C LYS A 44 1.66 -4.05 11.44
N ILE A 45 2.03 -3.98 10.16
CA ILE A 45 1.80 -2.79 9.36
C ILE A 45 0.33 -2.67 8.98
N ASP A 46 -0.30 -1.56 9.39
CA ASP A 46 -1.70 -1.32 9.09
C ASP A 46 -1.87 -0.06 8.25
N GLY A 47 -3.12 0.34 8.05
CA GLY A 47 -3.39 1.53 7.27
C GLY A 47 -2.76 2.78 7.86
N ASN A 48 -3.10 3.08 9.10
CA ASN A 48 -2.57 4.25 9.79
C ASN A 48 -1.04 4.20 9.83
N LEU A 49 -0.49 2.99 9.79
CA LEU A 49 0.96 2.81 9.82
C LEU A 49 1.57 3.10 8.46
N LEU A 50 0.96 2.57 7.41
CA LEU A 50 1.45 2.78 6.05
C LEU A 50 1.60 4.28 5.75
N VAL A 51 0.53 5.03 6.01
CA VAL A 51 0.54 6.47 5.77
C VAL A 51 1.65 7.16 6.57
N GLN A 52 2.03 6.54 7.68
CA GLN A 52 3.07 7.09 8.54
C GLN A 52 4.46 6.79 7.98
N LEU A 53 4.58 5.66 7.29
CA LEU A 53 5.84 5.25 6.69
C LEU A 53 6.30 6.27 5.65
N THR A 54 7.62 6.47 5.58
CA THR A 54 8.19 7.41 4.62
C THR A 54 9.29 6.77 3.80
N GLU A 55 9.65 7.40 2.68
CA GLU A 55 10.69 6.88 1.81
C GLU A 55 11.99 6.66 2.57
N GLU A 56 12.19 7.45 3.62
CA GLU A 56 13.40 7.35 4.44
C GLU A 56 13.38 6.07 5.28
N ILE A 57 12.23 5.79 5.90
CA ILE A 57 12.08 4.60 6.73
C ILE A 57 11.94 3.36 5.87
N LEU A 58 11.43 3.53 4.66
CA LEU A 58 11.23 2.42 3.73
C LEU A 58 12.57 1.92 3.20
N SER A 59 13.56 2.80 3.15
CA SER A 59 14.89 2.45 2.66
C SER A 59 15.83 2.17 3.83
N GLU A 60 15.55 2.78 4.97
CA GLU A 60 16.38 2.59 6.15
C GLU A 60 16.04 1.28 6.87
N ASP A 61 14.81 1.19 7.35
CA ASP A 61 14.35 0.00 8.05
C ASP A 61 14.01 -1.11 7.07
N PHE A 62 12.92 -0.93 6.33
CA PHE A 62 12.48 -1.92 5.34
C PHE A 62 13.62 -2.28 4.40
N LYS A 63 14.37 -1.27 3.97
CA LYS A 63 15.48 -1.47 3.06
C LYS A 63 15.02 -2.17 1.79
N LEU A 64 13.77 -1.94 1.42
CA LEU A 64 13.21 -2.55 0.21
C LEU A 64 13.96 -2.08 -1.04
N SER A 65 13.56 -2.61 -2.19
CA SER A 65 14.21 -2.26 -3.45
C SER A 65 13.84 -0.84 -3.86
N LYS A 66 14.62 -0.28 -4.78
CA LYS A 66 14.38 1.08 -5.26
C LYS A 66 13.02 1.19 -5.92
N LEU A 67 12.59 0.12 -6.58
CA LEU A 67 11.30 0.09 -7.25
C LEU A 67 10.16 0.04 -6.24
N GLN A 68 10.35 -0.75 -5.19
CA GLN A 68 9.33 -0.90 -4.15
C GLN A 68 9.19 0.40 -3.35
N VAL A 69 10.31 0.93 -2.88
CA VAL A 69 10.30 2.16 -2.10
C VAL A 69 9.63 3.29 -2.87
N LYS A 70 9.73 3.25 -4.19
CA LYS A 70 9.13 4.27 -5.04
C LYS A 70 7.64 4.00 -5.23
N LYS A 71 7.30 2.77 -5.57
CA LYS A 71 5.90 2.39 -5.77
C LYS A 71 5.07 2.66 -4.52
N ILE A 72 5.52 2.11 -3.40
CA ILE A 72 4.82 2.31 -2.13
C ILE A 72 4.59 3.79 -1.85
N MET A 73 5.63 4.59 -1.98
CA MET A 73 5.54 6.02 -1.75
C MET A 73 4.40 6.63 -2.56
N GLN A 74 4.29 6.22 -3.82
CA GLN A 74 3.24 6.72 -4.69
C GLN A 74 1.86 6.30 -4.21
N PHE A 75 1.81 5.14 -3.55
CA PHE A 75 0.55 4.61 -3.03
C PHE A 75 0.11 5.39 -1.80
N ILE A 76 1.07 5.81 -0.99
CA ILE A 76 0.78 6.56 0.23
C ILE A 76 0.30 7.97 -0.10
N ASN A 77 1.14 8.72 -0.81
CA ASN A 77 0.80 10.08 -1.19
C ASN A 77 -0.50 10.13 -1.98
N GLY A 78 -0.62 9.24 -2.96
CA GLY A 78 -1.81 9.19 -3.77
C GLY A 78 -1.79 10.21 -4.90
N SER A 79 -0.74 10.18 -5.71
CA SER A 79 -0.60 11.10 -6.82
C SER A 79 -1.18 10.50 -8.10
N GLY A 80 -1.68 11.38 -8.97
CA GLY A 80 -2.26 10.91 -10.23
C GLY A 80 -2.72 12.05 -11.10
N PRO A 81 -3.06 11.75 -12.36
CA PRO A 81 -3.52 12.74 -13.33
C PRO A 81 -4.92 13.28 -12.99
N SER A 82 -5.70 12.47 -12.28
CA SER A 82 -7.04 12.87 -11.89
C SER A 82 -7.02 13.70 -10.61
N SER A 83 -6.66 13.06 -9.50
CA SER A 83 -6.61 13.75 -8.21
C SER A 83 -7.99 14.25 -7.80
N GLY A 84 -8.91 13.32 -7.57
CA GLY A 84 -10.25 13.69 -7.18
C GLY A 84 -11.29 12.69 -7.63
N GLY A 1 -18.37 -2.04 5.97
CA GLY A 1 -19.48 -2.07 6.91
C GLY A 1 -20.75 -2.58 6.28
N SER A 2 -21.16 -1.98 5.18
CA SER A 2 -22.38 -2.38 4.48
C SER A 2 -22.15 -3.65 3.68
N SER A 3 -22.99 -4.66 3.90
CA SER A 3 -22.87 -5.92 3.19
C SER A 3 -24.08 -6.15 2.28
N GLY A 4 -24.13 -5.42 1.18
CA GLY A 4 -25.24 -5.56 0.26
C GLY A 4 -25.00 -4.84 -1.05
N SER A 5 -23.93 -5.22 -1.75
CA SER A 5 -23.59 -4.59 -3.02
C SER A 5 -22.71 -5.52 -3.86
N SER A 6 -22.71 -5.29 -5.18
CA SER A 6 -21.92 -6.10 -6.09
C SER A 6 -21.00 -5.23 -6.95
N GLY A 7 -19.71 -5.55 -6.94
CA GLY A 7 -18.75 -4.79 -7.71
C GLY A 7 -17.34 -4.92 -7.18
N PRO A 8 -16.38 -4.31 -7.88
CA PRO A 8 -14.97 -4.34 -7.49
C PRO A 8 -14.70 -3.52 -6.23
N TRP A 9 -13.53 -3.75 -5.63
CA TRP A 9 -13.16 -3.04 -4.41
C TRP A 9 -11.81 -2.33 -4.59
N GLN A 10 -11.68 -1.16 -3.99
CA GLN A 10 -10.45 -0.39 -4.08
C GLN A 10 -10.15 0.32 -2.76
N PRO A 11 -8.86 0.66 -2.55
CA PRO A 11 -8.43 1.35 -1.34
C PRO A 11 -8.92 2.79 -1.28
N PRO A 12 -9.11 3.30 -0.05
CA PRO A 12 -9.58 4.67 0.18
C PRO A 12 -8.53 5.71 -0.20
N ALA A 13 -8.87 6.99 0.01
CA ALA A 13 -7.95 8.07 -0.31
C ALA A 13 -7.20 8.54 0.93
N ASP A 14 -7.80 8.33 2.10
CA ASP A 14 -7.18 8.72 3.37
C ASP A 14 -6.30 7.60 3.91
N LEU A 15 -6.70 6.36 3.65
CA LEU A 15 -5.94 5.20 4.11
C LEU A 15 -5.67 5.29 5.61
N SER A 16 -6.59 5.92 6.34
CA SER A 16 -6.45 6.07 7.78
C SER A 16 -7.53 5.29 8.51
N GLY A 17 -7.96 4.18 7.92
CA GLY A 17 -8.99 3.35 8.54
C GLY A 17 -8.94 1.92 8.06
N LEU A 18 -7.76 1.48 7.61
CA LEU A 18 -7.58 0.12 7.13
C LEU A 18 -6.89 -0.74 8.17
N SER A 19 -7.22 -2.03 8.19
CA SER A 19 -6.62 -2.97 9.14
C SER A 19 -5.43 -3.68 8.53
N ILE A 20 -4.69 -4.40 9.36
CA ILE A 20 -3.51 -5.14 8.91
C ILE A 20 -3.87 -6.09 7.77
N GLU A 21 -5.11 -6.54 7.75
CA GLU A 21 -5.59 -7.45 6.72
C GLU A 21 -5.96 -6.69 5.45
N GLU A 22 -6.34 -5.43 5.61
CA GLU A 22 -6.72 -4.59 4.48
C GLU A 22 -5.49 -4.15 3.69
N VAL A 23 -4.43 -3.79 4.40
CA VAL A 23 -3.20 -3.35 3.76
C VAL A 23 -2.71 -4.38 2.75
N SER A 24 -2.85 -5.66 3.09
CA SER A 24 -2.42 -6.74 2.22
C SER A 24 -3.03 -6.60 0.83
N LYS A 25 -4.22 -5.99 0.78
CA LYS A 25 -4.92 -5.78 -0.48
C LYS A 25 -4.63 -4.40 -1.05
N SER A 26 -4.34 -3.44 -0.17
CA SER A 26 -4.04 -2.08 -0.58
C SER A 26 -2.92 -2.06 -1.63
N LEU A 27 -1.99 -3.01 -1.51
CA LEU A 27 -0.88 -3.10 -2.44
C LEU A 27 -1.28 -3.85 -3.69
N ARG A 28 -2.27 -4.73 -3.57
CA ARG A 28 -2.75 -5.51 -4.70
C ARG A 28 -3.14 -4.59 -5.86
N PHE A 29 -3.61 -3.40 -5.53
CA PHE A 29 -4.02 -2.43 -6.55
C PHE A 29 -2.91 -2.21 -7.57
N ILE A 30 -1.69 -1.99 -7.08
CA ILE A 30 -0.55 -1.77 -7.96
C ILE A 30 0.11 -3.08 -8.35
N GLY A 31 -0.05 -4.10 -7.50
CA GLY A 31 0.53 -5.40 -7.78
C GLY A 31 2.01 -5.46 -7.44
N LEU A 32 2.30 -5.89 -6.21
CA LEU A 32 3.69 -5.99 -5.76
C LEU A 32 4.06 -7.44 -5.49
N SER A 33 5.30 -7.65 -5.04
CA SER A 33 5.79 -9.00 -4.75
C SER A 33 5.09 -9.57 -3.51
N GLU A 34 4.76 -10.85 -3.57
CA GLU A 34 4.09 -11.51 -2.45
C GLU A 34 4.88 -11.33 -1.15
N ASP A 35 6.20 -11.21 -1.28
CA ASP A 35 7.06 -11.02 -0.13
C ASP A 35 6.86 -9.64 0.49
N VAL A 36 6.79 -8.62 -0.36
CA VAL A 36 6.59 -7.25 0.11
C VAL A 36 5.31 -7.12 0.92
N ILE A 37 4.20 -7.55 0.34
CA ILE A 37 2.91 -7.49 1.02
C ILE A 37 2.99 -8.14 2.41
N SER A 38 3.47 -9.38 2.44
CA SER A 38 3.61 -10.11 3.69
C SER A 38 4.60 -9.42 4.63
N PHE A 39 5.54 -8.70 4.05
CA PHE A 39 6.56 -8.00 4.83
C PHE A 39 5.93 -6.91 5.69
N PHE A 40 4.78 -6.40 5.24
CA PHE A 40 4.08 -5.34 5.97
C PHE A 40 3.23 -5.94 7.09
N VAL A 41 2.35 -6.86 6.73
CA VAL A 41 1.48 -7.52 7.70
C VAL A 41 2.28 -8.13 8.84
N THR A 42 3.37 -8.81 8.49
CA THR A 42 4.23 -9.45 9.48
C THR A 42 4.84 -8.41 10.41
N GLU A 43 4.96 -7.18 9.93
CA GLU A 43 5.54 -6.10 10.73
C GLU A 43 4.45 -5.28 11.40
N LYS A 44 3.29 -5.90 11.59
CA LYS A 44 2.16 -5.24 12.24
C LYS A 44 1.81 -3.95 11.50
N ILE A 45 2.14 -3.89 10.22
CA ILE A 45 1.85 -2.71 9.40
C ILE A 45 0.36 -2.63 9.06
N ASP A 46 -0.28 -1.54 9.45
CA ASP A 46 -1.70 -1.35 9.18
C ASP A 46 -1.91 -0.12 8.30
N GLY A 47 -3.18 0.26 8.14
CA GLY A 47 -3.50 1.42 7.32
C GLY A 47 -2.88 2.70 7.86
N ASN A 48 -3.10 2.96 9.14
CA ASN A 48 -2.57 4.16 9.78
C ASN A 48 -1.04 4.15 9.76
N LEU A 49 -0.46 2.96 9.74
CA LEU A 49 0.99 2.81 9.72
C LEU A 49 1.55 3.04 8.32
N LEU A 50 0.87 2.50 7.32
CA LEU A 50 1.29 2.66 5.93
C LEU A 50 1.37 4.14 5.55
N VAL A 51 0.32 4.88 5.88
CA VAL A 51 0.28 6.30 5.58
C VAL A 51 1.35 7.07 6.35
N GLN A 52 1.76 6.52 7.48
CA GLN A 52 2.79 7.14 8.31
C GLN A 52 4.18 6.80 7.79
N LEU A 53 4.32 5.64 7.18
CA LEU A 53 5.61 5.20 6.64
C LEU A 53 6.15 6.21 5.65
N THR A 54 7.47 6.40 5.66
CA THR A 54 8.11 7.34 4.76
C THR A 54 9.17 6.65 3.90
N GLU A 55 9.69 7.37 2.90
CA GLU A 55 10.70 6.82 2.02
C GLU A 55 11.99 6.53 2.77
N GLU A 56 12.22 7.27 3.85
CA GLU A 56 13.42 7.09 4.65
C GLU A 56 13.36 5.78 5.43
N ILE A 57 12.21 5.52 6.03
CA ILE A 57 12.02 4.28 6.81
C ILE A 57 11.94 3.07 5.89
N LEU A 58 11.41 3.27 4.69
CA LEU A 58 11.26 2.18 3.73
C LEU A 58 12.63 1.71 3.25
N SER A 59 13.62 2.60 3.29
CA SER A 59 14.97 2.28 2.86
C SER A 59 15.87 1.98 4.06
N GLU A 60 15.53 2.56 5.20
CA GLU A 60 16.30 2.36 6.42
C GLU A 60 15.93 1.04 7.10
N ASP A 61 14.66 0.90 7.45
CA ASP A 61 14.17 -0.30 8.11
C ASP A 61 13.92 -1.41 7.07
N PHE A 62 12.86 -1.24 6.29
CA PHE A 62 12.51 -2.21 5.26
C PHE A 62 13.68 -2.49 4.33
N LYS A 63 14.37 -1.42 3.93
CA LYS A 63 15.53 -1.54 3.05
C LYS A 63 15.13 -2.21 1.73
N LEU A 64 13.91 -1.93 1.27
CA LEU A 64 13.41 -2.50 0.02
C LEU A 64 14.18 -1.95 -1.17
N SER A 65 13.78 -2.36 -2.37
CA SER A 65 14.43 -1.90 -3.59
C SER A 65 13.93 -0.52 -3.99
N LYS A 66 14.72 0.18 -4.80
CA LYS A 66 14.36 1.51 -5.26
C LYS A 66 12.98 1.52 -5.90
N LEU A 67 12.73 0.57 -6.79
CA LEU A 67 11.44 0.46 -7.48
C LEU A 67 10.32 0.26 -6.47
N GLN A 68 10.54 -0.64 -5.51
CA GLN A 68 9.54 -0.93 -4.49
C GLN A 68 9.23 0.31 -3.66
N VAL A 69 10.27 0.89 -3.07
CA VAL A 69 10.11 2.08 -2.24
C VAL A 69 9.37 3.17 -3.00
N LYS A 70 9.51 3.17 -4.32
CA LYS A 70 8.84 4.16 -5.17
C LYS A 70 7.41 3.73 -5.48
N LYS A 71 7.20 2.43 -5.58
CA LYS A 71 5.88 1.89 -5.89
C LYS A 71 4.97 1.95 -4.66
N ILE A 72 5.58 1.94 -3.48
CA ILE A 72 4.82 2.01 -2.23
C ILE A 72 4.51 3.46 -1.86
N MET A 73 5.54 4.30 -1.85
CA MET A 73 5.37 5.70 -1.52
C MET A 73 4.31 6.36 -2.42
N GLN A 74 4.43 6.12 -3.72
CA GLN A 74 3.49 6.69 -4.69
C GLN A 74 2.06 6.31 -4.33
N PHE A 75 1.90 5.18 -3.64
CA PHE A 75 0.57 4.72 -3.24
C PHE A 75 0.10 5.45 -2.00
N ILE A 76 1.03 5.84 -1.14
CA ILE A 76 0.71 6.55 0.09
C ILE A 76 0.21 7.96 -0.20
N ASN A 77 1.07 8.77 -0.81
CA ASN A 77 0.72 10.14 -1.14
C ASN A 77 -0.55 10.19 -1.98
N GLY A 78 -0.52 9.53 -3.14
CA GLY A 78 -1.68 9.51 -4.01
C GLY A 78 -1.33 9.88 -5.44
N SER A 79 -0.80 11.09 -5.62
CA SER A 79 -0.43 11.58 -6.95
C SER A 79 0.60 10.66 -7.59
N GLY A 80 0.43 10.38 -8.87
CA GLY A 80 1.35 9.52 -9.59
C GLY A 80 1.43 9.85 -11.06
N PRO A 81 2.10 10.96 -11.39
CA PRO A 81 2.27 11.41 -12.77
C PRO A 81 3.20 10.49 -13.57
N SER A 82 3.54 10.93 -14.78
CA SER A 82 4.41 10.14 -15.65
C SER A 82 5.87 10.58 -15.47
N SER A 83 6.75 9.99 -16.28
CA SER A 83 8.18 10.30 -16.21
C SER A 83 8.95 9.56 -17.29
N GLY A 84 9.97 10.21 -17.84
CA GLY A 84 10.77 9.59 -18.88
C GLY A 84 10.17 9.76 -20.26
N GLY A 1 -32.37 1.59 -13.19
CA GLY A 1 -32.25 0.72 -14.35
C GLY A 1 -30.96 -0.08 -14.33
N SER A 2 -30.61 -0.62 -13.17
CA SER A 2 -29.39 -1.41 -13.02
C SER A 2 -29.72 -2.87 -12.72
N SER A 3 -28.96 -3.78 -13.31
CA SER A 3 -29.16 -5.21 -13.10
C SER A 3 -27.83 -5.96 -13.05
N GLY A 4 -26.83 -5.33 -12.44
CA GLY A 4 -25.52 -5.94 -12.34
C GLY A 4 -24.40 -4.96 -12.54
N SER A 5 -23.77 -4.54 -11.45
CA SER A 5 -22.67 -3.58 -11.50
C SER A 5 -21.63 -3.87 -10.42
N SER A 6 -20.59 -4.62 -10.79
CA SER A 6 -19.54 -4.98 -9.85
C SER A 6 -18.18 -4.96 -10.54
N GLY A 7 -17.12 -5.07 -9.74
CA GLY A 7 -15.78 -5.06 -10.28
C GLY A 7 -14.72 -5.39 -9.25
N PRO A 8 -13.45 -5.17 -9.59
CA PRO A 8 -12.33 -5.44 -8.69
C PRO A 8 -12.28 -4.48 -7.50
N TRP A 9 -12.10 -5.03 -6.31
CA TRP A 9 -12.04 -4.22 -5.10
C TRP A 9 -10.79 -3.34 -5.09
N GLN A 10 -10.89 -2.18 -4.48
CA GLN A 10 -9.76 -1.25 -4.39
C GLN A 10 -9.82 -0.43 -3.10
N PRO A 11 -8.66 0.09 -2.69
CA PRO A 11 -8.55 0.90 -1.46
C PRO A 11 -9.23 2.26 -1.62
N PRO A 12 -9.71 2.81 -0.49
CA PRO A 12 -10.38 4.10 -0.47
C PRO A 12 -9.41 5.26 -0.73
N ALA A 13 -9.95 6.48 -0.74
CA ALA A 13 -9.13 7.66 -0.97
C ALA A 13 -8.05 7.82 0.11
N ASP A 14 -8.47 7.69 1.37
CA ASP A 14 -7.53 7.81 2.49
C ASP A 14 -7.20 6.44 3.05
N LEU A 15 -5.91 6.22 3.31
CA LEU A 15 -5.45 4.94 3.86
C LEU A 15 -5.24 5.04 5.36
N SER A 16 -6.11 5.79 6.03
CA SER A 16 -6.02 5.96 7.47
C SER A 16 -7.17 5.26 8.18
N GLY A 17 -7.66 4.18 7.58
CA GLY A 17 -8.75 3.43 8.17
C GLY A 17 -8.80 1.99 7.68
N LEU A 18 -7.67 1.50 7.21
CA LEU A 18 -7.58 0.12 6.71
C LEU A 18 -6.86 -0.78 7.71
N SER A 19 -7.48 -1.92 8.02
CA SER A 19 -6.91 -2.86 8.96
C SER A 19 -5.67 -3.54 8.37
N ILE A 20 -4.97 -4.32 9.20
CA ILE A 20 -3.78 -5.02 8.76
C ILE A 20 -4.10 -5.99 7.63
N GLU A 21 -5.29 -6.57 7.68
CA GLU A 21 -5.72 -7.52 6.65
C GLU A 21 -6.04 -6.80 5.35
N GLU A 22 -6.56 -5.59 5.47
CA GLU A 22 -6.92 -4.79 4.30
C GLU A 22 -5.68 -4.29 3.57
N VAL A 23 -4.62 -4.02 4.34
CA VAL A 23 -3.37 -3.54 3.77
C VAL A 23 -2.84 -4.51 2.71
N SER A 24 -2.90 -5.80 3.02
CA SER A 24 -2.42 -6.83 2.10
C SER A 24 -3.04 -6.65 0.72
N LYS A 25 -4.26 -6.13 0.69
CA LYS A 25 -4.96 -5.92 -0.57
C LYS A 25 -4.67 -4.52 -1.12
N SER A 26 -4.35 -3.59 -0.23
CA SER A 26 -4.05 -2.22 -0.62
C SER A 26 -2.93 -2.19 -1.67
N LEU A 27 -1.90 -3.00 -1.45
CA LEU A 27 -0.77 -3.06 -2.37
C LEU A 27 -1.16 -3.80 -3.65
N ARG A 28 -2.12 -4.71 -3.53
CA ARG A 28 -2.58 -5.48 -4.68
C ARG A 28 -3.00 -4.57 -5.82
N PHE A 29 -3.45 -3.37 -5.48
CA PHE A 29 -3.89 -2.40 -6.47
C PHE A 29 -2.80 -2.17 -7.52
N ILE A 30 -1.57 -1.96 -7.06
CA ILE A 30 -0.45 -1.74 -7.96
C ILE A 30 0.20 -3.05 -8.36
N GLY A 31 0.10 -4.06 -7.50
CA GLY A 31 0.68 -5.36 -7.78
C GLY A 31 2.13 -5.43 -7.38
N LEU A 32 2.37 -5.77 -6.11
CA LEU A 32 3.73 -5.88 -5.60
C LEU A 32 4.11 -7.34 -5.36
N SER A 33 5.31 -7.55 -4.84
CA SER A 33 5.79 -8.90 -4.56
C SER A 33 5.10 -9.49 -3.33
N GLU A 34 4.85 -10.79 -3.36
CA GLU A 34 4.19 -11.47 -2.26
C GLU A 34 5.02 -11.36 -0.98
N ASP A 35 6.34 -11.25 -1.14
CA ASP A 35 7.24 -11.14 -0.01
C ASP A 35 7.11 -9.77 0.66
N VAL A 36 6.95 -8.73 -0.16
CA VAL A 36 6.81 -7.38 0.35
C VAL A 36 5.50 -7.20 1.11
N ILE A 37 4.40 -7.58 0.48
CA ILE A 37 3.09 -7.47 1.09
C ILE A 37 3.06 -8.16 2.46
N SER A 38 3.54 -9.39 2.50
CA SER A 38 3.58 -10.16 3.74
C SER A 38 4.54 -9.52 4.75
N PHE A 39 5.53 -8.83 4.23
CA PHE A 39 6.53 -8.17 5.08
C PHE A 39 5.88 -7.08 5.93
N PHE A 40 4.79 -6.53 5.43
CA PHE A 40 4.07 -5.47 6.15
C PHE A 40 3.14 -6.07 7.21
N VAL A 41 2.23 -6.94 6.78
CA VAL A 41 1.30 -7.58 7.69
C VAL A 41 2.03 -8.22 8.87
N THR A 42 3.08 -8.98 8.56
CA THR A 42 3.85 -9.65 9.59
C THR A 42 4.46 -8.65 10.57
N GLU A 43 4.64 -7.42 10.11
CA GLU A 43 5.21 -6.36 10.94
C GLU A 43 4.12 -5.52 11.57
N LYS A 44 2.92 -6.10 11.70
CA LYS A 44 1.79 -5.40 12.28
C LYS A 44 1.52 -4.09 11.56
N ILE A 45 1.91 -4.02 10.29
CA ILE A 45 1.72 -2.83 9.49
C ILE A 45 0.27 -2.70 9.04
N ASP A 46 -0.38 -1.60 9.41
CA ASP A 46 -1.76 -1.36 9.04
C ASP A 46 -1.89 -0.09 8.20
N GLY A 47 -3.12 0.27 7.86
CA GLY A 47 -3.36 1.46 7.07
C GLY A 47 -2.79 2.71 7.71
N ASN A 48 -3.04 2.88 9.01
CA ASN A 48 -2.55 4.04 9.74
C ASN A 48 -1.02 4.03 9.82
N LEU A 49 -0.44 2.84 9.75
CA LEU A 49 1.00 2.70 9.81
C LEU A 49 1.64 3.03 8.47
N LEU A 50 1.04 2.55 7.39
CA LEU A 50 1.54 2.79 6.05
C LEU A 50 1.62 4.29 5.77
N VAL A 51 0.53 5.00 6.05
CA VAL A 51 0.47 6.44 5.83
C VAL A 51 1.55 7.15 6.62
N GLN A 52 2.00 6.54 7.71
CA GLN A 52 3.03 7.13 8.55
C GLN A 52 4.42 6.80 8.00
N LEU A 53 4.53 5.67 7.33
CA LEU A 53 5.81 5.24 6.76
C LEU A 53 6.31 6.25 5.73
N THR A 54 7.62 6.46 5.73
CA THR A 54 8.24 7.42 4.80
C THR A 54 9.27 6.73 3.92
N GLU A 55 9.62 7.37 2.81
CA GLU A 55 10.61 6.82 1.89
C GLU A 55 11.92 6.52 2.61
N GLU A 56 12.20 7.30 3.64
CA GLU A 56 13.43 7.12 4.42
C GLU A 56 13.38 5.84 5.24
N ILE A 57 12.23 5.59 5.86
CA ILE A 57 12.04 4.40 6.68
C ILE A 57 11.95 3.14 5.82
N LEU A 58 11.29 3.28 4.67
CA LEU A 58 11.13 2.16 3.75
C LEU A 58 12.48 1.66 3.26
N SER A 59 13.48 2.53 3.27
CA SER A 59 14.82 2.18 2.83
C SER A 59 15.73 1.91 4.02
N GLU A 60 15.42 2.55 5.15
CA GLU A 60 16.21 2.38 6.36
C GLU A 60 15.90 1.04 7.03
N ASP A 61 14.64 0.86 7.42
CA ASP A 61 14.21 -0.37 8.07
C ASP A 61 13.95 -1.47 7.04
N PHE A 62 12.84 -1.36 6.33
CA PHE A 62 12.47 -2.34 5.32
C PHE A 62 13.63 -2.57 4.35
N LYS A 63 14.25 -1.48 3.92
CA LYS A 63 15.37 -1.55 2.99
C LYS A 63 14.96 -2.26 1.70
N LEU A 64 13.75 -1.95 1.23
CA LEU A 64 13.24 -2.55 0.00
C LEU A 64 13.97 -2.01 -1.23
N SER A 65 13.67 -2.57 -2.38
CA SER A 65 14.30 -2.15 -3.63
C SER A 65 13.90 -0.72 -3.98
N LYS A 66 14.59 -0.16 -4.97
CA LYS A 66 14.31 1.21 -5.40
C LYS A 66 12.91 1.31 -6.01
N LEU A 67 12.59 0.39 -6.92
CA LEU A 67 11.29 0.38 -7.56
C LEU A 67 10.17 0.25 -6.52
N GLN A 68 10.37 -0.65 -5.55
CA GLN A 68 9.37 -0.87 -4.51
C GLN A 68 9.16 0.40 -3.69
N VAL A 69 10.26 0.93 -3.14
CA VAL A 69 10.18 2.15 -2.33
C VAL A 69 9.55 3.29 -3.12
N LYS A 70 9.72 3.28 -4.43
CA LYS A 70 9.16 4.31 -5.29
C LYS A 70 7.68 4.07 -5.53
N LYS A 71 7.28 2.81 -5.58
CA LYS A 71 5.89 2.44 -5.80
C LYS A 71 5.06 2.65 -4.54
N ILE A 72 5.56 2.12 -3.43
CA ILE A 72 4.86 2.26 -2.15
C ILE A 72 4.59 3.73 -1.83
N MET A 73 5.61 4.57 -2.01
CA MET A 73 5.48 5.99 -1.74
C MET A 73 4.32 6.60 -2.54
N GLN A 74 4.29 6.30 -3.83
CA GLN A 74 3.24 6.81 -4.71
C GLN A 74 1.87 6.38 -4.22
N PHE A 75 1.81 5.22 -3.59
CA PHE A 75 0.54 4.70 -3.07
C PHE A 75 0.08 5.50 -1.86
N ILE A 76 1.01 5.86 -1.00
CA ILE A 76 0.70 6.63 0.20
C ILE A 76 0.24 8.04 -0.16
N ASN A 77 1.13 8.80 -0.80
CA ASN A 77 0.81 10.16 -1.20
C ASN A 77 -0.36 10.19 -2.18
N GLY A 78 -0.43 9.18 -3.03
CA GLY A 78 -1.50 9.09 -4.01
C GLY A 78 -1.11 9.64 -5.37
N SER A 79 -0.98 8.75 -6.34
CA SER A 79 -0.58 9.14 -7.70
C SER A 79 -1.59 10.13 -8.28
N GLY A 80 -1.11 11.33 -8.59
CA GLY A 80 -1.98 12.34 -9.16
C GLY A 80 -2.17 12.18 -10.65
N PRO A 81 -3.01 13.04 -11.25
CA PRO A 81 -3.30 13.00 -12.68
C PRO A 81 -2.10 13.42 -13.53
N SER A 82 -1.26 12.44 -13.87
CA SER A 82 -0.07 12.71 -14.68
C SER A 82 -0.33 12.40 -16.14
N SER A 83 0.34 13.14 -17.02
CA SER A 83 0.16 12.95 -18.46
C SER A 83 -1.30 13.05 -18.86
N GLY A 84 -1.93 14.18 -18.51
CA GLY A 84 -3.33 14.38 -18.83
C GLY A 84 -3.78 15.79 -18.56
N GLY A 1 -24.91 -18.16 -6.44
CA GLY A 1 -23.80 -17.45 -7.04
C GLY A 1 -22.74 -17.06 -6.03
N SER A 2 -22.69 -17.81 -4.93
CA SER A 2 -21.71 -17.54 -3.88
C SER A 2 -21.91 -16.14 -3.29
N SER A 3 -21.23 -15.87 -2.18
CA SER A 3 -21.34 -14.58 -1.51
C SER A 3 -20.02 -14.18 -0.87
N GLY A 4 -19.43 -13.09 -1.35
CA GLY A 4 -18.17 -12.63 -0.81
C GLY A 4 -17.27 -12.01 -1.87
N SER A 5 -16.81 -10.79 -1.61
CA SER A 5 -15.94 -10.09 -2.55
C SER A 5 -16.58 -10.02 -3.93
N SER A 6 -17.69 -9.29 -4.03
CA SER A 6 -18.40 -9.15 -5.29
C SER A 6 -17.73 -8.11 -6.18
N GLY A 7 -17.25 -8.55 -7.34
CA GLY A 7 -16.59 -7.64 -8.26
C GLY A 7 -15.23 -7.20 -7.77
N PRO A 8 -14.59 -6.28 -8.51
CA PRO A 8 -13.27 -5.76 -8.15
C PRO A 8 -13.31 -4.87 -6.92
N TRP A 9 -12.21 -4.83 -6.18
CA TRP A 9 -12.11 -4.01 -4.98
C TRP A 9 -10.84 -3.18 -4.98
N GLN A 10 -10.94 -1.96 -4.46
CA GLN A 10 -9.80 -1.06 -4.41
C GLN A 10 -9.81 -0.24 -3.12
N PRO A 11 -8.64 0.26 -2.72
CA PRO A 11 -8.49 1.07 -1.51
C PRO A 11 -9.13 2.44 -1.64
N PRO A 12 -9.59 3.00 -0.51
CA PRO A 12 -10.23 4.31 -0.48
C PRO A 12 -9.26 5.45 -0.75
N ALA A 13 -9.74 6.68 -0.69
CA ALA A 13 -8.91 7.86 -0.94
C ALA A 13 -7.89 8.04 0.18
N ASP A 14 -8.32 7.79 1.41
CA ASP A 14 -7.44 7.93 2.57
C ASP A 14 -7.10 6.56 3.16
N LEU A 15 -5.81 6.31 3.34
CA LEU A 15 -5.35 5.05 3.90
C LEU A 15 -5.15 5.15 5.41
N SER A 16 -6.06 5.85 6.08
CA SER A 16 -5.97 6.02 7.52
C SER A 16 -7.11 5.30 8.23
N GLY A 17 -7.62 4.25 7.60
CA GLY A 17 -8.71 3.49 8.17
C GLY A 17 -8.73 2.04 7.70
N LEU A 18 -7.56 1.54 7.32
CA LEU A 18 -7.45 0.16 6.84
C LEU A 18 -6.70 -0.70 7.85
N SER A 19 -7.24 -1.89 8.12
CA SER A 19 -6.62 -2.82 9.07
C SER A 19 -5.43 -3.51 8.44
N ILE A 20 -4.68 -4.24 9.27
CA ILE A 20 -3.50 -4.96 8.80
C ILE A 20 -3.85 -5.89 7.64
N GLU A 21 -5.03 -6.47 7.70
CA GLU A 21 -5.49 -7.38 6.65
C GLU A 21 -5.87 -6.61 5.39
N GLU A 22 -6.44 -5.43 5.58
CA GLU A 22 -6.87 -4.59 4.46
C GLU A 22 -5.66 -4.08 3.68
N VAL A 23 -4.54 -3.88 4.38
CA VAL A 23 -3.32 -3.39 3.77
C VAL A 23 -2.80 -4.38 2.72
N SER A 24 -2.95 -5.67 3.02
CA SER A 24 -2.49 -6.72 2.11
C SER A 24 -3.08 -6.53 0.72
N LYS A 25 -4.33 -6.09 0.67
CA LYS A 25 -5.02 -5.86 -0.60
C LYS A 25 -4.71 -4.47 -1.14
N SER A 26 -4.39 -3.55 -0.24
CA SER A 26 -4.07 -2.18 -0.64
C SER A 26 -2.98 -2.16 -1.70
N LEU A 27 -2.01 -3.05 -1.56
CA LEU A 27 -0.91 -3.13 -2.51
C LEU A 27 -1.33 -3.88 -3.77
N ARG A 28 -2.31 -4.75 -3.64
CA ARG A 28 -2.81 -5.52 -4.77
C ARG A 28 -3.18 -4.61 -5.94
N PHE A 29 -3.64 -3.40 -5.62
CA PHE A 29 -4.02 -2.44 -6.63
C PHE A 29 -2.89 -2.22 -7.63
N ILE A 30 -1.71 -1.89 -7.11
CA ILE A 30 -0.55 -1.65 -7.96
C ILE A 30 0.07 -2.97 -8.42
N GLY A 31 -0.15 -4.02 -7.64
CA GLY A 31 0.40 -5.33 -7.98
C GLY A 31 1.86 -5.46 -7.60
N LEU A 32 2.12 -5.87 -6.37
CA LEU A 32 3.49 -6.04 -5.89
C LEU A 32 3.80 -7.51 -5.64
N SER A 33 5.03 -7.78 -5.24
CA SER A 33 5.46 -9.16 -4.97
C SER A 33 4.81 -9.69 -3.69
N GLU A 34 4.49 -10.98 -3.70
CA GLU A 34 3.85 -11.61 -2.54
C GLU A 34 4.69 -11.40 -1.28
N ASP A 35 6.01 -11.37 -1.46
CA ASP A 35 6.92 -11.18 -0.34
C ASP A 35 6.76 -9.79 0.28
N VAL A 36 6.62 -8.79 -0.59
CA VAL A 36 6.46 -7.41 -0.13
C VAL A 36 5.21 -7.26 0.74
N ILE A 37 4.08 -7.72 0.22
CA ILE A 37 2.82 -7.65 0.94
C ILE A 37 2.94 -8.29 2.32
N SER A 38 3.37 -9.54 2.35
CA SER A 38 3.53 -10.27 3.61
C SER A 38 4.53 -9.57 4.52
N PHE A 39 5.46 -8.83 3.91
CA PHE A 39 6.47 -8.10 4.67
C PHE A 39 5.84 -7.03 5.54
N PHE A 40 4.66 -6.55 5.13
CA PHE A 40 3.95 -5.52 5.87
C PHE A 40 3.02 -6.14 6.91
N VAL A 41 2.32 -7.20 6.51
CA VAL A 41 1.39 -7.88 7.40
C VAL A 41 2.14 -8.57 8.54
N THR A 42 3.40 -8.91 8.30
CA THR A 42 4.21 -9.57 9.30
C THR A 42 4.82 -8.56 10.27
N GLU A 43 4.97 -7.33 9.81
CA GLU A 43 5.54 -6.27 10.64
C GLU A 43 4.44 -5.46 11.31
N LYS A 44 3.26 -6.05 11.45
CA LYS A 44 2.13 -5.39 12.07
C LYS A 44 1.81 -4.08 11.36
N ILE A 45 2.18 -4.00 10.10
CA ILE A 45 1.94 -2.79 9.31
C ILE A 45 0.47 -2.69 8.90
N ASP A 46 -0.17 -1.61 9.32
CA ASP A 46 -1.58 -1.38 9.00
C ASP A 46 -1.76 -0.09 8.19
N GLY A 47 -3.00 0.24 7.90
CA GLY A 47 -3.29 1.45 7.14
C GLY A 47 -2.71 2.70 7.78
N ASN A 48 -2.95 2.84 9.07
CA ASN A 48 -2.46 4.01 9.82
C ASN A 48 -0.93 4.02 9.85
N LEU A 49 -0.33 2.83 9.75
CA LEU A 49 1.11 2.71 9.77
C LEU A 49 1.71 3.05 8.40
N LEU A 50 1.05 2.58 7.35
CA LEU A 50 1.51 2.84 5.99
C LEU A 50 1.61 4.33 5.71
N VAL A 51 0.54 5.06 6.02
CA VAL A 51 0.51 6.49 5.81
C VAL A 51 1.62 7.18 6.58
N GLN A 52 2.06 6.57 7.67
CA GLN A 52 3.13 7.12 8.49
C GLN A 52 4.50 6.79 7.91
N LEU A 53 4.59 5.66 7.22
CA LEU A 53 5.84 5.22 6.61
C LEU A 53 6.31 6.24 5.57
N THR A 54 7.61 6.55 5.62
CA THR A 54 8.19 7.50 4.68
C THR A 54 9.26 6.85 3.81
N GLU A 55 9.68 7.55 2.77
CA GLU A 55 10.71 7.03 1.86
C GLU A 55 12.03 6.79 2.60
N GLU A 56 12.25 7.58 3.65
CA GLU A 56 13.47 7.45 4.43
C GLU A 56 13.42 6.23 5.33
N ILE A 57 12.27 6.00 5.95
CA ILE A 57 12.09 4.85 6.84
C ILE A 57 11.97 3.55 6.04
N LEU A 58 11.50 3.67 4.80
CA LEU A 58 11.34 2.51 3.93
C LEU A 58 12.68 2.05 3.38
N SER A 59 13.63 2.98 3.28
CA SER A 59 14.96 2.67 2.77
C SER A 59 15.93 2.40 3.90
N GLU A 60 15.65 3.00 5.06
CA GLU A 60 16.52 2.83 6.23
C GLU A 60 16.16 1.55 6.99
N ASP A 61 14.92 1.48 7.47
CA ASP A 61 14.46 0.32 8.21
C ASP A 61 14.18 -0.85 7.27
N PHE A 62 13.08 -0.75 6.53
CA PHE A 62 12.70 -1.81 5.59
C PHE A 62 13.85 -2.15 4.65
N LYS A 63 14.52 -1.11 4.15
CA LYS A 63 15.65 -1.29 3.25
C LYS A 63 15.21 -2.00 1.97
N LEU A 64 13.94 -1.83 1.61
CA LEU A 64 13.39 -2.45 0.41
C LEU A 64 14.13 -1.98 -0.83
N SER A 65 13.72 -2.48 -2.00
CA SER A 65 14.34 -2.11 -3.26
C SER A 65 13.87 -0.73 -3.71
N LYS A 66 14.68 -0.07 -4.54
CA LYS A 66 14.35 1.25 -5.03
C LYS A 66 12.98 1.25 -5.73
N LEU A 67 12.72 0.19 -6.48
CA LEU A 67 11.44 0.06 -7.19
C LEU A 67 10.29 -0.07 -6.21
N GLN A 68 10.52 -0.79 -5.12
CA GLN A 68 9.50 -0.99 -4.10
C GLN A 68 9.22 0.30 -3.34
N VAL A 69 10.28 0.92 -2.84
CA VAL A 69 10.16 2.17 -2.10
C VAL A 69 9.40 3.22 -2.90
N LYS A 70 9.49 3.12 -4.22
CA LYS A 70 8.82 4.05 -5.11
C LYS A 70 7.39 3.61 -5.39
N LYS A 71 7.14 2.31 -5.30
CA LYS A 71 5.82 1.75 -5.55
C LYS A 71 4.95 1.87 -4.30
N ILE A 72 5.58 1.90 -3.13
CA ILE A 72 4.87 2.02 -1.87
C ILE A 72 4.53 3.47 -1.57
N MET A 73 5.54 4.34 -1.58
CA MET A 73 5.34 5.75 -1.32
C MET A 73 4.32 6.36 -2.27
N GLN A 74 4.46 6.05 -3.55
CA GLN A 74 3.54 6.56 -4.56
C GLN A 74 2.10 6.19 -4.23
N PHE A 75 1.93 5.09 -3.51
CA PHE A 75 0.60 4.63 -3.13
C PHE A 75 0.09 5.40 -1.91
N ILE A 76 1.01 5.87 -1.08
CA ILE A 76 0.66 6.62 0.11
C ILE A 76 0.14 8.01 -0.25
N ASN A 77 0.85 8.68 -1.16
CA ASN A 77 0.46 10.01 -1.59
C ASN A 77 -0.58 9.95 -2.70
N GLY A 78 -0.36 9.06 -3.66
CA GLY A 78 -1.29 8.92 -4.77
C GLY A 78 -1.07 9.95 -5.86
N SER A 79 -0.47 9.51 -6.97
CA SER A 79 -0.19 10.40 -8.09
C SER A 79 -1.32 10.34 -9.11
N GLY A 80 -1.89 11.51 -9.41
CA GLY A 80 -2.97 11.57 -10.38
C GLY A 80 -4.35 11.41 -9.74
N PRO A 81 -5.40 11.61 -10.54
CA PRO A 81 -6.78 11.49 -10.06
C PRO A 81 -7.17 10.04 -9.75
N SER A 82 -6.55 9.11 -10.46
CA SER A 82 -6.83 7.69 -10.27
C SER A 82 -5.63 6.84 -10.69
N SER A 83 -5.15 7.07 -11.91
CA SER A 83 -4.01 6.32 -12.43
C SER A 83 -4.34 4.83 -12.54
N GLY A 84 -3.32 4.02 -12.83
CA GLY A 84 -3.53 2.59 -12.96
C GLY A 84 -2.32 1.79 -12.51
#